data_9PI9
#
_entry.id   9PI9
#
_cell.length_a   50.430
_cell.length_b   210.600
_cell.length_c   78.060
_cell.angle_alpha   90.000
_cell.angle_beta   105.561
_cell.angle_gamma   90.000
#
_symmetry.space_group_name_H-M   'P 1 21 1'
#
loop_
_entity.id
_entity.type
_entity.pdbx_description
1 polymer 'Sacituzumab Heavy Chain'
2 polymer 'Sacituzumab Light Chain'
3 polymer 'Tumor-associated calcium signal transducer 2'
4 branched 2-acetamido-2-deoxy-beta-D-glucopyranose-(1-4)-2-acetamido-2-deoxy-beta-D-glucopyranose
5 non-polymer 1,2-ETHANEDIOL
6 non-polymer alpha-D-mannopyranose
7 non-polymer 2-acetamido-2-deoxy-beta-D-glucopyranose
8 non-polymer 'CITRIC ACID'
9 water water
#
loop_
_entity_poly.entity_id
_entity_poly.type
_entity_poly.pdbx_seq_one_letter_code
_entity_poly.pdbx_strand_id
1 'polypeptide(L)'
;QVQLQQSGSELKKPGASVKVSCKASGYTFTNYGMNWVKQAPGQGLKWMGWINTYTGEPTYTDDFKGRFAFSLDTSVSTAY
LQISSLKADDTAVYFCARGGFGSSYWYFDVWGQGSLVTVSSASTKGPSVFPLAPSSKSTSGGTAALGCLVKDYFPEPVTV
SWNSGALTSGVHTFPAVLQSSGLYSLSSVVTVPSSSLGTQTYICNVNHKPSNTKVDKRVEPKSCDK
;
A,C
2 'polypeptide(L)'
;DIQLTQSPSSLSASVGDRVSITCKASQDVSIAVAWYQQKPGKAPKLLIYSASYRYTGVPDRFSGSGSGTDFTLTISSLQP
EDFAVYYCQQHYITPLTFGAGTKVEIKRTVAAPSVFIFPPSDEQLKSGTASVVCLLNNFYPREAKVQWKVDNALQSGNSQ
ESVTEQDSKDSTYSLSSTLTLSKADYEKHKVYACEVTHQGLSSPVTKSFNRGEC
;
B,D
3 'polypeptide(L)'
;(PCA)DNCTCPTNKMTVCSPDGPGGRCQCRALGSGMAVDCSTLTSKCLLLKARMSAPKNARTLVRPSEHALVDNDGLYDP
DCDPEGRFKARQCQQTSVCWCVNSVGVRRTDKGDLSLRCDELVRTHHILIDLRHRPTAGAFNHSDLDAELRRLFRERYRL
HPKFVAAVHYEQPTIQIELRQQTSQKAAGDVDIGDAAYYFERDIKGESLFQGRGGLDLRVRGEPLQVERTLIYYLDEIPP
KFSMKRLTHHHHHH
;
E,F
#
loop_
_chem_comp.id
_chem_comp.type
_chem_comp.name
_chem_comp.formula
CIT non-polymer 'CITRIC ACID' 'C6 H8 O7'
EDO non-polymer 1,2-ETHANEDIOL 'C2 H6 O2'
MAN D-saccharide, alpha linking alpha-D-mannopyranose 'C6 H12 O6'
NAG D-saccharide, beta linking 2-acetamido-2-deoxy-beta-D-glucopyranose 'C8 H15 N O6'
#
# COMPACT_ATOMS: atom_id res chain seq x y z
N GLN A 1 -3.59 6.23 -13.63
CA GLN A 1 -4.53 7.16 -13.02
C GLN A 1 -4.01 7.51 -11.63
N VAL A 2 -2.70 7.78 -11.60
CA VAL A 2 -2.05 8.26 -10.38
C VAL A 2 -2.52 9.68 -10.10
N GLN A 3 -3.11 9.91 -8.92
CA GLN A 3 -3.84 11.16 -8.62
C GLN A 3 -3.79 11.45 -7.13
N LEU A 4 -3.71 12.73 -6.81
CA LEU A 4 -3.97 13.23 -5.47
C LEU A 4 -5.19 14.14 -5.54
N GLN A 5 -6.21 13.83 -4.77
CA GLN A 5 -7.45 14.60 -4.79
C GLN A 5 -7.60 15.27 -3.43
N GLN A 6 -7.63 16.61 -3.42
CA GLN A 6 -7.79 17.32 -2.16
C GLN A 6 -9.23 17.75 -1.91
N SER A 7 -9.48 18.04 -0.64
CA SER A 7 -10.78 18.57 -0.23
C SER A 7 -10.96 20.00 -0.76
N GLY A 8 -12.18 20.50 -0.65
CA GLY A 8 -12.59 21.75 -1.29
C GLY A 8 -12.20 23.00 -0.51
N SER A 9 -12.68 24.14 -0.99
CA SER A 9 -12.34 25.41 -0.35
C SER A 9 -12.93 25.50 1.05
N GLU A 10 -12.24 26.25 1.93
CA GLU A 10 -12.67 26.44 3.31
C GLU A 10 -12.69 27.92 3.64
N LEU A 11 -13.66 28.30 4.47
CA LEU A 11 -13.72 29.66 4.99
C LEU A 11 -13.84 29.57 6.51
N LYS A 12 -12.91 30.21 7.22
CA LYS A 12 -12.86 30.08 8.67
C LYS A 12 -12.67 31.44 9.33
N LYS A 13 -13.12 31.53 10.57
CA LYS A 13 -12.88 32.71 11.38
C LYS A 13 -11.51 32.60 12.05
N PRO A 14 -10.91 33.74 12.38
CA PRO A 14 -9.68 33.70 13.18
C PRO A 14 -9.91 32.91 14.47
N GLY A 15 -8.94 32.06 14.79
CA GLY A 15 -8.97 31.26 15.99
C GLY A 15 -9.51 29.87 15.76
N ALA A 16 -10.13 29.64 14.61
CA ALA A 16 -10.72 28.34 14.28
C ALA A 16 -9.67 27.39 13.79
N SER A 17 -10.11 26.16 13.45
CA SER A 17 -9.21 25.16 12.91
C SER A 17 -9.77 24.65 11.59
N VAL A 18 -8.91 24.04 10.79
CA VAL A 18 -9.32 23.47 9.51
C VAL A 18 -8.52 22.21 9.32
N LYS A 19 -9.12 21.21 8.64
CA LYS A 19 -8.41 20.00 8.27
C LYS A 19 -8.61 19.76 6.78
N VAL A 20 -7.51 19.77 6.04
CA VAL A 20 -7.48 19.61 4.59
C VAL A 20 -7.09 18.15 4.33
N SER A 21 -7.82 17.47 3.45
CA SER A 21 -7.45 16.08 3.13
C SER A 21 -6.83 15.99 1.73
N CYS A 22 -6.02 14.93 1.54
CA CYS A 22 -5.31 14.70 0.28
C CYS A 22 -5.36 13.19 0.09
N LYS A 23 -6.24 12.73 -0.79
CA LYS A 23 -6.50 11.30 -1.00
C LYS A 23 -5.70 10.84 -2.22
N ALA A 24 -4.86 9.85 -2.01
CA ALA A 24 -4.07 9.25 -3.07
C ALA A 24 -4.84 8.10 -3.70
N SER A 25 -4.74 8.00 -5.03
CA SER A 25 -5.30 6.83 -5.67
C SER A 25 -4.42 6.44 -6.86
N GLY A 26 -4.44 5.18 -7.22
CA GLY A 26 -3.66 4.73 -8.36
C GLY A 26 -2.23 4.36 -8.06
N TYR A 27 -1.80 4.45 -6.82
CA TYR A 27 -0.45 4.05 -6.45
C TYR A 27 -0.46 3.66 -4.97
N THR A 28 0.62 3.01 -4.55
CA THR A 28 0.75 2.51 -3.19
C THR A 28 1.17 3.68 -2.31
N PHE A 29 0.25 4.09 -1.43
CA PHE A 29 0.39 5.33 -0.64
C PHE A 29 1.66 5.31 0.19
N THR A 30 1.97 4.19 0.86
CA THR A 30 3.13 4.12 1.75
C THR A 30 4.45 3.94 1.01
N ASN A 31 4.46 3.99 -0.31
CA ASN A 31 5.72 3.98 -1.03
C ASN A 31 6.28 5.37 -1.26
N TYR A 32 5.57 6.43 -0.86
CA TYR A 32 5.96 7.81 -1.18
C TYR A 32 5.68 8.71 0.00
N GLY A 33 6.51 9.74 0.14
CA GLY A 33 6.22 10.78 1.12
C GLY A 33 5.14 11.74 0.63
N MET A 34 4.53 12.45 1.56
CA MET A 34 3.55 13.47 1.19
C MET A 34 4.01 14.81 1.76
N ASN A 35 4.15 15.78 0.86
CA ASN A 35 4.70 17.10 1.16
C ASN A 35 3.57 18.11 1.15
N TRP A 36 3.72 19.18 1.92
CA TRP A 36 2.69 20.22 2.00
C TRP A 36 3.33 21.54 1.61
N VAL A 37 2.70 22.22 0.64
CA VAL A 37 3.26 23.45 0.08
C VAL A 37 2.20 24.53 0.20
N LYS A 38 2.58 25.71 0.75
CA LYS A 38 1.66 26.84 0.86
C LYS A 38 1.89 27.81 -0.28
N GLN A 39 0.80 28.39 -0.80
CA GLN A 39 0.94 29.49 -1.78
C GLN A 39 -0.10 30.53 -1.41
N ALA A 40 0.37 31.59 -0.74
CA ALA A 40 -0.52 32.68 -0.42
C ALA A 40 -0.93 33.44 -1.69
N PRO A 41 -2.04 34.18 -1.65
CA PRO A 41 -2.53 34.87 -2.87
C PRO A 41 -1.47 35.77 -3.48
N GLY A 42 -1.21 35.52 -4.76
CA GLY A 42 -0.22 36.32 -5.46
C GLY A 42 1.22 35.99 -5.14
N GLN A 43 1.49 35.02 -4.26
CA GLN A 43 2.86 34.79 -3.81
C GLN A 43 3.40 33.49 -4.40
N GLY A 44 4.62 33.14 -3.98
CA GLY A 44 5.30 31.96 -4.46
C GLY A 44 5.02 30.74 -3.60
N LEU A 45 5.79 29.70 -3.85
CA LEU A 45 5.62 28.40 -3.16
C LEU A 45 6.51 28.38 -1.93
N LYS A 46 5.99 27.79 -0.85
CA LYS A 46 6.73 27.63 0.40
C LYS A 46 6.52 26.21 0.90
N TRP A 47 7.61 25.49 1.09
CA TRP A 47 7.55 24.13 1.65
C TRP A 47 7.27 24.17 3.14
N MET A 48 6.16 23.52 3.55
CA MET A 48 5.79 23.53 4.96
C MET A 48 6.41 22.39 5.73
N GLY A 49 6.76 21.32 5.03
CA GLY A 49 7.20 20.10 5.68
C GLY A 49 6.59 18.91 4.96
N TRP A 50 6.71 17.75 5.59
CA TRP A 50 6.17 16.56 4.92
C TRP A 50 5.92 15.49 5.96
N ILE A 51 5.28 14.40 5.52
CA ILE A 51 5.08 13.26 6.39
C ILE A 51 5.55 12.01 5.67
N ASN A 52 6.36 11.23 6.36
CA ASN A 52 6.84 9.94 5.85
C ASN A 52 5.69 8.96 6.06
N THR A 53 5.08 8.50 4.98
CA THR A 53 3.90 7.65 5.13
C THR A 53 4.27 6.26 5.58
N TYR A 54 5.51 5.84 5.33
CA TYR A 54 5.93 4.51 5.80
C TYR A 54 6.18 4.49 7.30
N THR A 55 6.81 5.53 7.84
CA THR A 55 7.12 5.54 9.27
C THR A 55 6.07 6.28 10.08
N GLY A 56 5.24 7.06 9.41
CA GLY A 56 4.23 7.91 10.02
C GLY A 56 4.75 9.22 10.56
N GLU A 57 6.06 9.47 10.46
CA GLU A 57 6.69 10.62 11.13
C GLU A 57 6.59 11.89 10.30
N PRO A 58 6.03 12.96 10.86
CA PRO A 58 6.06 14.27 10.20
C PRO A 58 7.35 15.02 10.51
N THR A 59 7.72 15.87 9.54
CA THR A 59 8.83 16.80 9.69
C THR A 59 8.28 18.17 9.39
N TYR A 60 8.40 19.08 10.37
CA TYR A 60 7.93 20.45 10.25
C TYR A 60 9.11 21.37 9.96
N THR A 61 8.80 22.55 9.47
CA THR A 61 9.78 23.63 9.34
C THR A 61 9.60 24.65 10.45
N ASP A 62 10.57 25.55 10.54
CA ASP A 62 10.51 26.59 11.56
C ASP A 62 9.22 27.40 11.46
N ASP A 63 8.76 27.68 10.25
CA ASP A 63 7.58 28.51 10.05
C ASP A 63 6.26 27.77 10.17
N PHE A 64 6.28 26.43 10.19
CA PHE A 64 5.08 25.60 10.17
C PHE A 64 5.30 24.43 11.12
N LYS A 65 4.84 24.60 12.32
CA LYS A 65 5.01 23.70 13.44
C LYS A 65 4.11 24.24 14.53
N GLY A 66 3.92 23.45 15.59
CA GLY A 66 3.03 23.89 16.64
C GLY A 66 1.60 23.73 16.17
N ARG A 67 1.00 24.81 15.68
CA ARG A 67 -0.40 24.74 15.29
C ARG A 67 -0.61 24.15 13.90
N PHE A 68 0.44 23.65 13.23
CA PHE A 68 0.30 22.85 12.03
C PHE A 68 0.58 21.39 12.34
N ALA A 69 -0.29 20.50 11.87
CA ALA A 69 -0.08 19.07 12.13
C ALA A 69 -0.33 18.30 10.85
N PHE A 70 0.61 17.43 10.51
CA PHE A 70 0.49 16.51 9.37
C PHE A 70 0.13 15.14 9.96
N SER A 71 -0.92 14.51 9.40
CA SER A 71 -1.27 13.15 9.86
C SER A 71 -1.69 12.33 8.67
N LEU A 72 -2.05 11.07 8.96
CA LEU A 72 -2.35 10.13 7.91
C LEU A 72 -3.45 9.22 8.40
N ASP A 73 -4.17 8.67 7.42
CA ASP A 73 -4.95 7.44 7.61
C ASP A 73 -4.58 6.55 6.44
N THR A 74 -3.63 5.64 6.65
CA THR A 74 -3.13 4.82 5.55
C THR A 74 -4.19 3.84 5.06
N SER A 75 -5.12 3.48 5.93
CA SER A 75 -6.18 2.55 5.52
C SER A 75 -7.05 3.12 4.39
N VAL A 76 -7.07 4.45 4.19
CA VAL A 76 -7.83 5.08 3.11
C VAL A 76 -6.91 5.94 2.25
N SER A 77 -5.61 5.66 2.33
CA SER A 77 -4.56 6.32 1.54
C SER A 77 -4.71 7.82 1.57
N THR A 78 -4.91 8.39 2.75
CA THR A 78 -5.15 9.84 2.82
C THR A 78 -4.18 10.47 3.77
N ALA A 79 -3.67 11.63 3.36
CA ALA A 79 -2.88 12.50 4.21
C ALA A 79 -3.72 13.73 4.57
N TYR A 80 -3.49 14.24 5.79
CA TYR A 80 -4.24 15.41 6.28
C TYR A 80 -3.28 16.50 6.70
N LEU A 81 -3.76 17.71 6.51
CA LEU A 81 -3.11 18.93 7.03
C LEU A 81 -4.10 19.58 7.99
N GLN A 82 -3.72 19.73 9.25
CA GLN A 82 -4.59 20.41 10.22
C GLN A 82 -3.91 21.72 10.60
N ILE A 83 -4.64 22.81 10.59
CA ILE A 83 -4.09 24.07 11.05
C ILE A 83 -5.01 24.56 12.14
N SER A 84 -4.48 24.84 13.32
CA SER A 84 -5.29 25.39 14.39
C SER A 84 -4.94 26.86 14.63
N SER A 85 -5.78 27.51 15.39
CA SER A 85 -5.60 28.94 15.71
C SER A 85 -5.36 29.76 14.44
N LEU A 86 -6.28 29.63 13.51
CA LEU A 86 -6.11 30.23 12.18
C LEU A 86 -6.02 31.75 12.29
N LYS A 87 -5.21 32.31 11.40
CA LYS A 87 -5.08 33.77 11.32
C LYS A 87 -5.14 34.20 9.86
N ALA A 88 -5.36 35.50 9.64
CA ALA A 88 -5.58 35.94 8.26
C ALA A 88 -4.43 35.59 7.34
N ASP A 89 -3.19 35.61 7.84
CA ASP A 89 -2.05 35.29 6.97
C ASP A 89 -1.90 33.81 6.66
N ASP A 90 -2.79 32.97 7.19
CA ASP A 90 -2.90 31.59 6.75
C ASP A 90 -3.68 31.47 5.46
N THR A 91 -4.32 32.55 5.02
CA THR A 91 -5.09 32.48 3.79
C THR A 91 -4.18 32.13 2.62
N ALA A 92 -4.50 31.03 1.94
CA ALA A 92 -3.58 30.50 0.94
C ALA A 92 -4.20 29.27 0.33
N VAL A 93 -3.64 28.86 -0.82
CA VAL A 93 -3.90 27.53 -1.36
C VAL A 93 -2.85 26.61 -0.76
N TYR A 94 -3.28 25.47 -0.23
CA TYR A 94 -2.37 24.46 0.30
C TYR A 94 -2.38 23.30 -0.68
N PHE A 95 -1.20 22.93 -1.16
CA PHE A 95 -1.04 21.76 -2.03
C PHE A 95 -0.44 20.60 -1.25
N CYS A 96 -0.91 19.40 -1.55
CA CYS A 96 -0.12 18.23 -1.19
C CYS A 96 0.64 17.78 -2.44
N ALA A 97 1.83 17.22 -2.23
CA ALA A 97 2.66 16.85 -3.38
C ALA A 97 3.49 15.64 -2.98
N ARG A 98 3.56 14.67 -3.87
CA ARG A 98 4.21 13.41 -3.58
C ARG A 98 5.71 13.54 -3.80
N GLY A 99 6.49 12.90 -2.92
CA GLY A 99 7.92 12.76 -3.20
C GLY A 99 8.40 11.47 -2.62
N GLY A 100 9.71 11.27 -2.58
CA GLY A 100 10.29 10.07 -2.01
C GLY A 100 10.67 10.21 -0.55
N PHE A 101 11.54 9.30 -0.09
CA PHE A 101 11.96 9.27 1.31
C PHE A 101 13.41 9.72 1.50
N GLY A 102 14.13 10.01 0.42
CA GLY A 102 15.48 10.51 0.54
C GLY A 102 15.69 11.60 -0.47
N SER A 103 16.81 12.33 -0.31
CA SER A 103 16.92 13.62 -1.00
C SER A 103 16.97 13.49 -2.51
N SER A 104 17.48 12.37 -3.05
CA SER A 104 17.55 12.24 -4.51
C SER A 104 16.17 11.95 -5.10
N TYR A 105 15.17 11.94 -4.23
CA TYR A 105 13.78 11.82 -4.63
C TYR A 105 12.93 12.88 -3.94
N TRP A 106 13.53 13.99 -3.48
CA TRP A 106 12.74 15.02 -2.78
C TRP A 106 12.36 16.16 -3.71
N TYR A 107 11.90 15.80 -4.88
CA TYR A 107 11.26 16.69 -5.85
C TYR A 107 9.86 16.11 -6.04
N PHE A 108 8.92 16.92 -6.54
CA PHE A 108 7.50 16.56 -6.38
C PHE A 108 6.90 16.28 -7.75
N ASP A 109 6.60 14.96 -8.00
CA ASP A 109 6.13 14.58 -9.32
C ASP A 109 4.63 14.65 -9.50
N VAL A 110 3.85 14.42 -8.43
CA VAL A 110 2.40 14.37 -8.52
C VAL A 110 1.87 15.31 -7.46
N TRP A 111 0.95 16.18 -7.87
CA TRP A 111 0.45 17.20 -6.98
C TRP A 111 -1.06 17.10 -6.88
N GLY A 112 -1.57 17.41 -5.69
CA GLY A 112 -2.99 17.70 -5.57
C GLY A 112 -3.36 18.99 -6.29
N GLN A 113 -4.69 19.22 -6.42
CA GLN A 113 -5.15 20.43 -7.10
C GLN A 113 -5.09 21.66 -6.21
N GLY A 114 -4.81 21.47 -4.92
CA GLY A 114 -4.78 22.59 -3.99
C GLY A 114 -6.12 22.81 -3.32
N SER A 115 -6.06 23.25 -2.06
CA SER A 115 -7.25 23.57 -1.26
C SER A 115 -7.08 25.01 -0.80
N LEU A 116 -8.02 25.87 -1.18
CA LEU A 116 -8.00 27.26 -0.72
C LEU A 116 -8.60 27.35 0.69
N VAL A 117 -7.84 27.92 1.62
CA VAL A 117 -8.32 28.20 2.97
C VAL A 117 -8.28 29.71 3.10
N THR A 118 -9.42 30.31 3.40
CA THR A 118 -9.52 31.75 3.63
C THR A 118 -9.90 31.99 5.06
N VAL A 119 -9.17 32.87 5.74
CA VAL A 119 -9.41 33.16 7.15
C VAL A 119 -9.85 34.61 7.24
N SER A 120 -11.02 34.85 7.80
CA SER A 120 -11.54 36.21 7.90
C SER A 120 -12.58 36.30 9.02
N SER A 121 -12.60 37.42 9.71
CA SER A 121 -13.69 37.65 10.64
C SER A 121 -14.89 38.27 9.96
N ALA A 122 -14.86 38.49 8.64
CA ALA A 122 -15.97 39.16 7.99
C ALA A 122 -17.19 38.24 7.91
N SER A 123 -18.37 38.84 7.91
CA SER A 123 -19.60 38.12 7.64
C SER A 123 -20.02 38.36 6.20
N THR A 124 -20.87 37.48 5.69
CA THR A 124 -21.40 37.65 4.34
C THR A 124 -22.04 39.02 4.18
N LYS A 125 -21.73 39.69 3.06
CA LYS A 125 -22.24 41.02 2.81
C LYS A 125 -22.22 41.27 1.32
N GLY A 126 -23.34 41.74 0.75
CA GLY A 126 -23.37 42.07 -0.65
C GLY A 126 -22.74 43.43 -0.90
N PRO A 127 -22.27 43.66 -2.13
CA PRO A 127 -21.60 44.93 -2.44
C PRO A 127 -22.57 46.10 -2.58
N SER A 128 -21.98 47.30 -2.39
CA SER A 128 -22.56 48.54 -2.89
C SER A 128 -21.97 48.80 -4.26
N VAL A 129 -22.78 49.28 -5.20
CA VAL A 129 -22.33 49.47 -6.58
C VAL A 129 -22.47 50.94 -6.93
N PHE A 130 -21.35 51.56 -7.31
CA PHE A 130 -21.36 53.00 -7.57
C PHE A 130 -20.87 53.26 -8.98
N PRO A 131 -21.40 54.28 -9.66
CA PRO A 131 -20.94 54.56 -11.02
C PRO A 131 -19.57 55.23 -11.04
N LEU A 132 -18.75 54.83 -12.00
CA LEU A 132 -17.55 55.57 -12.40
C LEU A 132 -17.97 56.31 -13.68
N ALA A 133 -18.43 57.54 -13.50
CA ALA A 133 -19.12 58.18 -14.62
C ALA A 133 -18.12 58.71 -15.64
N PRO A 134 -18.48 58.70 -16.93
CA PRO A 134 -17.54 59.18 -17.95
C PRO A 134 -17.37 60.69 -17.83
N SER A 135 -16.11 61.11 -17.99
CA SER A 135 -15.74 62.52 -17.88
C SER A 135 -16.51 63.34 -18.91
N SER A 136 -16.97 64.53 -18.50
CA SER A 136 -17.57 65.45 -19.44
C SER A 136 -16.53 66.02 -20.41
N LYS A 137 -15.24 65.83 -20.12
CA LYS A 137 -14.18 66.32 -20.98
C LYS A 137 -13.58 65.15 -21.78
N GLY A 142 -12.94 61.38 -29.14
CA GLY A 142 -12.11 60.18 -29.14
C GLY A 142 -12.72 59.02 -28.36
N THR A 143 -12.02 58.61 -27.31
CA THR A 143 -12.39 57.46 -26.49
C THR A 143 -12.68 57.90 -25.06
N ALA A 144 -13.81 57.47 -24.53
CA ALA A 144 -14.16 57.70 -23.14
C ALA A 144 -14.02 56.41 -22.33
N ALA A 145 -13.90 56.57 -21.02
CA ALA A 145 -13.92 55.45 -20.09
C ALA A 145 -14.99 55.64 -19.02
N LEU A 146 -15.63 54.54 -18.62
CA LEU A 146 -16.67 54.58 -17.61
C LEU A 146 -16.63 53.23 -16.89
N GLY A 147 -17.34 53.13 -15.77
CA GLY A 147 -17.15 51.93 -14.97
C GLY A 147 -18.14 51.83 -13.84
N CYS A 148 -17.99 50.75 -13.05
CA CYS A 148 -18.75 50.54 -11.84
C CYS A 148 -17.76 50.13 -10.76
N LEU A 149 -17.85 50.79 -9.62
CA LEU A 149 -17.10 50.42 -8.44
C LEU A 149 -17.96 49.51 -7.58
N VAL A 150 -17.43 48.32 -7.26
CA VAL A 150 -18.19 47.28 -6.61
C VAL A 150 -17.54 47.11 -5.26
N LYS A 151 -18.09 47.77 -4.25
CA LYS A 151 -17.37 47.97 -3.00
C LYS A 151 -17.99 47.20 -1.85
N ASP A 152 -17.12 46.62 -1.02
CA ASP A 152 -17.41 46.21 0.35
C ASP A 152 -18.28 44.96 0.36
N TYR A 153 -17.79 43.87 -0.24
CA TYR A 153 -18.53 42.61 -0.22
C TYR A 153 -17.70 41.50 0.38
N PHE A 154 -18.39 40.45 0.79
CA PHE A 154 -17.71 39.29 1.32
C PHE A 154 -18.64 38.09 1.24
N PRO A 155 -18.12 36.89 0.91
CA PRO A 155 -16.78 36.57 0.42
C PRO A 155 -16.69 36.80 -1.06
N GLU A 156 -15.56 36.44 -1.67
CA GLU A 156 -15.49 36.43 -3.12
C GLU A 156 -16.33 35.26 -3.64
N PRO A 157 -16.74 35.29 -4.92
CA PRO A 157 -16.50 36.30 -5.93
C PRO A 157 -17.74 37.14 -6.21
N VAL A 158 -17.57 38.24 -6.92
CA VAL A 158 -18.65 38.89 -7.65
C VAL A 158 -18.38 38.67 -9.12
N THR A 159 -19.44 38.64 -9.92
CA THR A 159 -19.31 38.72 -11.37
C THR A 159 -19.89 40.02 -11.87
N VAL A 160 -19.34 40.52 -12.96
CA VAL A 160 -19.78 41.77 -13.56
C VAL A 160 -19.92 41.54 -15.05
N SER A 161 -21.04 41.95 -15.62
CA SER A 161 -21.17 42.06 -17.05
C SER A 161 -21.66 43.46 -17.36
N TRP A 162 -21.66 43.80 -18.65
CA TRP A 162 -22.14 45.08 -19.15
C TRP A 162 -23.25 44.86 -20.16
N ASN A 163 -24.32 45.65 -20.00
CA ASN A 163 -25.50 45.61 -20.86
C ASN A 163 -25.95 44.17 -21.08
N SER A 164 -26.01 43.43 -19.96
CA SER A 164 -26.51 42.06 -19.91
C SER A 164 -25.65 41.09 -20.75
N GLY A 165 -24.38 41.40 -20.93
CA GLY A 165 -23.49 40.60 -21.73
C GLY A 165 -23.33 41.04 -23.17
N ALA A 166 -24.12 42.02 -23.62
CA ALA A 166 -23.95 42.51 -24.98
C ALA A 166 -22.66 43.31 -25.15
N LEU A 167 -22.15 43.95 -24.10
CA LEU A 167 -20.95 44.77 -24.18
C LEU A 167 -19.77 43.99 -23.59
N THR A 168 -18.85 43.56 -24.45
CA THR A 168 -17.66 42.84 -23.99
C THR A 168 -16.35 43.45 -24.43
N SER A 169 -16.30 44.10 -25.59
CA SER A 169 -15.03 44.63 -26.08
C SER A 169 -14.62 45.79 -25.23
N GLY A 170 -13.34 45.81 -24.84
CA GLY A 170 -12.81 46.90 -24.06
C GLY A 170 -13.18 46.90 -22.60
N VAL A 171 -13.91 45.87 -22.13
CA VAL A 171 -14.20 45.73 -20.70
C VAL A 171 -12.97 45.19 -19.98
N HIS A 172 -12.63 45.78 -18.85
CA HIS A 172 -11.69 45.20 -17.90
C HIS A 172 -12.33 45.14 -16.53
N THR A 173 -12.53 43.93 -16.01
CA THR A 173 -12.96 43.79 -14.63
C THR A 173 -11.73 43.37 -13.84
N PHE A 174 -11.32 44.23 -12.92
CA PHE A 174 -10.09 44.03 -12.17
C PHE A 174 -10.24 42.94 -11.12
N PRO A 175 -9.15 42.26 -10.81
CA PRO A 175 -9.13 41.40 -9.63
C PRO A 175 -9.50 42.19 -8.38
N ALA A 176 -10.22 41.54 -7.48
CA ALA A 176 -10.61 42.19 -6.25
C ALA A 176 -9.39 42.44 -5.37
N VAL A 177 -9.47 43.49 -4.58
CA VAL A 177 -8.51 43.74 -3.51
C VAL A 177 -9.19 43.54 -2.17
N LEU A 178 -8.44 42.98 -1.23
CA LEU A 178 -8.91 42.88 0.14
C LEU A 178 -8.62 44.20 0.86
N GLN A 179 -9.65 44.86 1.36
CA GLN A 179 -9.47 46.12 2.06
C GLN A 179 -9.14 45.86 3.53
N SER A 180 -8.65 46.91 4.21
CA SER A 180 -8.29 46.75 5.61
C SER A 180 -9.50 46.48 6.50
N SER A 181 -10.71 46.79 6.02
CA SER A 181 -11.93 46.43 6.72
C SER A 181 -12.21 44.93 6.67
N GLY A 182 -11.47 44.17 5.87
CA GLY A 182 -11.77 42.76 5.67
C GLY A 182 -12.73 42.48 4.53
N LEU A 183 -13.26 43.53 3.89
CA LEU A 183 -14.20 43.39 2.78
C LEU A 183 -13.44 43.57 1.48
N TYR A 184 -13.92 42.92 0.44
CA TYR A 184 -13.34 43.03 -0.89
C TYR A 184 -13.96 44.16 -1.66
N SER A 185 -13.21 44.65 -2.65
CA SER A 185 -13.74 45.66 -3.56
C SER A 185 -13.09 45.45 -4.92
N LEU A 186 -13.83 45.74 -6.00
CA LEU A 186 -13.20 45.76 -7.30
C LEU A 186 -13.90 46.82 -8.12
N SER A 187 -13.33 47.11 -9.31
CA SER A 187 -13.95 47.97 -10.29
C SER A 187 -14.00 47.22 -11.60
N SER A 188 -15.01 47.52 -12.40
CA SER A 188 -15.08 47.07 -13.77
C SER A 188 -15.20 48.30 -14.66
N VAL A 189 -14.37 48.38 -15.70
CA VAL A 189 -14.37 49.57 -16.55
C VAL A 189 -14.52 49.14 -17.99
N VAL A 190 -14.87 50.10 -18.83
CA VAL A 190 -14.97 49.85 -20.27
C VAL A 190 -14.65 51.15 -20.98
N THR A 191 -13.95 51.06 -22.09
CA THR A 191 -13.69 52.23 -22.91
C THR A 191 -14.64 52.16 -24.10
N VAL A 192 -15.22 53.30 -24.45
CA VAL A 192 -16.21 53.38 -25.53
C VAL A 192 -15.96 54.66 -26.33
N PRO A 193 -16.53 54.77 -27.52
CA PRO A 193 -16.43 56.04 -28.25
C PRO A 193 -17.09 57.16 -27.46
N SER A 194 -16.39 58.30 -27.38
CA SER A 194 -16.97 59.50 -26.77
C SER A 194 -18.34 59.84 -27.37
N SER A 195 -18.48 59.68 -28.69
CA SER A 195 -19.74 60.04 -29.34
C SER A 195 -20.90 59.14 -28.92
N SER A 196 -20.62 57.91 -28.46
CA SER A 196 -21.67 57.02 -28.00
C SER A 196 -22.29 57.45 -26.69
N LEU A 197 -21.63 58.33 -25.94
CA LEU A 197 -22.17 58.72 -24.65
C LEU A 197 -23.51 59.42 -24.86
N GLY A 198 -24.47 59.11 -24.00
CA GLY A 198 -25.77 59.73 -24.21
C GLY A 198 -26.63 59.25 -25.38
N THR A 199 -26.05 58.55 -26.37
CA THR A 199 -26.87 57.83 -27.35
C THR A 199 -26.84 56.33 -27.15
N GLN A 200 -25.87 55.80 -26.42
CA GLN A 200 -25.85 54.40 -26.03
C GLN A 200 -25.93 54.32 -24.51
N THR A 201 -26.82 53.49 -23.99
CA THR A 201 -26.94 53.31 -22.56
C THR A 201 -25.95 52.26 -22.07
N TYR A 202 -25.42 52.47 -20.86
CA TYR A 202 -24.43 51.58 -20.28
C TYR A 202 -24.87 51.17 -18.89
N ILE A 203 -25.00 49.87 -18.67
CA ILE A 203 -25.47 49.29 -17.41
C ILE A 203 -24.52 48.17 -17.02
N CYS A 204 -24.01 48.23 -15.80
CA CYS A 204 -23.20 47.12 -15.28
C CYS A 204 -24.11 46.25 -14.45
N ASN A 205 -24.02 44.93 -14.67
CA ASN A 205 -24.84 43.95 -13.99
C ASN A 205 -23.92 43.22 -13.02
N VAL A 206 -24.19 43.36 -11.73
CA VAL A 206 -23.30 42.86 -10.68
C VAL A 206 -24.05 41.78 -9.93
N ASN A 207 -23.42 40.62 -9.78
CA ASN A 207 -24.00 39.52 -9.05
C ASN A 207 -23.03 39.06 -7.98
N HIS A 208 -23.53 38.95 -6.75
CA HIS A 208 -22.82 38.43 -5.59
C HIS A 208 -23.66 37.27 -5.09
N LYS A 209 -23.35 36.08 -5.53
CA LYS A 209 -24.20 34.94 -5.22
C LYS A 209 -24.24 34.62 -3.71
N PRO A 210 -23.13 34.75 -2.97
CA PRO A 210 -23.18 34.45 -1.52
C PRO A 210 -24.23 35.22 -0.75
N SER A 211 -24.43 36.50 -1.05
CA SER A 211 -25.48 37.29 -0.42
C SER A 211 -26.74 37.38 -1.26
N ASN A 212 -26.78 36.71 -2.42
CA ASN A 212 -27.91 36.84 -3.34
C ASN A 212 -28.18 38.32 -3.64
N THR A 213 -27.11 39.06 -3.92
CA THR A 213 -27.20 40.46 -4.29
C THR A 213 -27.07 40.59 -5.80
N LYS A 214 -28.05 41.27 -6.40
CA LYS A 214 -28.11 41.47 -7.84
C LYS A 214 -28.40 42.94 -8.07
N VAL A 215 -27.46 43.64 -8.70
CA VAL A 215 -27.55 45.08 -8.93
C VAL A 215 -27.32 45.35 -10.42
N ASP A 216 -28.21 46.15 -11.00
CA ASP A 216 -28.00 46.72 -12.33
C ASP A 216 -27.87 48.22 -12.16
N LYS A 217 -26.71 48.76 -12.52
CA LYS A 217 -26.43 50.18 -12.30
C LYS A 217 -26.18 50.87 -13.64
N ARG A 218 -27.08 51.75 -14.03
CA ARG A 218 -26.86 52.58 -15.19
C ARG A 218 -25.74 53.57 -14.89
N VAL A 219 -24.81 53.73 -15.82
CA VAL A 219 -23.70 54.67 -15.68
C VAL A 219 -23.87 55.76 -16.72
N GLU A 220 -24.05 56.98 -16.26
CA GLU A 220 -24.37 58.08 -17.16
C GLU A 220 -23.42 59.23 -16.89
N PRO A 221 -23.18 60.10 -17.87
CA PRO A 221 -22.48 61.35 -17.59
C PRO A 221 -23.24 62.10 -16.48
N LYS A 222 -22.49 62.68 -15.55
CA LYS A 222 -23.11 63.44 -14.46
C LYS A 222 -23.45 64.86 -14.91
N ASP B 1 18.69 27.76 6.53
CA ASP B 1 18.07 27.15 5.34
C ASP B 1 18.85 27.57 4.10
N ILE B 2 18.84 26.74 3.07
CA ILE B 2 19.48 27.10 1.82
C ILE B 2 18.59 28.09 1.08
N GLN B 3 19.11 29.30 0.84
CA GLN B 3 18.38 30.33 0.12
C GLN B 3 18.65 30.19 -1.37
N LEU B 4 17.61 30.29 -2.18
CA LEU B 4 17.75 30.26 -3.63
C LEU B 4 17.45 31.63 -4.17
N THR B 5 18.38 32.18 -4.93
CA THR B 5 18.21 33.51 -5.56
C THR B 5 17.88 33.24 -7.02
N GLN B 6 16.61 33.38 -7.37
CA GLN B 6 16.12 33.05 -8.71
C GLN B 6 16.00 34.34 -9.51
N SER B 7 16.56 34.35 -10.72
CA SER B 7 16.58 35.57 -11.51
C SER B 7 16.27 35.27 -12.97
N PRO B 8 15.63 36.18 -13.66
CA PRO B 8 15.03 37.44 -13.20
C PRO B 8 13.66 37.15 -12.57
N SER B 9 13.10 38.13 -11.86
CA SER B 9 11.78 37.90 -11.27
C SER B 9 10.72 37.88 -12.35
N SER B 10 10.95 38.56 -13.48
CA SER B 10 10.03 38.46 -14.61
C SER B 10 10.83 38.68 -15.87
N LEU B 11 10.31 38.15 -16.95
CA LEU B 11 10.91 38.42 -18.23
C LEU B 11 9.86 38.36 -19.31
N SER B 12 10.06 39.21 -20.30
CA SER B 12 9.18 39.27 -21.44
C SER B 12 9.92 38.70 -22.63
N ALA B 13 9.28 37.79 -23.32
CA ALA B 13 9.93 37.15 -24.46
C ALA B 13 8.87 36.87 -25.51
N SER B 14 9.33 36.65 -26.73
CA SER B 14 8.47 36.31 -27.86
C SER B 14 8.53 34.81 -28.12
N VAL B 15 7.45 34.27 -28.67
CA VAL B 15 7.50 32.90 -29.19
C VAL B 15 8.72 32.79 -30.08
N GLY B 16 9.53 31.74 -29.88
CA GLY B 16 10.74 31.58 -30.67
C GLY B 16 12.00 31.97 -29.94
N ASP B 17 11.87 32.69 -28.83
CA ASP B 17 13.05 33.16 -28.14
C ASP B 17 13.66 32.07 -27.29
N ARG B 18 14.98 32.09 -27.19
CA ARG B 18 15.65 31.30 -26.18
C ARG B 18 15.58 32.05 -24.84
N VAL B 19 15.04 31.40 -23.83
CA VAL B 19 14.80 31.96 -22.50
C VAL B 19 15.69 31.22 -21.50
N SER B 20 16.41 31.93 -20.65
CA SER B 20 17.19 31.31 -19.59
C SER B 20 16.85 31.94 -18.25
N ILE B 21 16.69 31.10 -17.23
CA ILE B 21 16.30 31.50 -15.88
C ILE B 21 17.34 30.88 -14.97
N THR B 22 17.88 31.66 -14.05
CA THR B 22 18.95 31.15 -13.22
C THR B 22 18.52 31.03 -11.78
N CYS B 23 19.23 30.13 -11.07
CA CYS B 23 18.93 29.85 -9.66
C CYS B 23 20.27 29.74 -8.98
N LYS B 24 20.55 30.61 -8.03
CA LYS B 24 21.81 30.57 -7.30
C LYS B 24 21.51 30.12 -5.88
N ALA B 25 22.15 29.04 -5.45
CA ALA B 25 22.01 28.53 -4.11
C ALA B 25 23.04 29.15 -3.17
N SER B 26 22.62 29.36 -1.93
CA SER B 26 23.51 29.97 -0.96
C SER B 26 24.61 29.04 -0.47
N GLN B 27 24.57 27.74 -0.83
CA GLN B 27 25.71 26.87 -0.57
C GLN B 27 25.66 25.76 -1.60
N ASP B 28 26.74 24.96 -1.66
CA ASP B 28 26.85 23.92 -2.68
C ASP B 28 25.76 22.88 -2.50
N VAL B 29 24.99 22.61 -3.56
CA VAL B 29 23.90 21.65 -3.46
C VAL B 29 24.06 20.51 -4.47
N SER B 30 25.30 20.22 -4.84
CA SER B 30 25.55 19.07 -5.73
C SER B 30 24.80 19.37 -7.03
N ILE B 31 24.09 18.40 -7.61
CA ILE B 31 23.20 18.67 -8.74
C ILE B 31 21.72 18.65 -8.32
N ALA B 32 21.40 18.83 -7.04
CA ALA B 32 20.04 18.56 -6.53
C ALA B 32 19.14 19.80 -6.64
N VAL B 33 18.81 20.14 -7.88
CA VAL B 33 17.92 21.27 -8.16
C VAL B 33 16.85 20.83 -9.13
N ALA B 34 15.60 21.15 -8.76
CA ALA B 34 14.45 20.87 -9.58
C ALA B 34 13.81 22.18 -10.05
N TRP B 35 13.11 22.06 -11.17
CA TRP B 35 12.40 23.21 -11.75
C TRP B 35 10.96 22.82 -12.00
N TYR B 36 10.05 23.76 -11.74
CA TYR B 36 8.62 23.56 -11.91
C TYR B 36 8.04 24.68 -12.75
N GLN B 37 6.95 24.40 -13.43
CA GLN B 37 6.17 25.39 -14.17
C GLN B 37 4.80 25.51 -13.51
N GLN B 38 4.26 26.73 -13.38
CA GLN B 38 2.91 26.84 -12.82
C GLN B 38 2.07 27.84 -13.60
N LYS B 39 0.86 27.44 -14.01
CA LYS B 39 -0.09 28.36 -14.65
C LYS B 39 -1.17 28.77 -13.67
N PRO B 40 -1.90 29.83 -13.97
CA PRO B 40 -2.86 30.36 -13.00
C PRO B 40 -3.90 29.34 -12.58
N GLY B 41 -4.07 29.21 -11.26
CA GLY B 41 -5.14 28.38 -10.73
C GLY B 41 -4.82 26.91 -10.72
N LYS B 42 -3.63 26.53 -11.17
CA LYS B 42 -3.21 25.15 -11.32
C LYS B 42 -2.08 24.80 -10.36
N ALA B 43 -1.92 23.50 -10.06
CA ALA B 43 -0.73 23.08 -9.34
C ALA B 43 0.52 23.22 -10.22
N PRO B 44 1.68 23.39 -9.61
CA PRO B 44 2.94 23.35 -10.37
C PRO B 44 3.12 21.96 -11.00
N LYS B 45 3.86 21.95 -12.11
CA LYS B 45 4.22 20.73 -12.84
C LYS B 45 5.73 20.60 -12.82
N LEU B 46 6.22 19.41 -12.50
CA LEU B 46 7.66 19.19 -12.49
C LEU B 46 8.22 19.15 -13.90
N LEU B 47 9.30 19.89 -14.13
CA LEU B 47 9.99 19.89 -15.42
C LEU B 47 11.29 19.10 -15.38
N ILE B 48 12.12 19.42 -14.39
CA ILE B 48 13.51 18.96 -14.32
C ILE B 48 13.80 18.61 -12.88
N TYR B 49 14.58 17.56 -12.66
CA TYR B 49 15.11 17.26 -11.32
C TYR B 49 16.60 16.94 -11.47
N SER B 50 17.30 16.95 -10.35
CA SER B 50 18.75 16.67 -10.36
C SER B 50 19.47 17.49 -11.45
N ALA B 51 19.00 18.74 -11.59
CA ALA B 51 19.58 19.85 -12.36
C ALA B 51 19.39 19.71 -13.86
N SER B 52 19.42 18.50 -14.39
CA SER B 52 19.33 18.33 -15.84
C SER B 52 18.41 17.20 -16.32
N TYR B 53 17.75 16.48 -15.42
CA TYR B 53 16.97 15.31 -15.84
C TYR B 53 15.56 15.77 -16.14
N ARG B 54 15.11 15.54 -17.37
CA ARG B 54 13.72 15.88 -17.70
C ARG B 54 12.77 14.84 -17.10
N TYR B 55 11.71 15.32 -16.50
CA TYR B 55 10.68 14.42 -16.02
C TYR B 55 9.88 13.84 -17.19
N THR B 56 9.30 12.65 -16.98
CA THR B 56 8.48 12.00 -18.00
C THR B 56 7.51 12.95 -18.69
N GLY B 57 7.54 12.95 -20.02
CA GLY B 57 6.57 13.73 -20.79
C GLY B 57 6.92 15.19 -21.00
N VAL B 58 7.98 15.68 -20.36
CA VAL B 58 8.40 17.08 -20.50
C VAL B 58 9.06 17.25 -21.86
N PRO B 59 8.63 18.24 -22.65
CA PRO B 59 9.17 18.40 -24.00
C PRO B 59 10.65 18.75 -24.02
N ASP B 60 11.26 18.40 -25.15
CA ASP B 60 12.71 18.55 -25.35
C ASP B 60 13.18 19.98 -25.23
N ARG B 61 12.30 20.95 -25.50
CA ARG B 61 12.81 22.33 -25.44
C ARG B 61 13.15 22.78 -24.03
N PHE B 62 12.70 22.07 -22.99
CA PHE B 62 13.09 22.41 -21.62
C PHE B 62 14.33 21.63 -21.28
N SER B 63 15.33 22.33 -20.74
CA SER B 63 16.54 21.64 -20.33
C SER B 63 17.08 22.36 -19.12
N GLY B 64 17.95 21.69 -18.41
CA GLY B 64 18.51 22.22 -17.18
C GLY B 64 19.99 21.94 -17.16
N SER B 65 20.74 22.86 -16.52
CA SER B 65 22.17 22.64 -16.38
C SER B 65 22.63 23.22 -15.05
N GLY B 66 23.88 22.90 -14.69
CA GLY B 66 24.45 23.45 -13.48
C GLY B 66 24.81 22.43 -12.43
N SER B 67 25.62 22.88 -11.50
CA SER B 67 26.04 22.09 -10.35
C SER B 67 26.68 23.05 -9.36
N GLY B 68 26.71 22.63 -8.10
CA GLY B 68 27.33 23.43 -7.07
C GLY B 68 26.38 24.51 -6.60
N THR B 69 26.64 25.77 -7.00
CA THR B 69 25.72 26.84 -6.61
C THR B 69 24.91 27.47 -7.74
N ASP B 70 25.31 27.33 -8.99
CA ASP B 70 24.66 28.07 -10.08
C ASP B 70 23.96 27.12 -11.04
N PHE B 71 22.66 27.34 -11.20
CA PHE B 71 21.80 26.51 -12.03
C PHE B 71 21.03 27.34 -13.04
N THR B 72 20.71 26.71 -14.16
CA THR B 72 20.00 27.40 -15.24
C THR B 72 18.94 26.49 -15.82
N LEU B 73 17.73 27.00 -15.94
CA LEU B 73 16.66 26.41 -16.75
C LEU B 73 16.63 27.12 -18.10
N THR B 74 16.67 26.35 -19.19
CA THR B 74 16.65 26.92 -20.53
C THR B 74 15.43 26.41 -21.27
N ILE B 75 14.69 27.32 -21.90
CA ILE B 75 13.66 26.96 -22.88
C ILE B 75 14.25 27.35 -24.21
N SER B 76 14.58 26.35 -25.04
CA SER B 76 15.40 26.64 -26.20
C SER B 76 14.67 27.47 -27.23
N SER B 77 13.34 27.36 -27.29
CA SER B 77 12.49 28.12 -28.20
C SER B 77 11.13 28.19 -27.51
N LEU B 78 10.79 29.37 -27.00
CA LEU B 78 9.56 29.53 -26.24
C LEU B 78 8.35 29.30 -27.14
N GLN B 79 7.39 28.55 -26.63
CA GLN B 79 6.18 28.30 -27.39
C GLN B 79 5.00 28.97 -26.71
N PRO B 80 3.88 29.12 -27.42
CA PRO B 80 2.72 29.81 -26.84
C PRO B 80 2.26 29.24 -25.52
N GLU B 81 2.46 27.94 -25.28
CA GLU B 81 2.01 27.37 -24.02
C GLU B 81 2.97 27.54 -22.87
N ASP B 82 4.08 28.25 -23.05
CA ASP B 82 5.12 28.31 -22.05
C ASP B 82 5.10 29.59 -21.22
N PHE B 83 4.18 30.52 -21.48
CA PHE B 83 4.07 31.70 -20.63
C PHE B 83 3.41 31.26 -19.34
N ALA B 84 4.12 31.42 -18.23
CA ALA B 84 3.81 30.78 -16.97
C ALA B 84 4.78 31.32 -15.94
N VAL B 85 4.68 30.88 -14.71
CA VAL B 85 5.67 31.15 -13.67
C VAL B 85 6.52 29.90 -13.50
N TYR B 86 7.83 30.10 -13.32
CA TYR B 86 8.74 28.97 -13.14
C TYR B 86 9.41 29.10 -11.79
N TYR B 87 9.63 27.96 -11.12
CA TYR B 87 10.26 27.97 -9.80
C TYR B 87 11.38 26.98 -9.79
N CYS B 88 12.50 27.34 -9.17
CA CYS B 88 13.50 26.34 -8.82
C CYS B 88 13.29 25.88 -7.37
N GLN B 89 13.89 24.72 -7.06
CA GLN B 89 13.74 24.15 -5.73
C GLN B 89 15.02 23.40 -5.50
N GLN B 90 15.58 23.46 -4.30
CA GLN B 90 16.70 22.56 -4.03
C GLN B 90 16.18 21.33 -3.30
N HIS B 91 16.76 20.19 -3.66
CA HIS B 91 16.47 18.90 -2.99
C HIS B 91 17.75 18.25 -2.54
N TYR B 92 18.66 19.09 -2.02
CA TYR B 92 19.91 18.59 -1.48
C TYR B 92 19.75 18.18 -0.03
N ILE B 93 19.16 19.06 0.81
CA ILE B 93 18.95 18.77 2.22
C ILE B 93 17.59 19.31 2.64
N THR B 94 17.09 18.78 3.72
CA THR B 94 15.94 19.36 4.37
C THR B 94 16.39 20.53 5.25
N PRO B 95 15.58 21.57 5.39
CA PRO B 95 14.27 21.79 4.75
C PRO B 95 14.39 22.10 3.30
N LEU B 96 13.45 21.57 2.52
CA LEU B 96 13.40 21.89 1.10
C LEU B 96 12.99 23.34 0.92
N THR B 97 13.63 24.00 -0.03
CA THR B 97 13.34 25.41 -0.26
C THR B 97 13.19 25.71 -1.75
N PHE B 98 12.48 26.81 -2.01
CA PHE B 98 12.14 27.26 -3.36
C PHE B 98 12.75 28.62 -3.66
N GLY B 99 13.02 28.85 -4.95
CA GLY B 99 13.26 30.21 -5.42
C GLY B 99 11.96 31.00 -5.48
N ALA B 100 12.07 32.34 -5.66
CA ALA B 100 10.90 33.21 -5.54
C ALA B 100 10.05 33.21 -6.81
N GLY B 101 10.50 32.55 -7.87
CA GLY B 101 9.72 32.47 -9.11
C GLY B 101 10.13 33.48 -10.16
N THR B 102 9.89 33.09 -11.41
CA THR B 102 10.13 33.92 -12.59
C THR B 102 8.87 33.91 -13.42
N LYS B 103 8.25 35.06 -13.65
CA LYS B 103 7.08 35.13 -14.50
C LYS B 103 7.56 35.39 -15.93
N VAL B 104 7.22 34.49 -16.85
CA VAL B 104 7.55 34.64 -18.27
C VAL B 104 6.31 35.18 -18.97
N GLU B 105 6.42 36.41 -19.46
CA GLU B 105 5.30 37.12 -20.07
C GLU B 105 5.59 37.41 -21.54
N ILE B 106 4.52 37.74 -22.27
CA ILE B 106 4.57 37.90 -23.73
C ILE B 106 5.10 39.29 -24.07
N LYS B 107 6.15 39.35 -24.89
CA LYS B 107 6.66 40.64 -25.34
C LYS B 107 5.77 41.23 -26.42
N ARG B 108 5.60 42.56 -26.41
CA ARG B 108 4.95 43.28 -27.49
C ARG B 108 5.57 44.66 -27.52
N THR B 109 5.14 45.47 -28.48
CA THR B 109 5.66 46.84 -28.52
C THR B 109 5.17 47.69 -27.34
N VAL B 110 5.94 48.71 -27.03
CA VAL B 110 5.55 49.61 -25.94
C VAL B 110 4.23 50.29 -26.31
N ALA B 111 3.33 50.37 -25.32
CA ALA B 111 2.05 51.06 -25.46
C ALA B 111 1.84 51.91 -24.22
N ALA B 112 1.73 53.23 -24.40
CA ALA B 112 1.45 54.07 -23.27
C ALA B 112 0.03 53.84 -22.78
N PRO B 113 -0.21 53.97 -21.47
CA PRO B 113 -1.60 53.92 -20.96
C PRO B 113 -2.42 55.14 -21.36
N SER B 114 -3.70 54.90 -21.64
CA SER B 114 -4.70 55.96 -21.56
C SER B 114 -5.06 56.12 -20.09
N VAL B 115 -5.14 57.35 -19.61
CA VAL B 115 -5.32 57.58 -18.18
C VAL B 115 -6.62 58.33 -17.95
N PHE B 116 -7.38 57.90 -16.94
CA PHE B 116 -8.69 58.44 -16.63
C PHE B 116 -8.79 58.56 -15.12
N ILE B 117 -9.38 59.65 -14.63
CA ILE B 117 -9.65 59.79 -13.19
C ILE B 117 -11.15 59.88 -12.96
N PHE B 118 -11.62 59.25 -11.87
CA PHE B 118 -13.05 59.22 -11.57
C PHE B 118 -13.26 59.75 -10.15
N PRO B 119 -14.03 60.81 -9.96
CA PRO B 119 -14.35 61.25 -8.62
C PRO B 119 -15.32 60.28 -7.94
N PRO B 120 -15.46 60.37 -6.62
CA PRO B 120 -16.52 59.60 -5.97
C PRO B 120 -17.88 60.06 -6.44
N SER B 121 -18.80 59.09 -6.52
CA SER B 121 -20.19 59.39 -6.83
C SER B 121 -20.87 60.07 -5.65
N ASP B 122 -21.91 60.86 -5.93
CA ASP B 122 -22.65 61.47 -4.84
C ASP B 122 -23.25 60.41 -3.95
N GLU B 123 -23.72 59.31 -4.55
CA GLU B 123 -24.33 58.23 -3.77
C GLU B 123 -23.35 57.68 -2.75
N GLN B 124 -22.09 57.44 -3.17
CA GLN B 124 -21.12 56.92 -2.23
C GLN B 124 -20.84 57.93 -1.13
N LEU B 125 -20.68 59.20 -1.50
CA LEU B 125 -20.41 60.23 -0.49
C LEU B 125 -21.47 60.27 0.59
N LYS B 126 -22.74 60.11 0.22
CA LYS B 126 -23.81 60.04 1.21
C LYS B 126 -23.51 59.00 2.29
N SER B 127 -22.82 57.91 1.92
CA SER B 127 -22.56 56.79 2.80
C SER B 127 -21.42 57.03 3.79
N GLY B 128 -20.62 58.09 3.60
CA GLY B 128 -19.56 58.41 4.54
C GLY B 128 -18.16 58.13 4.04
N THR B 129 -17.99 57.70 2.81
CA THR B 129 -16.70 57.34 2.25
C THR B 129 -16.59 57.91 0.85
N ALA B 130 -15.35 58.24 0.46
CA ALA B 130 -15.04 58.67 -0.90
C ALA B 130 -13.98 57.74 -1.47
N SER B 131 -14.27 57.14 -2.62
CA SER B 131 -13.29 56.39 -3.39
C SER B 131 -12.96 57.17 -4.65
N VAL B 132 -11.69 57.45 -4.89
CA VAL B 132 -11.25 58.11 -6.11
C VAL B 132 -10.46 57.09 -6.92
N VAL B 133 -10.78 56.95 -8.21
CA VAL B 133 -10.22 55.86 -9.01
C VAL B 133 -9.42 56.45 -10.16
N CYS B 134 -8.18 55.98 -10.32
CA CYS B 134 -7.34 56.31 -11.47
CA CYS B 134 -7.36 56.30 -11.46
C CYS B 134 -7.20 55.03 -12.29
N LEU B 135 -7.49 55.12 -13.58
CA LEU B 135 -7.45 53.99 -14.49
C LEU B 135 -6.32 54.20 -15.48
N LEU B 136 -5.47 53.19 -15.64
CA LEU B 136 -4.45 53.13 -16.68
C LEU B 136 -4.87 52.02 -17.63
N ASN B 137 -5.17 52.38 -18.87
CA ASN B 137 -5.82 51.44 -19.79
C ASN B 137 -4.85 50.99 -20.88
N ASN B 138 -4.72 49.66 -21.02
CA ASN B 138 -4.08 49.02 -22.18
C ASN B 138 -2.65 49.52 -22.42
N PHE B 139 -1.78 49.23 -21.45
CA PHE B 139 -0.39 49.65 -21.54
C PHE B 139 0.56 48.46 -21.53
N TYR B 140 1.78 48.71 -22.00
CA TYR B 140 2.84 47.69 -22.02
C TYR B 140 4.16 48.42 -22.05
N PRO B 141 5.17 48.00 -21.27
CA PRO B 141 5.20 46.87 -20.35
C PRO B 141 4.52 47.18 -19.04
N ARG B 142 4.55 46.21 -18.13
CA ARG B 142 3.78 46.28 -16.89
C ARG B 142 4.26 47.42 -15.97
N GLU B 143 5.54 47.75 -15.97
CA GLU B 143 6.07 48.67 -14.97
C GLU B 143 5.38 50.03 -15.09
N ALA B 144 4.78 50.49 -13.98
CA ALA B 144 4.08 51.78 -14.00
C ALA B 144 4.05 52.29 -12.59
N LYS B 145 4.16 53.62 -12.45
CA LYS B 145 4.07 54.26 -11.16
C LYS B 145 2.82 55.15 -11.16
N VAL B 146 2.03 55.06 -10.12
CA VAL B 146 0.83 55.88 -10.00
C VAL B 146 0.89 56.54 -8.62
N GLN B 147 0.90 57.87 -8.61
CA GLN B 147 1.02 58.64 -7.37
C GLN B 147 -0.19 59.57 -7.24
N TRP B 148 -0.74 59.66 -6.03
CA TRP B 148 -1.85 60.53 -5.73
C TRP B 148 -1.39 61.81 -5.04
N LYS B 149 -2.00 62.93 -5.44
CA LYS B 149 -1.78 64.21 -4.77
C LYS B 149 -3.12 64.85 -4.43
N VAL B 150 -3.23 65.34 -3.21
CA VAL B 150 -4.48 65.92 -2.75
C VAL B 150 -4.09 67.32 -2.27
N ASP B 151 -4.59 68.35 -2.98
CA ASP B 151 -4.09 69.73 -2.77
C ASP B 151 -2.57 69.73 -2.75
N ASN B 152 -2.01 69.03 -3.74
CA ASN B 152 -0.59 69.00 -4.04
C ASN B 152 0.23 68.22 -3.02
N ALA B 153 -0.40 67.59 -2.04
CA ALA B 153 0.28 66.81 -1.02
C ALA B 153 0.33 65.35 -1.47
N LEU B 154 1.55 64.79 -1.56
CA LEU B 154 1.67 63.39 -1.96
C LEU B 154 1.05 62.48 -0.91
N GLN B 155 0.27 61.51 -1.37
CA GLN B 155 -0.44 60.59 -0.50
C GLN B 155 0.36 59.32 -0.32
N SER B 156 0.29 58.75 0.87
CA SER B 156 0.91 57.47 1.10
C SER B 156 0.01 56.65 2.01
N GLY B 157 -0.11 55.36 1.72
CA GLY B 157 -0.75 54.44 2.64
C GLY B 157 -2.27 54.33 2.50
N ASN B 158 -2.90 55.15 1.65
CA ASN B 158 -4.36 55.19 1.53
C ASN B 158 -4.81 54.85 0.11
N SER B 159 -4.03 54.10 -0.64
CA SER B 159 -4.46 53.67 -1.97
C SER B 159 -4.13 52.19 -2.15
N GLN B 160 -4.90 51.53 -3.04
CA GLN B 160 -4.61 50.15 -3.40
C GLN B 160 -4.68 50.02 -4.91
N GLU B 161 -3.81 49.23 -5.48
CA GLU B 161 -3.79 48.96 -6.91
C GLU B 161 -4.29 47.56 -7.24
N SER B 162 -4.83 47.44 -8.43
CA SER B 162 -5.19 46.14 -9.00
C SER B 162 -4.79 46.15 -10.46
N VAL B 163 -4.30 45.02 -10.97
CA VAL B 163 -3.78 44.93 -12.34
C VAL B 163 -4.37 43.68 -12.97
N THR B 164 -4.74 43.80 -14.25
CA THR B 164 -5.20 42.64 -15.00
C THR B 164 -4.02 41.81 -15.48
N GLU B 165 -4.30 40.58 -15.85
CA GLU B 165 -3.35 39.75 -16.58
C GLU B 165 -3.27 40.23 -18.02
N GLN B 166 -2.17 39.88 -18.71
CA GLN B 166 -2.05 40.31 -20.10
C GLN B 166 -3.28 39.97 -20.91
N ASP B 167 -3.76 40.96 -21.66
CA ASP B 167 -4.93 40.75 -22.48
C ASP B 167 -4.69 39.70 -23.56
N SER B 168 -5.66 38.81 -23.74
CA SER B 168 -5.47 37.70 -24.67
C SER B 168 -5.41 38.15 -26.12
N LYS B 169 -5.90 39.35 -26.43
CA LYS B 169 -5.88 39.85 -27.81
C LYS B 169 -4.71 40.79 -28.09
N ASP B 170 -4.41 41.73 -27.19
CA ASP B 170 -3.37 42.70 -27.50
C ASP B 170 -2.21 42.67 -26.52
N SER B 171 -2.20 41.75 -25.56
CA SER B 171 -1.08 41.51 -24.66
C SER B 171 -0.77 42.71 -23.74
N THR B 172 -1.70 43.64 -23.56
CA THR B 172 -1.44 44.75 -22.65
C THR B 172 -1.97 44.46 -21.26
N TYR B 173 -1.66 45.37 -20.35
CA TYR B 173 -2.15 45.37 -18.99
C TYR B 173 -3.07 46.56 -18.80
N SER B 174 -3.94 46.44 -17.83
CA SER B 174 -4.67 47.61 -17.36
C SER B 174 -4.58 47.64 -15.85
N LEU B 175 -4.66 48.85 -15.26
CA LEU B 175 -4.40 48.94 -13.85
C LEU B 175 -5.33 49.97 -13.25
N SER B 176 -5.84 49.72 -12.06
CA SER B 176 -6.55 50.76 -11.32
C SER B 176 -5.80 51.09 -10.06
N SER B 177 -5.86 52.38 -9.67
CA SER B 177 -5.40 52.78 -8.34
C SER B 177 -6.58 53.45 -7.67
N THR B 178 -6.93 53.00 -6.48
CA THR B 178 -8.09 53.55 -5.76
C THR B 178 -7.63 54.20 -4.46
N LEU B 179 -7.90 55.50 -4.36
CA LEU B 179 -7.63 56.30 -3.17
C LEU B 179 -8.91 56.30 -2.36
N THR B 180 -8.83 55.91 -1.08
CA THR B 180 -10.01 55.90 -0.23
C THR B 180 -9.84 56.83 0.97
N LEU B 181 -10.79 57.74 1.13
CA LEU B 181 -10.85 58.68 2.24
C LEU B 181 -12.21 58.63 2.91
N SER B 182 -12.26 58.98 4.19
CA SER B 182 -13.56 59.26 4.78
C SER B 182 -14.20 60.45 4.07
N LYS B 183 -15.53 60.56 4.18
CA LYS B 183 -16.20 61.76 3.69
C LYS B 183 -15.56 63.01 4.28
N ALA B 184 -15.33 63.04 5.59
CA ALA B 184 -14.85 64.26 6.21
C ALA B 184 -13.48 64.66 5.68
N ASP B 185 -12.56 63.70 5.52
CA ASP B 185 -11.25 64.02 4.97
C ASP B 185 -11.35 64.46 3.53
N TYR B 186 -12.18 63.78 2.73
CA TYR B 186 -12.39 64.14 1.34
C TYR B 186 -12.85 65.58 1.20
N GLU B 187 -13.78 66.01 2.05
CA GLU B 187 -14.30 67.37 1.94
C GLU B 187 -13.37 68.41 2.56
N LYS B 188 -12.20 68.02 3.09
CA LYS B 188 -11.21 68.99 3.56
C LYS B 188 -10.32 69.51 2.44
N HIS B 189 -10.44 68.97 1.24
CA HIS B 189 -9.51 69.27 0.17
C HIS B 189 -10.26 69.45 -1.13
N LYS B 190 -9.64 70.18 -2.06
CA LYS B 190 -10.30 70.48 -3.32
C LYS B 190 -9.75 69.70 -4.50
N VAL B 191 -8.44 69.69 -4.71
CA VAL B 191 -7.84 69.18 -5.94
C VAL B 191 -7.35 67.76 -5.72
N TYR B 192 -7.83 66.86 -6.56
CA TYR B 192 -7.45 65.46 -6.52
C TYR B 192 -6.76 65.12 -7.84
N ALA B 193 -5.53 64.60 -7.75
CA ALA B 193 -4.73 64.39 -8.94
C ALA B 193 -4.04 63.03 -8.87
N CYS B 194 -4.05 62.35 -9.99
CA CYS B 194 -3.19 61.19 -10.11
CA CYS B 194 -3.30 61.12 -10.22
C CYS B 194 -2.20 61.42 -11.24
N GLU B 195 -0.97 61.02 -10.95
CA GLU B 195 0.19 61.19 -11.84
C GLU B 195 0.74 59.81 -12.19
N VAL B 196 0.88 59.59 -13.49
CA VAL B 196 1.21 58.26 -14.04
C VAL B 196 2.56 58.36 -14.73
N THR B 197 3.49 57.52 -14.31
CA THR B 197 4.80 57.42 -14.94
C THR B 197 4.87 56.08 -15.63
N HIS B 198 5.23 56.09 -16.92
CA HIS B 198 5.27 54.86 -17.70
C HIS B 198 6.18 55.15 -18.89
N GLN B 199 6.99 54.15 -19.28
CA GLN B 199 8.01 54.44 -20.27
C GLN B 199 7.42 54.74 -21.65
N GLY B 200 6.15 54.41 -21.89
CA GLY B 200 5.56 54.83 -23.15
C GLY B 200 5.16 56.29 -23.23
N LEU B 201 5.22 56.98 -22.10
CA LEU B 201 4.93 58.41 -22.01
C LEU B 201 6.24 59.19 -21.98
N SER B 202 6.36 60.18 -22.85
CA SER B 202 7.58 60.98 -22.80
C SER B 202 7.71 61.73 -21.48
N SER B 203 6.60 62.14 -20.91
CA SER B 203 6.57 62.78 -19.60
CA SER B 203 6.54 62.81 -19.61
C SER B 203 5.41 62.20 -18.82
N PRO B 204 5.49 62.21 -17.49
CA PRO B 204 4.39 61.69 -16.68
C PRO B 204 3.12 62.49 -16.95
N VAL B 205 2.00 61.80 -16.90
CA VAL B 205 0.69 62.34 -17.23
C VAL B 205 -0.06 62.54 -15.93
N THR B 206 -0.65 63.73 -15.75
CA THR B 206 -1.53 63.98 -14.63
C THR B 206 -2.98 64.10 -15.10
N LYS B 207 -3.88 63.45 -14.38
CA LYS B 207 -5.31 63.70 -14.49
C LYS B 207 -5.82 64.23 -13.16
N SER B 208 -6.68 65.23 -13.20
CA SER B 208 -7.08 65.83 -11.92
C SER B 208 -8.50 66.33 -12.01
N PHE B 209 -9.11 66.57 -10.86
CA PHE B 209 -10.39 67.27 -10.80
C PHE B 209 -10.47 68.07 -9.50
N ASN B 210 -11.42 68.98 -9.47
CA ASN B 210 -11.80 69.74 -8.29
C ASN B 210 -13.03 69.11 -7.66
N ARG B 211 -12.96 68.86 -6.36
CA ARG B 211 -14.12 68.29 -5.68
C ARG B 211 -15.34 69.18 -5.88
N GLY B 212 -16.45 68.57 -6.29
CA GLY B 212 -17.70 69.30 -6.43
C GLY B 212 -17.92 70.01 -7.76
N GLU B 213 -17.03 69.86 -8.73
CA GLU B 213 -17.23 70.51 -10.02
C GLU B 213 -18.13 69.67 -10.93
N GLN C 1 -12.58 -2.05 9.23
CA GLN C 1 -12.81 -1.72 7.84
C GLN C 1 -11.86 -2.44 6.87
N VAL C 2 -11.03 -3.35 7.37
CA VAL C 2 -10.33 -4.26 6.49
C VAL C 2 -11.35 -5.21 5.88
N GLN C 3 -11.44 -5.22 4.55
CA GLN C 3 -12.45 -6.10 3.95
C GLN C 3 -12.11 -6.49 2.52
N LEU C 4 -12.68 -7.62 2.10
CA LEU C 4 -12.59 -8.07 0.74
C LEU C 4 -14.01 -8.19 0.21
N GLN C 5 -14.31 -7.53 -0.91
CA GLN C 5 -15.67 -7.47 -1.43
C GLN C 5 -15.66 -8.15 -2.79
N GLN C 6 -16.41 -9.25 -2.92
CA GLN C 6 -16.43 -9.96 -4.19
C GLN C 6 -17.65 -9.62 -5.04
N SER C 7 -17.50 -9.93 -6.32
CA SER C 7 -18.58 -9.76 -7.29
C SER C 7 -19.71 -10.77 -7.01
N GLY C 8 -20.85 -10.56 -7.68
CA GLY C 8 -22.06 -11.32 -7.39
C GLY C 8 -22.12 -12.70 -8.00
N SER C 9 -23.28 -13.32 -7.83
CA SER C 9 -23.52 -14.66 -8.38
C SER C 9 -23.46 -14.66 -9.90
N GLU C 10 -23.05 -15.78 -10.46
CA GLU C 10 -22.92 -15.94 -11.88
C GLU C 10 -23.63 -17.23 -12.32
N LEU C 11 -24.22 -17.19 -13.49
CA LEU C 11 -24.85 -18.37 -14.09
C LEU C 11 -24.31 -18.48 -15.50
N LYS C 12 -23.66 -19.61 -15.80
CA LYS C 12 -22.94 -19.78 -17.05
C LYS C 12 -23.28 -21.12 -17.67
N LYS C 13 -23.21 -21.18 -19.00
CA LYS C 13 -23.33 -22.46 -19.70
C LYS C 13 -21.98 -23.15 -19.81
N PRO C 14 -21.99 -24.50 -19.90
CA PRO C 14 -20.75 -25.24 -20.15
C PRO C 14 -20.01 -24.66 -21.36
N GLY C 15 -18.70 -24.50 -21.21
CA GLY C 15 -17.87 -23.96 -22.28
C GLY C 15 -17.65 -22.47 -22.20
N ALA C 16 -18.42 -21.77 -21.38
CA ALA C 16 -18.31 -20.33 -21.23
C ALA C 16 -17.18 -20.01 -20.28
N SER C 17 -16.98 -18.71 -20.04
CA SER C 17 -15.95 -18.19 -19.16
C SER C 17 -16.62 -17.31 -18.11
N VAL C 18 -15.94 -17.13 -16.99
CA VAL C 18 -16.44 -16.27 -15.93
C VAL C 18 -15.24 -15.58 -15.32
N LYS C 19 -15.44 -14.34 -14.86
CA LYS C 19 -14.40 -13.65 -14.12
C LYS C 19 -14.98 -13.09 -12.83
N VAL C 20 -14.43 -13.52 -11.72
CA VAL C 20 -14.86 -13.15 -10.37
C VAL C 20 -13.88 -12.11 -9.88
N SER C 21 -14.37 -11.01 -9.28
CA SER C 21 -13.44 -10.04 -8.72
C SER C 21 -13.48 -10.02 -7.20
N CYS C 22 -12.42 -9.49 -6.62
CA CYS C 22 -12.24 -9.47 -5.17
C CYS C 22 -11.54 -8.14 -4.86
N LYS C 23 -12.30 -7.16 -4.36
CA LYS C 23 -11.78 -5.81 -4.15
C LYS C 23 -11.42 -5.66 -2.67
N ALA C 24 -10.14 -5.36 -2.42
CA ALA C 24 -9.64 -5.09 -1.09
C ALA C 24 -9.80 -3.62 -0.72
N SER C 25 -10.16 -3.38 0.54
CA SER C 25 -10.15 -2.03 1.05
C SER C 25 -9.73 -2.09 2.51
N GLY C 26 -9.21 -0.96 2.99
CA GLY C 26 -8.85 -0.83 4.37
C GLY C 26 -7.47 -1.30 4.73
N TYR C 27 -6.66 -1.72 3.75
CA TYR C 27 -5.29 -2.16 4.01
C TYR C 27 -4.46 -2.05 2.75
N THR C 28 -3.14 -2.19 2.88
CA THR C 28 -2.23 -2.07 1.75
C THR C 28 -2.22 -3.37 0.96
N PHE C 29 -2.81 -3.32 -0.25
CA PHE C 29 -3.11 -4.54 -0.99
C PHE C 29 -1.85 -5.34 -1.28
N THR C 30 -0.75 -4.65 -1.65
CA THR C 30 0.48 -5.36 -2.00
C THR C 30 1.27 -5.81 -0.77
N ASN C 31 0.76 -5.66 0.45
CA ASN C 31 1.44 -6.25 1.61
C ASN C 31 0.96 -7.67 1.93
N TYR C 32 0.00 -8.21 1.17
CA TYR C 32 -0.56 -9.53 1.48
C TYR C 32 -0.81 -10.29 0.19
N GLY C 33 -0.70 -11.63 0.27
CA GLY C 33 -1.13 -12.46 -0.84
C GLY C 33 -2.64 -12.65 -0.90
N MET C 34 -3.15 -13.02 -2.06
CA MET C 34 -4.57 -13.30 -2.23
C MET C 34 -4.72 -14.75 -2.65
N ASN C 35 -5.55 -15.46 -1.92
CA ASN C 35 -5.76 -16.89 -2.10
C ASN C 35 -7.15 -17.14 -2.65
N TRP C 36 -7.34 -18.24 -3.40
CA TRP C 36 -8.63 -18.57 -3.95
C TRP C 36 -9.01 -19.95 -3.44
N VAL C 37 -10.22 -20.05 -2.87
CA VAL C 37 -10.69 -21.27 -2.23
C VAL C 37 -12.03 -21.63 -2.86
N LYS C 38 -12.19 -22.87 -3.25
CA LYS C 38 -13.42 -23.40 -3.85
C LYS C 38 -14.23 -24.14 -2.80
N GLN C 39 -15.54 -23.94 -2.79
CA GLN C 39 -16.42 -24.75 -1.92
C GLN C 39 -17.60 -25.19 -2.75
N ALA C 40 -17.58 -26.44 -3.24
CA ALA C 40 -18.72 -26.91 -4.02
C ALA C 40 -19.94 -27.10 -3.10
N PRO C 41 -21.16 -27.17 -3.66
CA PRO C 41 -22.36 -27.21 -2.80
C PRO C 41 -22.36 -28.42 -1.86
N GLY C 42 -22.46 -28.11 -0.56
CA GLY C 42 -22.47 -29.17 0.45
C GLY C 42 -21.10 -29.75 0.78
N GLN C 43 -20.03 -29.22 0.20
CA GLN C 43 -18.71 -29.83 0.32
C GLN C 43 -17.80 -28.94 1.17
N GLY C 44 -16.56 -29.36 1.32
CA GLY C 44 -15.58 -28.63 2.14
C GLY C 44 -14.82 -27.60 1.34
N LEU C 45 -13.67 -27.22 1.85
CA LEU C 45 -12.86 -26.14 1.29
C LEU C 45 -11.67 -26.75 0.54
N LYS C 46 -11.38 -26.21 -0.64
CA LYS C 46 -10.25 -26.67 -1.46
C LYS C 46 -9.50 -25.44 -1.90
N TRP C 47 -8.20 -25.41 -1.61
CA TRP C 47 -7.38 -24.27 -2.01
C TRP C 47 -6.94 -24.41 -3.47
N MET C 48 -7.22 -23.37 -4.27
CA MET C 48 -6.92 -23.42 -5.70
C MET C 48 -5.53 -22.92 -6.03
N GLY C 49 -4.97 -22.06 -5.19
CA GLY C 49 -3.71 -21.40 -5.44
C GLY C 49 -3.78 -19.98 -4.90
N TRP C 50 -2.77 -19.20 -5.25
CA TRP C 50 -2.73 -17.84 -4.74
C TRP C 50 -1.95 -16.96 -5.69
N ILE C 51 -2.06 -15.66 -5.48
CA ILE C 51 -1.26 -14.75 -6.28
C ILE C 51 -0.49 -13.84 -5.33
N ASN C 52 0.80 -13.69 -5.60
CA ASN C 52 1.64 -12.79 -4.83
C ASN C 52 1.38 -11.39 -5.37
N THR C 53 0.76 -10.51 -4.56
CA THR C 53 0.42 -9.19 -5.06
C THR C 53 1.64 -8.29 -5.24
N TYR C 54 2.75 -8.60 -4.57
CA TYR C 54 3.93 -7.76 -4.66
C TYR C 54 4.73 -8.09 -5.92
N THR C 55 4.84 -9.38 -6.28
CA THR C 55 5.56 -9.76 -7.48
C THR C 55 4.65 -9.93 -8.67
N GLY C 56 3.35 -10.12 -8.43
CA GLY C 56 2.37 -10.41 -9.45
C GLY C 56 2.27 -11.88 -9.83
N GLU C 57 3.08 -12.73 -9.22
CA GLU C 57 3.22 -14.11 -9.70
C GLU C 57 2.12 -14.98 -9.13
N PRO C 58 1.38 -15.67 -9.97
CA PRO C 58 0.42 -16.66 -9.47
C PRO C 58 1.06 -18.01 -9.26
N THR C 59 0.50 -18.76 -8.30
CA THR C 59 0.85 -20.17 -8.09
C THR C 59 -0.42 -20.98 -8.15
N TYR C 60 -0.46 -21.95 -9.06
CA TYR C 60 -1.64 -22.80 -9.22
C TYR C 60 -1.37 -24.16 -8.60
N THR C 61 -2.45 -24.90 -8.41
CA THR C 61 -2.33 -26.29 -8.03
C THR C 61 -2.54 -27.18 -9.25
N ASP C 62 -2.24 -28.47 -9.07
CA ASP C 62 -2.38 -29.40 -10.19
C ASP C 62 -3.81 -29.47 -10.71
N ASP C 63 -4.80 -29.28 -9.85
CA ASP C 63 -6.20 -29.34 -10.25
C ASP C 63 -6.72 -28.05 -10.86
N PHE C 64 -5.99 -26.95 -10.74
CA PHE C 64 -6.47 -25.66 -11.22
C PHE C 64 -5.41 -24.97 -12.07
N LYS C 65 -5.05 -25.58 -13.19
CA LYS C 65 -4.02 -25.09 -14.11
C LYS C 65 -4.62 -25.00 -15.52
N GLY C 66 -4.14 -24.05 -16.32
CA GLY C 66 -4.58 -24.03 -17.71
C GLY C 66 -5.77 -23.13 -17.97
N ARG C 67 -6.96 -23.57 -17.56
CA ARG C 67 -8.18 -22.78 -17.74
C ARG C 67 -8.56 -21.98 -16.50
N PHE C 68 -7.71 -21.95 -15.47
CA PHE C 68 -7.86 -21.04 -14.34
C PHE C 68 -6.76 -20.01 -14.42
N ALA C 69 -7.08 -18.76 -14.12
CA ALA C 69 -6.07 -17.71 -14.17
C ALA C 69 -6.32 -16.73 -13.04
N PHE C 70 -5.29 -16.45 -12.25
CA PHE C 70 -5.36 -15.40 -11.24
C PHE C 70 -4.67 -14.16 -11.79
N SER C 71 -5.29 -13.00 -11.59
CA SER C 71 -4.72 -11.77 -12.09
C SER C 71 -5.00 -10.67 -11.08
N LEU C 72 -4.39 -9.51 -11.34
CA LEU C 72 -4.50 -8.39 -10.42
C LEU C 72 -4.66 -7.11 -11.20
N ASP C 73 -5.28 -6.12 -10.54
CA ASP C 73 -5.15 -4.71 -10.94
C ASP C 73 -4.81 -3.99 -9.64
N THR C 74 -3.50 -3.79 -9.38
CA THR C 74 -3.09 -3.20 -8.11
C THR C 74 -3.58 -1.77 -8.01
N SER C 75 -3.67 -1.07 -9.14
CA SER C 75 -4.10 0.33 -9.12
C SER C 75 -5.48 0.49 -8.50
N VAL C 76 -6.28 -0.57 -8.44
CA VAL C 76 -7.60 -0.54 -7.80
C VAL C 76 -7.73 -1.64 -6.75
N SER C 77 -6.59 -2.15 -6.26
CA SER C 77 -6.54 -3.11 -5.16
C SER C 77 -7.51 -4.25 -5.38
N THR C 78 -7.52 -4.81 -6.59
CA THR C 78 -8.47 -5.89 -6.93
C THR C 78 -7.72 -7.09 -7.48
N ALA C 79 -8.13 -8.26 -7.01
CA ALA C 79 -7.68 -9.53 -7.53
C ALA C 79 -8.82 -10.16 -8.35
N TYR C 80 -8.47 -10.96 -9.34
CA TYR C 80 -9.49 -11.57 -10.18
C TYR C 80 -9.22 -13.05 -10.31
N LEU C 81 -10.31 -13.80 -10.42
CA LEU C 81 -10.27 -15.22 -10.76
C LEU C 81 -11.00 -15.40 -12.08
N GLN C 82 -10.34 -15.94 -13.07
CA GLN C 82 -11.00 -16.28 -14.33
C GLN C 82 -11.02 -17.78 -14.50
N ILE C 83 -12.16 -18.31 -14.93
CA ILE C 83 -12.28 -19.72 -15.23
C ILE C 83 -12.84 -19.82 -16.64
N SER C 84 -12.16 -20.57 -17.52
CA SER C 84 -12.65 -20.74 -18.88
C SER C 84 -13.04 -22.20 -19.08
N SER C 85 -13.66 -22.50 -20.22
CA SER C 85 -14.13 -23.85 -20.51
C SER C 85 -14.93 -24.43 -19.34
N LEU C 86 -15.88 -23.64 -18.85
CA LEU C 86 -16.61 -24.02 -17.64
C LEU C 86 -17.32 -25.37 -17.83
N LYS C 87 -17.39 -26.11 -16.73
CA LYS C 87 -18.15 -27.35 -16.73
C LYS C 87 -18.94 -27.46 -15.44
N ALA C 88 -19.87 -28.44 -15.41
CA ALA C 88 -20.84 -28.42 -14.31
C ALA C 88 -20.17 -28.56 -12.95
N ASP C 89 -19.09 -29.35 -12.82
CA ASP C 89 -18.47 -29.46 -11.50
C ASP C 89 -17.57 -28.28 -11.13
N ASP C 90 -17.60 -27.21 -11.93
CA ASP C 90 -17.07 -25.94 -11.45
C ASP C 90 -18.10 -25.20 -10.61
N THR C 91 -19.33 -25.70 -10.56
CA THR C 91 -20.34 -25.05 -9.72
C THR C 91 -19.91 -25.06 -8.26
N ALA C 92 -19.79 -23.86 -7.67
CA ALA C 92 -19.20 -23.73 -6.34
C ALA C 92 -19.28 -22.28 -5.93
N VAL C 93 -19.09 -22.04 -4.63
CA VAL C 93 -18.74 -20.70 -4.16
C VAL C 93 -17.22 -20.58 -4.20
N TYR C 94 -16.74 -19.47 -4.74
CA TYR C 94 -15.31 -19.19 -4.82
C TYR C 94 -15.05 -18.06 -3.84
N PHE C 95 -14.18 -18.31 -2.86
CA PHE C 95 -13.78 -17.26 -1.92
C PHE C 95 -12.40 -16.75 -2.29
N CYS C 96 -12.18 -15.45 -2.11
CA CYS C 96 -10.83 -14.94 -2.01
C CYS C 96 -10.50 -14.75 -0.53
N ALA C 97 -9.24 -14.95 -0.18
CA ALA C 97 -8.87 -14.85 1.22
C ALA C 97 -7.40 -14.41 1.33
N ARG C 98 -7.14 -13.51 2.27
CA ARG C 98 -5.88 -12.84 2.37
C ARG C 98 -4.93 -13.70 3.19
N GLY C 99 -3.66 -13.71 2.79
CA GLY C 99 -2.64 -14.32 3.64
C GLY C 99 -1.34 -13.59 3.43
N GLY C 100 -0.24 -14.16 3.92
CA GLY C 100 1.07 -13.56 3.73
C GLY C 100 1.84 -14.13 2.54
N PHE C 101 3.17 -13.95 2.58
CA PHE C 101 4.04 -14.38 1.48
C PHE C 101 4.94 -15.55 1.88
N GLY C 102 4.75 -16.12 3.05
CA GLY C 102 5.42 -17.38 3.35
C GLY C 102 4.59 -18.16 4.32
N SER C 103 5.01 -19.41 4.56
CA SER C 103 4.08 -20.37 5.14
C SER C 103 3.69 -20.05 6.58
N SER C 104 4.54 -19.34 7.34
CA SER C 104 4.14 -19.00 8.71
C SER C 104 3.08 -17.91 8.73
N TYR C 105 2.68 -17.44 7.55
CA TYR C 105 1.55 -16.52 7.41
C TYR C 105 0.58 -17.01 6.35
N TRP C 106 0.52 -18.34 6.11
CA TRP C 106 -0.39 -18.88 5.11
C TRP C 106 -1.63 -19.49 5.76
N TYR C 107 -2.00 -18.96 6.89
CA TYR C 107 -3.37 -19.00 7.38
C TYR C 107 -4.12 -17.76 6.86
N PHE C 108 -5.45 -17.83 6.80
CA PHE C 108 -6.24 -16.79 6.11
C PHE C 108 -7.07 -15.99 7.10
N ASP C 109 -6.70 -14.70 7.30
CA ASP C 109 -7.32 -13.93 8.34
C ASP C 109 -8.53 -13.15 7.89
N VAL C 110 -8.61 -12.81 6.61
CA VAL C 110 -9.68 -11.98 6.08
C VAL C 110 -10.19 -12.66 4.83
N TRP C 111 -11.51 -12.80 4.74
CA TRP C 111 -12.13 -13.48 3.62
C TRP C 111 -13.18 -12.63 2.94
N GLY C 112 -13.27 -12.80 1.61
CA GLY C 112 -14.42 -12.28 0.87
C GLY C 112 -15.66 -13.07 1.22
N GLN C 113 -16.80 -12.55 0.81
CA GLN C 113 -18.07 -13.17 1.15
C GLN C 113 -18.36 -14.37 0.27
N GLY C 114 -17.55 -14.59 -0.76
CA GLY C 114 -17.79 -15.69 -1.71
C GLY C 114 -18.61 -15.22 -2.90
N SER C 115 -18.34 -15.82 -4.06
CA SER C 115 -19.10 -15.62 -5.30
C SER C 115 -19.58 -16.98 -5.76
N LEU C 116 -20.89 -17.15 -5.88
CA LEU C 116 -21.44 -18.40 -6.39
C LEU C 116 -21.38 -18.40 -7.90
N VAL C 117 -20.79 -19.47 -8.47
CA VAL C 117 -20.77 -19.66 -9.91
C VAL C 117 -21.48 -20.95 -10.16
N THR C 118 -22.56 -20.89 -10.91
CA THR C 118 -23.33 -22.07 -11.27
C THR C 118 -23.16 -22.32 -12.76
N VAL C 119 -22.83 -23.54 -13.13
CA VAL C 119 -22.60 -23.90 -14.54
C VAL C 119 -23.68 -24.92 -14.90
N SER C 120 -24.50 -24.60 -15.89
CA SER C 120 -25.60 -25.50 -16.26
C SER C 120 -26.01 -25.24 -17.70
N SER C 121 -26.44 -26.28 -18.37
CA SER C 121 -27.03 -26.11 -19.69
C SER C 121 -28.54 -25.90 -19.64
N ALA C 122 -29.14 -25.92 -18.45
CA ALA C 122 -30.59 -25.79 -18.34
C ALA C 122 -31.07 -24.38 -18.68
N SER C 123 -32.30 -24.29 -19.15
CA SER C 123 -32.97 -23.03 -19.36
C SER C 123 -33.90 -22.70 -18.20
N THR C 124 -34.20 -21.41 -18.03
CA THR C 124 -35.16 -21.00 -17.02
C THR C 124 -36.48 -21.74 -17.19
N LYS C 125 -36.97 -22.33 -16.10
CA LYS C 125 -38.23 -23.08 -16.16
C LYS C 125 -38.88 -23.00 -14.79
N GLY C 126 -40.19 -22.71 -14.77
CA GLY C 126 -40.93 -22.63 -13.52
C GLY C 126 -41.32 -24.02 -13.07
N PRO C 127 -41.56 -24.20 -11.77
CA PRO C 127 -41.86 -25.54 -11.25
C PRO C 127 -43.27 -26.00 -11.60
N SER C 128 -43.44 -27.32 -11.63
CA SER C 128 -44.77 -27.91 -11.49
C SER C 128 -45.00 -28.22 -10.01
N VAL C 129 -46.24 -28.06 -9.56
CA VAL C 129 -46.52 -28.17 -8.12
C VAL C 129 -47.57 -29.24 -7.93
N PHE C 130 -47.21 -30.33 -7.23
CA PHE C 130 -48.15 -31.44 -7.07
C PHE C 130 -48.46 -31.63 -5.60
N PRO C 131 -49.69 -32.01 -5.26
CA PRO C 131 -50.03 -32.21 -3.86
C PRO C 131 -49.47 -33.51 -3.33
N LEU C 132 -49.01 -33.46 -2.08
CA LEU C 132 -48.73 -34.66 -1.28
C LEU C 132 -49.92 -34.78 -0.33
N ALA C 133 -50.93 -35.55 -0.75
CA ALA C 133 -52.19 -35.46 -0.06
C ALA C 133 -52.16 -36.24 1.25
N PRO C 134 -52.86 -35.75 2.28
CA PRO C 134 -52.88 -36.48 3.55
C PRO C 134 -53.59 -37.83 3.38
N SER C 135 -52.97 -38.88 3.95
CA SER C 135 -53.47 -40.25 3.77
C SER C 135 -54.82 -40.41 4.43
N SER C 136 -55.69 -41.18 3.77
CA SER C 136 -56.99 -41.48 4.30
C SER C 136 -56.87 -42.32 5.57
N GLY C 142 -53.19 -39.05 15.88
CA GLY C 142 -54.08 -37.94 15.63
C GLY C 142 -53.43 -36.84 14.79
N THR C 143 -52.24 -37.12 14.26
CA THR C 143 -51.47 -36.17 13.46
C THR C 143 -51.35 -36.65 12.02
N ALA C 144 -51.68 -35.78 11.07
CA ALA C 144 -51.54 -36.06 9.65
C ALA C 144 -50.41 -35.25 9.05
N ALA C 145 -49.77 -35.80 8.02
CA ALA C 145 -48.81 -35.04 7.23
C ALA C 145 -49.36 -34.79 5.84
N LEU C 146 -49.01 -33.62 5.28
CA LEU C 146 -49.43 -33.27 3.93
C LEU C 146 -48.36 -32.37 3.36
N GLY C 147 -48.42 -32.14 2.05
CA GLY C 147 -47.28 -31.43 1.49
C GLY C 147 -47.49 -31.03 0.05
N CYS C 148 -46.45 -30.44 -0.51
CA CYS C 148 -46.42 -30.05 -1.91
C CYS C 148 -45.06 -30.44 -2.46
N LEU C 149 -45.09 -31.11 -3.61
CA LEU C 149 -43.89 -31.47 -4.36
C LEU C 149 -43.67 -30.42 -5.44
N VAL C 150 -42.53 -29.77 -5.39
CA VAL C 150 -42.23 -28.64 -6.27
C VAL C 150 -41.17 -29.12 -7.25
N LYS C 151 -41.57 -29.50 -8.44
CA LYS C 151 -40.72 -30.29 -9.31
C LYS C 151 -40.29 -29.52 -10.56
N ASP C 152 -39.03 -29.74 -10.94
CA ASP C 152 -38.51 -29.43 -12.28
C ASP C 152 -38.46 -27.94 -12.55
N TYR C 153 -37.63 -27.25 -11.78
CA TYR C 153 -37.45 -25.83 -11.99
C TYR C 153 -35.97 -25.50 -12.13
N PHE C 154 -35.73 -24.31 -12.71
CA PHE C 154 -34.38 -23.80 -12.89
C PHE C 154 -34.46 -22.30 -13.12
N PRO C 155 -33.58 -21.50 -12.53
CA PRO C 155 -32.58 -21.85 -11.52
C PRO C 155 -33.18 -21.84 -10.12
N GLU C 156 -32.35 -22.04 -9.10
CA GLU C 156 -32.78 -21.77 -7.76
C GLU C 156 -32.93 -20.27 -7.56
N PRO C 157 -33.71 -19.85 -6.57
CA PRO C 157 -34.49 -20.62 -5.59
C PRO C 157 -35.98 -20.62 -5.88
N VAL C 158 -36.73 -21.52 -5.24
CA VAL C 158 -38.15 -21.29 -5.00
C VAL C 158 -38.35 -20.99 -3.52
N THR C 159 -39.40 -20.24 -3.22
CA THR C 159 -39.87 -20.07 -1.86
C THR C 159 -41.22 -20.77 -1.72
N VAL C 160 -41.49 -21.30 -0.53
CA VAL C 160 -42.75 -21.96 -0.23
C VAL C 160 -43.27 -21.42 1.10
N SER C 161 -44.54 -21.06 1.11
CA SER C 161 -45.20 -20.77 2.37
C SER C 161 -46.47 -21.58 2.41
N TRP C 162 -47.13 -21.57 3.57
CA TRP C 162 -48.38 -22.29 3.76
C TRP C 162 -49.42 -21.31 4.27
N ASN C 163 -50.58 -21.32 3.64
CA ASN C 163 -51.68 -20.42 4.03
C ASN C 163 -51.18 -18.99 4.17
N SER C 164 -50.33 -18.59 3.22
CA SER C 164 -49.83 -17.23 3.06
C SER C 164 -49.04 -16.75 4.28
N GLY C 165 -48.42 -17.69 4.98
CA GLY C 165 -47.60 -17.38 6.14
C GLY C 165 -48.29 -17.50 7.47
N ALA C 166 -49.59 -17.83 7.48
CA ALA C 166 -50.29 -18.05 8.74
C ALA C 166 -49.95 -19.40 9.35
N LEU C 167 -49.47 -20.33 8.55
CA LEU C 167 -49.13 -21.67 9.02
C LEU C 167 -47.62 -21.81 8.93
N THR C 168 -46.95 -21.80 10.07
CA THR C 168 -45.51 -22.00 10.08
C THR C 168 -45.10 -23.14 11.00
N SER C 169 -45.87 -23.36 12.06
CA SER C 169 -45.58 -24.45 12.98
C SER C 169 -45.67 -25.78 12.25
N GLY C 170 -44.64 -26.60 12.42
CA GLY C 170 -44.65 -27.94 11.86
C GLY C 170 -44.31 -28.02 10.38
N VAL C 171 -44.03 -26.90 9.74
CA VAL C 171 -43.63 -26.87 8.34
C VAL C 171 -42.16 -27.25 8.24
N HIS C 172 -41.85 -28.13 7.29
CA HIS C 172 -40.47 -28.40 6.87
C HIS C 172 -40.42 -28.25 5.37
N THR C 173 -39.64 -27.31 4.89
CA THR C 173 -39.40 -27.17 3.46
C THR C 173 -37.99 -27.66 3.21
N PHE C 174 -37.85 -28.71 2.44
CA PHE C 174 -36.56 -29.37 2.24
C PHE C 174 -35.66 -28.58 1.31
N PRO C 175 -34.34 -28.67 1.53
CA PRO C 175 -33.39 -28.16 0.52
C PRO C 175 -33.64 -28.82 -0.83
N ALA C 176 -33.44 -28.04 -1.89
CA ALA C 176 -33.63 -28.57 -3.22
C ALA C 176 -32.57 -29.60 -3.57
N VAL C 177 -32.93 -30.54 -4.42
CA VAL C 177 -31.95 -31.48 -4.98
C VAL C 177 -31.83 -31.22 -6.46
N LEU C 178 -30.62 -31.34 -6.98
CA LEU C 178 -30.40 -31.22 -8.42
C LEU C 178 -30.62 -32.60 -9.02
N GLN C 179 -31.58 -32.70 -9.94
CA GLN C 179 -31.87 -33.97 -10.59
C GLN C 179 -30.93 -34.21 -11.76
N SER C 180 -30.92 -35.46 -12.26
CA SER C 180 -30.06 -35.78 -13.40
C SER C 180 -30.46 -35.02 -14.65
N SER C 181 -31.71 -34.55 -14.72
CA SER C 181 -32.16 -33.69 -15.81
C SER C 181 -31.48 -32.32 -15.81
N GLY C 182 -30.82 -31.95 -14.72
CA GLY C 182 -30.35 -30.58 -14.56
C GLY C 182 -31.37 -29.62 -14.00
N LEU C 183 -32.56 -30.08 -13.66
CA LEU C 183 -33.56 -29.26 -13.00
C LEU C 183 -33.61 -29.62 -11.52
N TYR C 184 -34.06 -28.67 -10.72
CA TYR C 184 -34.15 -28.84 -9.27
C TYR C 184 -35.55 -29.29 -8.87
N SER C 185 -35.63 -29.89 -7.69
CA SER C 185 -36.89 -30.34 -7.13
CA SER C 185 -36.91 -30.29 -7.12
C SER C 185 -36.79 -30.24 -5.61
N LEU C 186 -37.88 -29.88 -4.95
CA LEU C 186 -37.94 -29.99 -3.50
C LEU C 186 -39.36 -30.33 -3.11
N SER C 187 -39.55 -30.63 -1.83
CA SER C 187 -40.87 -30.80 -1.25
C SER C 187 -40.98 -29.91 -0.03
N SER C 188 -42.21 -29.51 0.29
CA SER C 188 -42.50 -28.85 1.54
C SER C 188 -43.64 -29.62 2.18
N VAL C 189 -43.50 -29.96 3.46
CA VAL C 189 -44.48 -30.73 4.20
C VAL C 189 -44.85 -30.01 5.49
N VAL C 190 -45.96 -30.43 6.08
CA VAL C 190 -46.44 -29.88 7.34
C VAL C 190 -47.24 -30.96 8.01
N THR C 191 -47.13 -31.06 9.34
CA THR C 191 -47.98 -31.95 10.08
C THR C 191 -49.02 -31.12 10.82
N VAL C 192 -50.25 -31.62 10.82
CA VAL C 192 -51.40 -30.92 11.36
C VAL C 192 -52.27 -31.94 12.09
N PRO C 193 -53.19 -31.47 12.93
CA PRO C 193 -54.11 -32.42 13.56
C PRO C 193 -54.97 -33.09 12.49
N SER C 194 -55.10 -34.41 12.57
CA SER C 194 -55.90 -35.09 11.57
C SER C 194 -57.35 -34.66 11.68
N SER C 195 -57.78 -34.23 12.87
CA SER C 195 -59.10 -33.67 13.08
C SER C 195 -59.37 -32.44 12.22
N SER C 196 -58.31 -31.74 11.78
CA SER C 196 -58.46 -30.50 11.04
C SER C 196 -58.63 -30.70 9.54
N LEU C 197 -58.48 -31.93 9.03
CA LEU C 197 -58.50 -32.13 7.58
C LEU C 197 -59.86 -31.80 6.99
N GLY C 198 -60.94 -32.06 7.71
CA GLY C 198 -62.27 -31.81 7.19
C GLY C 198 -62.70 -30.36 7.18
N THR C 199 -62.02 -29.51 7.94
CA THR C 199 -62.48 -28.14 8.13
C THR C 199 -61.46 -27.06 7.77
N GLN C 200 -60.16 -27.33 7.94
CA GLN C 200 -59.13 -26.33 7.65
C GLN C 200 -58.61 -26.56 6.22
N THR C 201 -58.50 -25.49 5.45
CA THR C 201 -57.94 -25.60 4.11
C THR C 201 -56.44 -25.36 4.15
N TYR C 202 -55.71 -26.15 3.38
CA TYR C 202 -54.26 -26.12 3.36
C TYR C 202 -53.80 -25.83 1.94
N ILE C 203 -53.11 -24.70 1.77
CA ILE C 203 -52.63 -24.23 0.48
C ILE C 203 -51.14 -23.96 0.60
N CYS C 204 -50.34 -24.58 -0.26
CA CYS C 204 -48.94 -24.19 -0.35
C CYS C 204 -48.76 -23.08 -1.40
N ASN C 205 -48.05 -22.03 -1.03
CA ASN C 205 -47.84 -20.90 -1.93
C ASN C 205 -46.41 -21.00 -2.45
N VAL C 206 -46.26 -21.20 -3.76
CA VAL C 206 -44.94 -21.44 -4.36
C VAL C 206 -44.60 -20.29 -5.30
N ASN C 207 -43.42 -19.70 -5.10
CA ASN C 207 -42.95 -18.59 -5.92
C ASN C 207 -41.58 -18.94 -6.50
N HIS C 208 -41.44 -18.77 -7.81
CA HIS C 208 -40.18 -18.98 -8.51
C HIS C 208 -39.98 -17.69 -9.31
N LYS C 209 -39.25 -16.75 -8.72
CA LYS C 209 -39.12 -15.43 -9.33
C LYS C 209 -38.45 -15.44 -10.71
N PRO C 210 -37.46 -16.31 -10.99
CA PRO C 210 -36.83 -16.25 -12.33
C PRO C 210 -37.78 -16.48 -13.48
N SER C 211 -38.87 -17.18 -13.26
CA SER C 211 -39.83 -17.46 -14.31
C SER C 211 -41.14 -16.74 -14.10
N ASN C 212 -41.22 -15.91 -13.06
CA ASN C 212 -42.45 -15.24 -12.67
C ASN C 212 -43.57 -16.24 -12.42
N THR C 213 -43.24 -17.37 -11.83
CA THR C 213 -44.22 -18.40 -11.49
C THR C 213 -44.72 -18.20 -10.08
N LYS C 214 -46.03 -18.11 -9.94
CA LYS C 214 -46.66 -18.06 -8.63
C LYS C 214 -47.80 -19.07 -8.66
N VAL C 215 -47.75 -20.05 -7.78
CA VAL C 215 -48.75 -21.12 -7.74
C VAL C 215 -49.26 -21.24 -6.31
N ASP C 216 -50.57 -21.26 -6.16
CA ASP C 216 -51.23 -21.61 -4.91
C ASP C 216 -51.88 -22.96 -5.16
N LYS C 217 -51.42 -23.98 -4.46
CA LYS C 217 -51.89 -25.35 -4.66
C LYS C 217 -52.65 -25.79 -3.42
N ARG C 218 -53.94 -26.10 -3.58
CA ARG C 218 -54.72 -26.63 -2.48
C ARG C 218 -54.38 -28.11 -2.28
N VAL C 219 -54.15 -28.51 -1.04
CA VAL C 219 -53.80 -29.88 -0.74
C VAL C 219 -54.93 -30.44 0.10
N GLU C 220 -55.66 -31.40 -0.46
CA GLU C 220 -56.83 -31.93 0.20
C GLU C 220 -56.80 -33.46 0.19
N PRO C 221 -57.45 -34.08 1.18
CA PRO C 221 -57.51 -35.55 1.19
C PRO C 221 -58.20 -36.06 -0.07
N LYS C 222 -57.72 -37.19 -0.58
CA LYS C 222 -58.19 -37.70 -1.88
C LYS C 222 -59.49 -38.48 -1.74
N ASP D 1 0.00 -34.26 -2.04
CA ASP D 1 -0.47 -33.21 -1.10
C ASP D 1 -0.54 -33.75 0.33
N ILE D 2 -0.33 -32.90 1.32
CA ILE D 2 -0.55 -33.30 2.69
C ILE D 2 -2.04 -33.53 2.93
N GLN D 3 -2.38 -34.72 3.40
CA GLN D 3 -3.77 -35.05 3.68
C GLN D 3 -4.03 -34.79 5.16
N LEU D 4 -5.18 -34.21 5.47
CA LEU D 4 -5.58 -34.01 6.85
C LEU D 4 -6.79 -34.88 7.16
N THR D 5 -6.69 -35.67 8.20
CA THR D 5 -7.78 -36.56 8.62
C THR D 5 -8.41 -35.93 9.85
N GLN D 6 -9.57 -35.33 9.67
CA GLN D 6 -10.24 -34.59 10.72
C GLN D 6 -11.37 -35.43 11.28
N SER D 7 -11.43 -35.53 12.61
CA SER D 7 -12.38 -36.39 13.30
C SER D 7 -12.97 -35.67 14.50
N PRO D 8 -14.22 -35.94 14.83
CA PRO D 8 -15.19 -36.74 14.10
C PRO D 8 -15.80 -35.90 12.99
N SER D 9 -16.50 -36.56 12.06
CA SER D 9 -17.14 -35.75 11.04
C SER D 9 -18.32 -34.96 11.61
N SER D 10 -18.89 -35.42 12.71
CA SER D 10 -19.89 -34.64 13.42
C SER D 10 -19.90 -35.03 14.87
N LEU D 11 -20.35 -34.10 15.71
CA LEU D 11 -20.55 -34.43 17.09
C LEU D 11 -21.71 -33.61 17.62
N SER D 12 -22.36 -34.12 18.65
CA SER D 12 -23.45 -33.40 19.29
C SER D 12 -23.02 -32.97 20.69
N ALA D 13 -23.39 -31.75 21.10
CA ALA D 13 -22.97 -31.30 22.40
C ALA D 13 -24.04 -30.38 22.95
N SER D 14 -23.96 -30.13 24.24
CA SER D 14 -24.83 -29.16 24.89
C SER D 14 -24.06 -27.90 25.22
N VAL D 15 -24.79 -26.78 25.33
CA VAL D 15 -24.21 -25.56 25.85
C VAL D 15 -23.52 -25.87 27.18
N GLY D 16 -22.26 -25.44 27.29
CA GLY D 16 -21.50 -25.65 28.50
C GLY D 16 -20.57 -26.84 28.41
N ASP D 17 -20.73 -27.70 27.41
CA ASP D 17 -19.86 -28.85 27.30
C ASP D 17 -18.46 -28.47 26.83
N ARG D 18 -17.49 -29.32 27.19
CA ARG D 18 -16.18 -29.26 26.59
C ARG D 18 -16.16 -30.12 25.32
N VAL D 19 -15.70 -29.55 24.22
CA VAL D 19 -15.73 -30.18 22.90
C VAL D 19 -14.30 -30.26 22.38
N SER D 20 -13.90 -31.43 21.85
CA SER D 20 -12.59 -31.60 21.22
C SER D 20 -12.73 -32.16 19.80
N ILE D 21 -12.00 -31.58 18.88
CA ILE D 21 -11.97 -31.97 17.47
C ILE D 21 -10.50 -32.23 17.12
N THR D 22 -10.21 -33.31 16.42
CA THR D 22 -8.81 -33.60 16.09
C THR D 22 -8.51 -33.53 14.61
N CYS D 23 -7.23 -33.31 14.30
CA CYS D 23 -6.77 -33.23 12.92
C CYS D 23 -5.46 -33.99 12.86
N LYS D 24 -5.38 -35.02 12.00
CA LYS D 24 -4.16 -35.80 11.86
C LYS D 24 -3.57 -35.49 10.49
N ALA D 25 -2.35 -34.99 10.47
CA ALA D 25 -1.67 -34.72 9.21
C ALA D 25 -0.88 -35.93 8.72
N SER D 26 -0.86 -36.13 7.39
CA SER D 26 -0.24 -37.30 6.81
C SER D 26 1.29 -37.27 6.86
N GLN D 27 1.88 -36.10 7.21
CA GLN D 27 3.31 -36.07 7.50
C GLN D 27 3.51 -34.98 8.55
N ASP D 28 4.73 -34.91 9.11
CA ASP D 28 5.01 -33.92 10.15
C ASP D 28 4.91 -32.52 9.59
N VAL D 29 4.08 -31.67 10.22
CA VAL D 29 3.91 -30.30 9.76
C VAL D 29 4.34 -29.29 10.82
N SER D 30 5.27 -29.68 11.69
CA SER D 30 5.73 -28.82 12.81
C SER D 30 4.49 -28.38 13.60
N ILE D 31 4.28 -27.08 13.82
CA ILE D 31 3.06 -26.57 14.46
C ILE D 31 2.17 -25.79 13.48
N ALA D 32 2.33 -26.04 12.18
CA ALA D 32 1.67 -25.21 11.18
C ALA D 32 0.26 -25.73 10.84
N VAL D 33 -0.66 -25.64 11.82
CA VAL D 33 -2.06 -25.97 11.60
C VAL D 33 -2.94 -24.85 12.08
N ALA D 34 -3.92 -24.48 11.25
CA ALA D 34 -4.90 -23.46 11.54
C ALA D 34 -6.28 -24.10 11.64
N TRP D 35 -7.18 -23.42 12.37
CA TRP D 35 -8.56 -23.89 12.52
C TRP D 35 -9.49 -22.75 12.19
N TYR D 36 -10.58 -23.10 11.53
CA TYR D 36 -11.58 -22.13 11.10
C TYR D 36 -12.95 -22.60 11.50
N GLN D 37 -13.86 -21.64 11.69
CA GLN D 37 -15.27 -21.91 11.90
C GLN D 37 -16.05 -21.43 10.68
N GLN D 38 -17.09 -22.17 10.27
CA GLN D 38 -17.90 -21.69 9.17
C GLN D 38 -19.38 -21.92 9.49
N LYS D 39 -20.19 -20.90 9.27
CA LYS D 39 -21.64 -20.98 9.43
C LYS D 39 -22.30 -20.97 8.06
N PRO D 40 -23.55 -21.42 7.96
CA PRO D 40 -24.17 -21.52 6.64
C PRO D 40 -24.23 -20.20 5.90
N GLY D 41 -23.82 -20.24 4.64
CA GLY D 41 -23.91 -19.08 3.79
C GLY D 41 -22.82 -18.05 4.02
N LYS D 42 -21.90 -18.30 4.92
CA LYS D 42 -20.86 -17.36 5.31
C LYS D 42 -19.47 -17.89 4.99
N ALA D 43 -18.50 -16.97 4.90
CA ALA D 43 -17.13 -17.39 4.79
C ALA D 43 -16.63 -17.99 6.10
N PRO D 44 -15.61 -18.81 6.03
CA PRO D 44 -14.93 -19.29 7.23
C PRO D 44 -14.30 -18.13 7.99
N LYS D 45 -14.15 -18.34 9.30
CA LYS D 45 -13.53 -17.36 10.19
C LYS D 45 -12.36 -18.02 10.88
N LEU D 46 -11.22 -17.33 10.89
CA LEU D 46 -10.02 -17.88 11.48
C LEU D 46 -10.15 -17.90 13.00
N LEU D 47 -9.80 -19.04 13.60
CA LEU D 47 -9.80 -19.16 15.06
C LEU D 47 -8.41 -19.22 15.64
N ILE D 48 -7.60 -20.14 15.10
CA ILE D 48 -6.31 -20.55 15.67
C ILE D 48 -5.34 -20.68 14.50
N TYR D 49 -4.08 -20.22 14.67
CA TYR D 49 -3.05 -20.55 13.69
C TYR D 49 -1.83 -21.10 14.43
N SER D 50 -0.90 -21.71 13.68
CA SER D 50 0.31 -22.29 14.28
C SER D 50 -0.03 -23.14 15.52
N ALA D 51 -1.11 -23.93 15.36
CA ALA D 51 -1.60 -24.97 16.27
C ALA D 51 -2.25 -24.42 17.53
N SER D 52 -1.72 -23.33 18.11
CA SER D 52 -2.19 -22.92 19.43
C SER D 52 -2.35 -21.40 19.56
N TYR D 53 -2.12 -20.65 18.49
CA TYR D 53 -2.19 -19.18 18.63
C TYR D 53 -3.59 -18.70 18.28
N ARG D 54 -4.24 -18.06 19.25
CA ARG D 54 -5.62 -17.60 19.04
C ARG D 54 -5.59 -16.29 18.26
N TYR D 55 -6.39 -16.24 17.20
CA TYR D 55 -6.45 -15.04 16.39
C TYR D 55 -7.17 -13.92 17.14
N THR D 56 -6.78 -12.68 16.83
CA THR D 56 -7.36 -11.52 17.50
C THR D 56 -8.87 -11.58 17.54
N GLY D 57 -9.45 -11.37 18.74
CA GLY D 57 -10.89 -11.29 18.92
C GLY D 57 -11.59 -12.61 19.12
N VAL D 58 -10.87 -13.72 19.00
CA VAL D 58 -11.48 -15.03 19.18
C VAL D 58 -11.67 -15.28 20.68
N PRO D 59 -12.85 -15.74 21.11
CA PRO D 59 -13.07 -15.97 22.53
C PRO D 59 -12.05 -16.93 23.10
N ASP D 60 -11.71 -16.73 24.37
CA ASP D 60 -10.65 -17.55 24.90
C ASP D 60 -11.13 -18.96 25.27
N ARG D 61 -12.44 -19.24 25.12
CA ARG D 61 -12.82 -20.67 25.24
C ARG D 61 -12.32 -21.52 24.07
N PHE D 62 -11.85 -20.94 22.97
CA PHE D 62 -11.21 -21.71 21.91
C PHE D 62 -9.72 -21.84 22.21
N SER D 63 -9.19 -23.06 22.12
CA SER D 63 -7.75 -23.24 22.26
C SER D 63 -7.33 -24.36 21.34
N GLY D 64 -6.05 -24.40 21.02
CA GLY D 64 -5.52 -25.40 20.12
C GLY D 64 -4.24 -25.95 20.71
N SER D 65 -3.96 -27.21 20.37
CA SER D 65 -2.72 -27.83 20.82
C SER D 65 -2.25 -28.81 19.76
N GLY D 66 -1.03 -29.31 19.95
CA GLY D 66 -0.47 -30.32 19.07
C GLY D 66 0.76 -29.88 18.30
N SER D 67 1.49 -30.86 17.82
CA SER D 67 2.67 -30.63 17.00
C SER D 67 2.96 -31.91 16.27
N GLY D 68 3.62 -31.79 15.12
CA GLY D 68 4.04 -32.98 14.41
C GLY D 68 2.91 -33.43 13.51
N THR D 69 2.19 -34.50 13.91
CA THR D 69 1.08 -34.96 13.10
C THR D 69 -0.30 -34.83 13.74
N ASP D 70 -0.38 -34.74 15.07
CA ASP D 70 -1.69 -34.76 15.75
C ASP D 70 -2.03 -33.43 16.43
N PHE D 71 -3.18 -32.87 16.07
CA PHE D 71 -3.62 -31.55 16.50
C PHE D 71 -5.03 -31.61 17.05
N THR D 72 -5.34 -30.70 17.98
CA THR D 72 -6.63 -30.73 18.65
C THR D 72 -7.15 -29.31 18.81
N LEU D 73 -8.37 -29.09 18.37
CA LEU D 73 -9.10 -27.87 18.71
C LEU D 73 -10.01 -28.20 19.90
N THR D 74 -9.97 -27.37 20.93
CA THR D 74 -10.80 -27.53 22.12
C THR D 74 -11.67 -26.30 22.32
N ILE D 75 -12.95 -26.53 22.60
CA ILE D 75 -13.87 -25.48 23.02
C ILE D 75 -14.25 -25.80 24.46
N SER D 76 -13.87 -24.93 25.37
CA SER D 76 -13.90 -25.36 26.76
C SER D 76 -15.30 -25.33 27.38
N SER D 77 -16.18 -24.44 26.92
CA SER D 77 -17.54 -24.31 27.46
C SER D 77 -18.41 -23.83 26.29
N LEU D 78 -19.02 -24.77 25.61
CA LEU D 78 -19.62 -24.47 24.32
C LEU D 78 -20.76 -23.49 24.49
N GLN D 79 -20.82 -22.50 23.60
CA GLN D 79 -21.87 -21.51 23.62
C GLN D 79 -22.74 -21.64 22.38
N PRO D 80 -23.98 -21.12 22.41
CA PRO D 80 -24.92 -21.33 21.27
C PRO D 80 -24.35 -20.87 19.94
N GLU D 81 -23.53 -19.81 19.95
CA GLU D 81 -22.94 -19.35 18.69
C GLU D 81 -21.87 -20.27 18.14
N ASP D 82 -21.52 -21.32 18.87
CA ASP D 82 -20.46 -22.21 18.45
C ASP D 82 -20.95 -23.42 17.64
N PHE D 83 -22.25 -23.66 17.57
CA PHE D 83 -22.76 -24.74 16.70
C PHE D 83 -22.55 -24.31 15.26
N ALA D 84 -21.68 -25.05 14.56
CA ALA D 84 -21.12 -24.61 13.28
C ALA D 84 -20.28 -25.75 12.74
N VAL D 85 -19.65 -25.54 11.59
CA VAL D 85 -18.68 -26.48 11.03
C VAL D 85 -17.29 -25.92 11.30
N TYR D 86 -16.36 -26.81 11.66
CA TYR D 86 -14.98 -26.42 11.91
C TYR D 86 -14.08 -27.13 10.91
N TYR D 87 -13.04 -26.45 10.45
CA TYR D 87 -12.08 -27.03 9.51
C TYR D 87 -10.69 -26.83 10.04
N CYS D 88 -9.85 -27.85 9.93
CA CYS D 88 -8.42 -27.61 10.09
C CYS D 88 -7.78 -27.42 8.74
N GLN D 89 -6.59 -26.78 8.77
CA GLN D 89 -5.85 -26.49 7.56
C GLN D 89 -4.37 -26.63 7.88
N GLN D 90 -3.57 -27.23 7.00
CA GLN D 90 -2.15 -27.12 7.25
C GLN D 90 -1.59 -25.94 6.46
N HIS D 91 -0.65 -25.22 7.12
CA HIS D 91 0.05 -24.12 6.45
C HIS D 91 1.55 -24.35 6.55
N TYR D 92 1.94 -25.61 6.34
CA TYR D 92 3.34 -25.98 6.36
C TYR D 92 3.98 -25.80 4.99
N ILE D 93 3.33 -26.34 3.94
CA ILE D 93 3.80 -26.18 2.56
C ILE D 93 2.60 -26.00 1.65
N THR D 94 2.86 -25.40 0.46
CA THR D 94 1.89 -25.51 -0.62
C THR D 94 1.94 -26.89 -1.25
N PRO D 95 0.84 -27.37 -1.81
CA PRO D 95 -0.48 -26.75 -1.78
C PRO D 95 -1.08 -26.78 -0.40
N LEU D 96 -1.70 -25.68 0.02
CA LEU D 96 -2.36 -25.63 1.31
C LEU D 96 -3.62 -26.51 1.27
N THR D 97 -3.83 -27.28 2.34
CA THR D 97 -4.89 -28.27 2.33
C THR D 97 -5.67 -28.24 3.63
N PHE D 98 -6.90 -28.75 3.55
CA PHE D 98 -7.90 -28.65 4.60
C PHE D 98 -8.38 -30.03 5.02
N GLY D 99 -8.78 -30.15 6.29
CA GLY D 99 -9.52 -31.34 6.70
C GLY D 99 -10.95 -31.28 6.17
N ALA D 100 -11.67 -32.40 6.27
CA ALA D 100 -12.98 -32.46 5.63
C ALA D 100 -14.07 -31.78 6.43
N GLY D 101 -13.79 -31.36 7.65
CA GLY D 101 -14.79 -30.62 8.40
C GLY D 101 -15.43 -31.44 9.50
N THR D 102 -15.85 -30.75 10.55
CA THR D 102 -16.58 -31.32 11.68
C THR D 102 -17.78 -30.46 11.95
N LYS D 103 -18.98 -31.06 11.91
CA LYS D 103 -20.17 -30.31 12.25
C LYS D 103 -20.46 -30.51 13.73
N VAL D 104 -20.59 -29.42 14.47
CA VAL D 104 -20.92 -29.45 15.89
C VAL D 104 -22.39 -29.09 15.98
N GLU D 105 -23.20 -30.06 16.39
CA GLU D 105 -24.64 -29.90 16.41
C GLU D 105 -25.15 -30.00 17.85
N ILE D 106 -26.43 -29.67 18.01
CA ILE D 106 -27.04 -29.54 19.32
C ILE D 106 -27.52 -30.91 19.77
N LYS D 107 -27.06 -31.35 20.95
CA LYS D 107 -27.54 -32.60 21.54
C LYS D 107 -28.98 -32.46 22.06
N ARG D 108 -29.79 -33.48 21.81
CA ARG D 108 -31.09 -33.60 22.46
C ARG D 108 -31.35 -35.10 22.67
N THR D 109 -32.49 -35.42 23.26
CA THR D 109 -32.81 -36.83 23.49
C THR D 109 -33.19 -37.49 22.17
N VAL D 110 -33.05 -38.82 22.14
CA VAL D 110 -33.45 -39.58 20.95
C VAL D 110 -34.93 -39.37 20.68
N ALA D 111 -35.28 -39.18 19.39
CA ALA D 111 -36.67 -39.07 18.95
C ALA D 111 -36.85 -39.91 17.70
N ALA D 112 -37.77 -40.90 17.74
CA ALA D 112 -38.00 -41.70 16.55
C ALA D 112 -38.75 -40.87 15.51
N PRO D 113 -38.47 -41.05 14.22
CA PRO D 113 -39.27 -40.38 13.18
C PRO D 113 -40.71 -40.85 13.19
N SER D 114 -41.61 -39.94 12.83
CA SER D 114 -42.92 -40.34 12.34
C SER D 114 -42.79 -40.50 10.82
N VAL D 115 -43.32 -41.59 10.28
CA VAL D 115 -43.05 -41.91 8.90
C VAL D 115 -44.36 -41.84 8.13
N PHE D 116 -44.29 -41.26 6.95
CA PHE D 116 -45.45 -41.08 6.08
C PHE D 116 -45.03 -41.40 4.66
N ILE D 117 -45.91 -42.08 3.90
CA ILE D 117 -45.66 -42.32 2.49
C ILE D 117 -46.74 -41.64 1.64
N PHE D 118 -46.30 -41.07 0.52
CA PHE D 118 -47.22 -40.38 -0.37
C PHE D 118 -47.12 -40.95 -1.77
N PRO D 119 -48.19 -41.50 -2.31
CA PRO D 119 -48.24 -41.88 -3.72
C PRO D 119 -48.08 -40.69 -4.63
N PRO D 120 -47.72 -40.90 -5.90
CA PRO D 120 -47.78 -39.80 -6.85
C PRO D 120 -49.21 -39.34 -7.01
N SER D 121 -49.38 -38.04 -7.26
CA SER D 121 -50.70 -37.49 -7.56
C SER D 121 -51.15 -37.88 -8.96
N ASP D 122 -52.48 -37.94 -9.16
CA ASP D 122 -52.99 -38.16 -10.51
C ASP D 122 -52.50 -37.06 -11.47
N GLU D 123 -52.38 -35.83 -10.97
CA GLU D 123 -51.95 -34.73 -11.83
C GLU D 123 -50.54 -34.98 -12.36
N GLN D 124 -49.62 -35.44 -11.49
CA GLN D 124 -48.28 -35.74 -11.95
C GLN D 124 -48.27 -36.90 -12.92
N LEU D 125 -49.00 -37.98 -12.59
CA LEU D 125 -49.06 -39.15 -13.46
C LEU D 125 -49.36 -38.80 -14.92
N LYS D 126 -50.36 -37.97 -15.15
CA LYS D 126 -50.72 -37.69 -16.53
C LYS D 126 -49.61 -37.01 -17.30
N SER D 127 -48.65 -36.42 -16.60
CA SER D 127 -47.49 -35.78 -17.22
C SER D 127 -46.37 -36.75 -17.58
N GLY D 128 -46.43 -38.00 -17.11
CA GLY D 128 -45.48 -39.03 -17.53
C GLY D 128 -44.53 -39.53 -16.46
N THR D 129 -44.59 -38.99 -15.27
CA THR D 129 -43.63 -39.31 -14.24
C THR D 129 -44.38 -39.57 -12.95
N ALA D 130 -43.82 -40.44 -12.13
CA ALA D 130 -44.34 -40.76 -10.82
C ALA D 130 -43.24 -40.52 -9.81
N SER D 131 -43.51 -39.64 -8.85
CA SER D 131 -42.65 -39.47 -7.69
C SER D 131 -43.37 -40.00 -6.47
N VAL D 132 -42.72 -40.92 -5.75
CA VAL D 132 -43.23 -41.48 -4.51
C VAL D 132 -42.38 -40.91 -3.38
N VAL D 133 -43.01 -40.39 -2.35
CA VAL D 133 -42.28 -39.65 -1.32
C VAL D 133 -42.48 -40.35 0.01
N CYS D 134 -41.37 -40.59 0.70
CA CYS D 134 -41.37 -41.11 2.06
CA CYS D 134 -41.37 -41.11 2.06
C CYS D 134 -40.81 -40.00 2.95
N LEU D 135 -41.57 -39.63 3.97
CA LEU D 135 -41.23 -38.54 4.88
C LEU D 135 -40.90 -39.12 6.26
N LEU D 136 -39.76 -38.71 6.81
CA LEU D 136 -39.33 -39.05 8.17
C LEU D 136 -39.37 -37.74 8.92
N ASN D 137 -40.28 -37.62 9.89
CA ASN D 137 -40.53 -36.31 10.48
C ASN D 137 -40.00 -36.24 11.91
N ASN D 138 -39.21 -35.19 12.20
CA ASN D 138 -38.84 -34.79 13.57
C ASN D 138 -38.11 -35.91 14.34
N PHE D 139 -36.94 -36.31 13.83
CA PHE D 139 -36.20 -37.38 14.49
C PHE D 139 -34.83 -36.91 14.95
N TYR D 140 -34.23 -37.68 15.88
CA TYR D 140 -32.91 -37.37 16.38
C TYR D 140 -32.31 -38.67 16.91
N PRO D 141 -31.03 -38.97 16.63
CA PRO D 141 -30.07 -38.17 15.87
C PRO D 141 -30.27 -38.32 14.38
N ARG D 142 -29.32 -37.76 13.62
CA ARG D 142 -29.45 -37.66 12.17
C ARG D 142 -29.44 -39.04 11.48
N GLU D 143 -28.65 -39.97 11.99
CA GLU D 143 -28.42 -41.21 11.23
C GLU D 143 -29.74 -41.94 10.99
N ALA D 144 -30.03 -42.25 9.72
CA ALA D 144 -31.30 -42.84 9.35
C ALA D 144 -31.11 -43.57 8.03
N LYS D 145 -31.77 -44.73 7.87
CA LYS D 145 -31.69 -45.47 6.63
C LYS D 145 -33.09 -45.59 6.07
N VAL D 146 -33.26 -45.31 4.77
CA VAL D 146 -34.56 -45.38 4.11
C VAL D 146 -34.37 -46.21 2.86
N GLN D 147 -35.12 -47.31 2.74
CA GLN D 147 -34.99 -48.25 1.63
C GLN D 147 -36.34 -48.41 0.97
N TRP D 148 -36.36 -48.42 -0.36
CA TRP D 148 -37.57 -48.60 -1.14
C TRP D 148 -37.68 -50.03 -1.65
N LYS D 149 -38.90 -50.55 -1.62
CA LYS D 149 -39.21 -51.82 -2.25
C LYS D 149 -40.44 -51.66 -3.13
N VAL D 150 -40.37 -52.23 -4.32
CA VAL D 150 -41.45 -52.17 -5.29
C VAL D 150 -41.77 -53.63 -5.66
N ASP D 151 -42.98 -54.06 -5.31
CA ASP D 151 -43.33 -55.49 -5.37
C ASP D 151 -42.21 -56.34 -4.76
N ASN D 152 -41.77 -55.92 -3.58
CA ASN D 152 -40.80 -56.59 -2.71
C ASN D 152 -39.38 -56.55 -3.25
N ALA D 153 -39.12 -55.84 -4.37
CA ALA D 153 -37.79 -55.75 -4.96
C ALA D 153 -37.09 -54.48 -4.44
N LEU D 154 -35.92 -54.65 -3.83
CA LEU D 154 -35.18 -53.53 -3.26
C LEU D 154 -34.72 -52.63 -4.40
N GLN D 155 -34.98 -51.33 -4.29
CA GLN D 155 -34.64 -50.36 -5.33
C GLN D 155 -33.26 -49.79 -5.08
N SER D 156 -32.55 -49.53 -6.17
CA SER D 156 -31.23 -48.93 -6.07
C SER D 156 -31.09 -47.89 -7.19
N GLY D 157 -30.59 -46.70 -6.84
CA GLY D 157 -30.16 -45.74 -7.85
C GLY D 157 -31.24 -44.83 -8.38
N ASN D 158 -32.48 -44.99 -7.93
CA ASN D 158 -33.62 -44.21 -8.42
C ASN D 158 -34.30 -43.43 -7.31
N SER D 159 -33.57 -43.08 -6.25
CA SER D 159 -34.14 -42.26 -5.18
C SER D 159 -33.14 -41.18 -4.80
N GLN D 160 -33.68 -40.05 -4.29
CA GLN D 160 -32.83 -38.96 -3.80
C GLN D 160 -33.36 -38.54 -2.44
N GLU D 161 -32.44 -38.20 -1.53
CA GLU D 161 -32.81 -37.80 -0.17
C GLU D 161 -32.50 -36.32 0.03
N SER D 162 -33.27 -35.71 0.91
CA SER D 162 -33.00 -34.34 1.32
C SER D 162 -33.25 -34.29 2.83
N VAL D 163 -32.47 -33.50 3.56
CA VAL D 163 -32.59 -33.44 5.01
C VAL D 163 -32.57 -31.99 5.44
N THR D 164 -33.41 -31.65 6.41
CA THR D 164 -33.36 -30.30 6.93
C THR D 164 -32.18 -30.13 7.89
N GLU D 165 -31.90 -28.87 8.20
CA GLU D 165 -31.02 -28.55 9.32
C GLU D 165 -31.79 -28.71 10.62
N GLN D 166 -31.06 -28.79 11.75
CA GLN D 166 -31.75 -28.99 13.01
C GLN D 166 -32.82 -27.92 13.24
N ASP D 167 -34.01 -28.38 13.64
CA ASP D 167 -35.13 -27.46 13.86
C ASP D 167 -34.80 -26.45 14.96
N SER D 168 -35.17 -25.19 14.72
CA SER D 168 -34.82 -24.12 15.64
C SER D 168 -35.52 -24.24 16.98
N LYS D 169 -36.66 -24.96 17.04
CA LYS D 169 -37.40 -25.10 18.28
C LYS D 169 -37.12 -26.41 19.00
N ASP D 170 -36.99 -27.53 18.29
CA ASP D 170 -36.87 -28.81 18.99
C ASP D 170 -35.63 -29.62 18.60
N SER D 171 -34.75 -29.04 17.78
CA SER D 171 -33.44 -29.59 17.43
C SER D 171 -33.52 -30.95 16.73
N THR D 172 -34.67 -31.30 16.18
CA THR D 172 -34.76 -32.51 15.38
C THR D 172 -34.43 -32.27 13.90
N TYR D 173 -34.34 -33.37 13.16
CA TYR D 173 -34.18 -33.38 11.71
C TYR D 173 -35.44 -33.94 11.09
N SER D 174 -35.65 -33.58 9.84
CA SER D 174 -36.66 -34.27 9.04
C SER D 174 -35.98 -34.63 7.74
N LEU D 175 -36.53 -35.61 7.05
CA LEU D 175 -35.87 -36.09 5.87
C LEU D 175 -36.91 -36.58 4.87
N SER D 176 -36.66 -36.34 3.59
CA SER D 176 -37.52 -36.92 2.55
C SER D 176 -36.70 -37.82 1.66
N SER D 177 -37.31 -38.91 1.23
CA SER D 177 -36.73 -39.78 0.22
C SER D 177 -37.74 -39.84 -0.90
N THR D 178 -37.30 -39.49 -2.10
CA THR D 178 -38.18 -39.44 -3.26
C THR D 178 -37.71 -40.48 -4.26
N LEU D 179 -38.59 -41.44 -4.56
CA LEU D 179 -38.40 -42.49 -5.55
C LEU D 179 -39.03 -41.98 -6.85
N THR D 180 -38.25 -41.92 -7.94
CA THR D 180 -38.76 -41.42 -9.21
C THR D 180 -38.72 -42.50 -10.28
N LEU D 181 -39.88 -42.73 -10.91
CA LEU D 181 -40.08 -43.72 -11.94
C LEU D 181 -40.83 -43.08 -13.09
N SER D 182 -40.63 -43.59 -14.30
CA SER D 182 -41.52 -43.21 -15.37
C SER D 182 -42.92 -43.73 -15.02
N LYS D 183 -43.94 -43.07 -15.58
CA LYS D 183 -45.30 -43.56 -15.44
C LYS D 183 -45.40 -45.00 -15.88
N ALA D 184 -44.74 -45.34 -16.99
CA ALA D 184 -44.80 -46.71 -17.49
C ALA D 184 -44.20 -47.69 -16.49
N ASP D 185 -43.06 -47.34 -15.89
CA ASP D 185 -42.49 -48.26 -14.90
C ASP D 185 -43.37 -48.33 -13.66
N TYR D 186 -43.87 -47.17 -13.21
CA TYR D 186 -44.73 -47.12 -12.04
C TYR D 186 -45.97 -48.00 -12.22
N GLU D 187 -46.55 -48.03 -13.42
CA GLU D 187 -47.77 -48.81 -13.62
C GLU D 187 -47.49 -50.29 -13.87
N LYS D 188 -46.23 -50.71 -13.88
CA LYS D 188 -45.91 -52.13 -13.99
C LYS D 188 -46.00 -52.83 -12.64
N HIS D 189 -46.16 -52.11 -11.55
CA HIS D 189 -46.02 -52.67 -10.22
C HIS D 189 -47.16 -52.24 -9.32
N LYS D 190 -47.43 -53.05 -8.29
CA LYS D 190 -48.55 -52.76 -7.39
C LYS D 190 -48.13 -52.20 -6.04
N VAL D 191 -47.20 -52.85 -5.32
CA VAL D 191 -46.94 -52.47 -3.94
C VAL D 191 -45.71 -51.59 -3.84
N TYR D 192 -45.88 -50.42 -3.23
CA TYR D 192 -44.79 -49.51 -3.02
C TYR D 192 -44.58 -49.38 -1.51
N ALA D 193 -43.35 -49.60 -1.05
CA ALA D 193 -43.10 -49.60 0.38
C ALA D 193 -41.79 -48.88 0.67
N CYS D 194 -41.79 -48.10 1.74
CA CYS D 194 -40.52 -47.58 2.22
CA CYS D 194 -40.59 -47.46 2.27
C CYS D 194 -40.30 -48.10 3.63
N GLU D 195 -39.04 -48.47 3.89
CA GLU D 195 -38.68 -49.08 5.17
C GLU D 195 -37.65 -48.18 5.83
N VAL D 196 -37.94 -47.78 7.08
CA VAL D 196 -37.12 -46.78 7.79
C VAL D 196 -36.46 -47.43 8.99
N THR D 197 -35.12 -47.28 9.09
CA THR D 197 -34.35 -47.77 10.21
C THR D 197 -33.77 -46.56 10.94
N HIS D 198 -33.98 -46.52 12.26
CA HIS D 198 -33.51 -45.39 13.06
C HIS D 198 -33.45 -45.86 14.50
N GLN D 199 -32.47 -45.36 15.25
CA GLN D 199 -32.23 -45.96 16.55
C GLN D 199 -33.34 -45.66 17.54
N GLY D 200 -34.19 -44.67 17.27
CA GLY D 200 -35.29 -44.51 18.20
C GLY D 200 -36.45 -45.43 17.95
N LEU D 201 -36.36 -46.23 16.89
CA LEU D 201 -37.36 -47.26 16.58
C LEU D 201 -36.88 -48.61 17.08
N SER D 202 -37.73 -49.28 17.86
CA SER D 202 -37.35 -50.61 18.31
C SER D 202 -37.08 -51.54 17.13
N SER D 203 -37.92 -51.48 16.11
CA SER D 203 -37.72 -52.23 14.88
CA SER D 203 -37.79 -52.24 14.88
C SER D 203 -37.96 -51.32 13.70
N PRO D 204 -37.45 -51.66 12.52
CA PRO D 204 -37.66 -50.80 11.36
C PRO D 204 -39.15 -50.70 11.05
N VAL D 205 -39.54 -49.54 10.52
CA VAL D 205 -40.93 -49.21 10.25
C VAL D 205 -41.15 -49.23 8.74
N THR D 206 -42.20 -49.91 8.29
CA THR D 206 -42.58 -49.91 6.89
C THR D 206 -43.88 -49.14 6.67
N LYS D 207 -43.90 -48.28 5.66
CA LYS D 207 -45.15 -47.69 5.19
C LYS D 207 -45.32 -48.09 3.73
N SER D 208 -46.54 -48.46 3.37
CA SER D 208 -46.74 -48.99 2.03
C SER D 208 -48.12 -48.61 1.52
N PHE D 209 -48.27 -48.70 0.19
CA PHE D 209 -49.59 -48.59 -0.40
C PHE D 209 -49.64 -49.47 -1.65
N ASN D 210 -50.87 -49.76 -2.08
CA ASN D 210 -51.15 -50.36 -3.39
C ASN D 210 -51.44 -49.27 -4.38
N ARG D 211 -50.77 -49.34 -5.54
CA ARG D 211 -51.03 -48.36 -6.60
C ARG D 211 -52.50 -48.36 -6.99
N GLY D 212 -53.08 -47.16 -7.12
CA GLY D 212 -54.46 -47.06 -7.50
C GLY D 212 -55.46 -47.29 -6.39
N GLU D 213 -55.00 -47.55 -5.18
CA GLU D 213 -55.89 -47.60 -4.02
C GLU D 213 -55.93 -46.23 -3.34
N PCA E 1 18.31 24.62 7.65
CA PCA E 1 18.36 24.29 9.06
CB PCA E 1 19.38 23.17 9.28
CG PCA E 1 20.10 23.15 7.92
CD PCA E 1 19.28 23.99 6.94
OE PCA E 1 19.47 24.09 5.73
C PCA E 1 18.72 25.54 9.85
O PCA E 1 19.51 26.34 9.39
N ASP E 2 18.13 25.68 11.03
CA ASP E 2 18.33 26.87 11.86
C ASP E 2 19.75 26.93 12.44
N ASN E 3 20.28 25.78 12.85
CA ASN E 3 21.64 25.69 13.38
C ASN E 3 22.55 25.07 12.33
N CYS E 4 23.82 24.89 12.71
CA CYS E 4 24.82 24.36 11.80
C CYS E 4 24.56 22.87 11.54
N THR E 5 24.75 22.44 10.30
CA THR E 5 24.77 21.02 9.99
C THR E 5 25.95 20.71 9.07
N CYS E 6 26.20 19.41 8.90
CA CYS E 6 27.29 18.91 8.08
C CYS E 6 26.67 17.93 7.11
N PRO E 7 26.19 18.41 5.96
CA PRO E 7 25.40 17.52 5.09
C PRO E 7 26.12 16.24 4.70
N THR E 8 27.44 16.24 4.50
CA THR E 8 28.11 15.03 4.07
C THR E 8 28.63 14.17 5.22
N ASN E 9 28.41 14.53 6.49
CA ASN E 9 29.00 13.77 7.58
C ASN E 9 28.25 14.05 8.88
N LYS E 10 27.32 13.15 9.23
CA LYS E 10 26.58 13.35 10.48
C LYS E 10 27.41 12.97 11.70
N MET E 11 28.57 12.36 11.49
CA MET E 11 29.43 11.92 12.58
C MET E 11 30.35 13.06 13.00
N THR E 12 29.73 14.19 13.29
CA THR E 12 30.39 15.46 13.51
C THR E 12 29.67 16.19 14.64
N VAL E 13 30.38 17.18 15.19
CA VAL E 13 29.78 18.18 16.06
C VAL E 13 29.99 19.53 15.41
N CYS E 14 28.90 20.27 15.22
CA CYS E 14 28.92 21.54 14.53
C CYS E 14 28.64 22.67 15.53
N SER E 15 29.40 23.75 15.41
CA SER E 15 29.28 24.89 16.29
C SER E 15 29.30 26.15 15.43
N PRO E 16 28.52 27.18 15.80
CA PRO E 16 28.70 28.50 15.19
C PRO E 16 29.88 29.22 15.85
N ASP E 17 30.89 28.42 16.22
CA ASP E 17 32.10 28.89 16.87
C ASP E 17 33.26 29.04 15.89
N GLY E 18 32.96 29.29 14.62
CA GLY E 18 33.96 29.47 13.60
C GLY E 18 34.28 30.94 13.38
N PRO E 19 35.15 31.23 12.42
CA PRO E 19 35.55 32.63 12.20
C PRO E 19 34.34 33.48 11.78
N GLY E 20 34.18 34.62 12.44
CA GLY E 20 32.99 35.42 12.24
C GLY E 20 31.72 34.70 12.62
N GLY E 21 31.80 33.76 13.57
CA GLY E 21 30.63 32.99 13.93
C GLY E 21 30.14 32.01 12.90
N ARG E 22 30.89 31.82 11.81
CA ARG E 22 30.49 30.86 10.78
C ARG E 22 30.41 29.45 11.37
N CYS E 23 29.75 28.56 10.63
CA CYS E 23 29.60 27.18 11.08
C CYS E 23 30.91 26.41 10.94
N GLN E 24 31.23 25.61 11.95
CA GLN E 24 32.35 24.69 11.84
C GLN E 24 31.94 23.35 12.42
N CYS E 25 32.32 22.28 11.73
CA CYS E 25 32.04 20.93 12.17
C CYS E 25 33.34 20.16 12.29
N ARG E 26 33.48 19.37 13.36
CA ARG E 26 34.65 18.56 13.56
C ARG E 26 34.26 17.10 13.71
N ALA E 27 35.14 16.21 13.25
CA ALA E 27 34.83 14.79 13.22
C ALA E 27 34.86 14.20 14.62
N LEU E 28 33.92 13.30 14.91
CA LEU E 28 33.94 12.59 16.19
C LEU E 28 35.06 11.56 16.19
N GLY E 29 35.72 11.41 17.33
CA GLY E 29 36.70 10.35 17.50
C GLY E 29 38.09 10.63 16.94
N SER E 30 38.21 11.59 16.01
CA SER E 30 39.52 12.06 15.57
C SER E 30 39.73 13.55 15.81
N GLY E 31 38.71 14.38 15.58
CA GLY E 31 38.86 15.81 15.72
C GLY E 31 39.25 16.52 14.45
N MET E 32 39.49 15.79 13.35
CA MET E 32 39.86 16.44 12.10
C MET E 32 38.73 17.36 11.67
N ALA E 33 39.09 18.59 11.31
CA ALA E 33 38.12 19.48 10.69
C ALA E 33 37.55 18.80 9.45
N VAL E 34 36.26 18.92 9.24
CA VAL E 34 35.61 18.23 8.14
C VAL E 34 35.05 19.26 7.16
N ASP E 35 35.35 19.03 5.88
CA ASP E 35 34.72 19.71 4.76
C ASP E 35 33.34 19.11 4.57
N CYS E 36 32.29 19.87 4.91
CA CYS E 36 30.94 19.33 4.86
C CYS E 36 30.31 19.42 3.48
N SER E 37 31.09 19.70 2.44
CA SER E 37 30.62 19.68 1.07
C SER E 37 31.20 18.52 0.24
N THR E 38 31.96 17.61 0.85
CA THR E 38 32.46 16.45 0.14
C THR E 38 32.50 15.28 1.10
N LEU E 39 32.69 14.07 0.55
CA LEU E 39 32.71 12.89 1.41
C LEU E 39 33.92 12.90 2.32
N THR E 40 33.71 12.45 3.55
CA THR E 40 34.81 12.25 4.49
C THR E 40 35.46 10.91 4.19
N SER E 41 36.77 10.82 4.43
CA SER E 41 37.48 9.58 4.15
C SER E 41 36.93 8.43 5.01
N LYS E 42 36.94 7.23 4.42
CA LYS E 42 36.47 6.05 5.13
C LYS E 42 37.22 5.84 6.43
N CYS E 43 38.55 6.02 6.42
CA CYS E 43 39.33 5.82 7.64
C CYS E 43 38.81 6.68 8.79
N LEU E 44 38.60 7.98 8.54
CA LEU E 44 38.13 8.86 9.59
C LEU E 44 36.70 8.51 10.01
N LEU E 45 35.87 8.05 9.07
CA LEU E 45 34.52 7.66 9.43
C LEU E 45 34.53 6.41 10.32
N LEU E 46 35.41 5.45 10.02
CA LEU E 46 35.51 4.27 10.87
C LEU E 46 35.95 4.64 12.29
N LYS E 47 36.92 5.57 12.42
CA LYS E 47 37.31 6.07 13.72
C LYS E 47 36.14 6.73 14.45
N ALA E 48 35.28 7.45 13.71
CA ALA E 48 34.11 8.06 14.34
C ALA E 48 33.12 7.00 14.83
N ARG E 49 32.90 5.95 14.03
CA ARG E 49 31.99 4.88 14.42
C ARG E 49 32.51 4.11 15.62
N MET E 50 33.81 3.79 15.63
CA MET E 50 34.38 3.10 16.78
C MET E 50 34.28 3.95 18.04
N SER E 51 34.45 5.27 17.92
CA SER E 51 34.33 6.18 19.05
C SER E 51 32.88 6.39 19.51
N ALA E 52 31.90 5.86 18.78
CA ALA E 52 30.50 6.16 19.07
C ALA E 52 30.11 5.65 20.46
N PRO E 53 29.54 6.49 21.30
CA PRO E 53 29.12 6.05 22.64
C PRO E 53 27.81 5.29 22.63
N LYS E 54 27.85 3.98 22.41
CA LYS E 54 26.63 3.18 22.44
C LYS E 54 26.08 3.04 23.86
N ASN E 55 24.77 3.15 23.99
CA ASN E 55 24.03 2.78 25.20
C ASN E 55 23.26 1.50 24.85
N ALA E 56 23.79 0.36 25.31
CA ALA E 56 23.20 -0.93 24.94
C ALA E 56 21.78 -1.07 25.47
N ARG E 57 21.47 -0.42 26.59
CA ARG E 57 20.21 -0.62 27.30
C ARG E 57 19.98 -2.12 27.51
N THR E 58 18.89 -2.70 27.01
CA THR E 58 18.68 -4.13 27.23
C THR E 58 19.30 -5.02 26.14
N LEU E 59 19.95 -4.44 25.14
CA LEU E 59 20.68 -5.27 24.20
C LEU E 59 21.89 -5.87 24.88
N VAL E 60 22.29 -7.05 24.42
CA VAL E 60 23.48 -7.69 24.96
C VAL E 60 24.64 -7.41 24.01
N ARG E 61 25.87 -7.46 24.58
CA ARG E 61 27.08 -7.38 23.77
C ARG E 61 27.57 -8.78 23.43
N PRO E 62 28.15 -8.97 22.25
CA PRO E 62 28.80 -10.25 21.97
C PRO E 62 29.95 -10.49 22.94
N SER E 63 30.14 -11.75 23.32
CA SER E 63 31.27 -12.10 24.16
C SER E 63 32.58 -11.80 23.43
N GLU E 64 33.61 -11.49 24.22
CA GLU E 64 34.93 -11.24 23.63
C GLU E 64 35.49 -12.47 22.93
N HIS E 65 35.03 -13.67 23.30
CA HIS E 65 35.48 -14.89 22.67
C HIS E 65 34.59 -15.34 21.52
N ALA E 66 33.64 -14.51 21.09
CA ALA E 66 32.72 -14.91 20.05
C ALA E 66 33.35 -14.72 18.69
N LEU E 67 33.08 -15.65 17.78
CA LEU E 67 33.57 -15.59 16.41
C LEU E 67 32.50 -14.99 15.49
N VAL E 68 32.98 -14.45 14.37
CA VAL E 68 32.13 -13.84 13.37
C VAL E 68 32.60 -14.27 11.99
N ASP E 69 31.68 -14.20 11.02
CA ASP E 69 31.99 -14.52 9.63
C ASP E 69 32.85 -13.46 8.97
N ASN E 70 33.10 -12.34 9.65
CA ASN E 70 33.88 -11.21 9.15
C ASN E 70 35.31 -11.27 9.68
N ASP E 71 36.14 -10.33 9.20
CA ASP E 71 37.48 -10.20 9.75
C ASP E 71 37.49 -9.47 11.10
N GLY E 72 36.37 -8.88 11.49
CA GLY E 72 36.29 -8.09 12.69
C GLY E 72 36.41 -6.59 12.41
N LEU E 73 35.92 -5.79 13.33
CA LEU E 73 36.00 -4.34 13.23
C LEU E 73 37.11 -3.83 14.13
N TYR E 74 37.54 -2.59 13.87
CA TYR E 74 38.64 -2.00 14.64
C TYR E 74 38.67 -0.52 14.37
N ASP E 75 39.27 0.21 15.33
CA ASP E 75 39.58 1.64 15.22
C ASP E 75 40.88 1.79 14.43
N PRO E 76 40.83 2.31 13.21
CA PRO E 76 42.05 2.37 12.39
C PRO E 76 42.91 3.58 12.71
N ASP E 77 44.19 3.44 12.38
CA ASP E 77 45.12 4.55 12.36
C ASP E 77 45.05 5.23 11.00
N CYS E 78 44.84 6.55 11.01
CA CYS E 78 44.77 7.33 9.78
C CYS E 78 45.93 8.30 9.74
N ASP E 79 46.40 8.57 8.54
CA ASP E 79 47.48 9.54 8.38
C ASP E 79 46.89 10.95 8.43
N PRO E 80 47.73 12.00 8.47
CA PRO E 80 47.18 13.36 8.56
C PRO E 80 46.26 13.73 7.41
N GLU E 81 46.37 13.07 6.27
CA GLU E 81 45.52 13.33 5.12
C GLU E 81 44.22 12.52 5.17
N GLY E 82 43.97 11.79 6.26
CA GLY E 82 42.77 11.00 6.41
C GLY E 82 42.81 9.62 5.79
N ARG E 83 43.91 9.27 5.13
CA ARG E 83 44.04 7.95 4.52
C ARG E 83 44.34 6.90 5.60
N PHE E 84 43.94 5.66 5.35
CA PHE E 84 44.46 4.57 6.18
C PHE E 84 45.98 4.58 6.13
N LYS E 85 46.60 4.43 7.30
CA LYS E 85 48.01 4.04 7.33
C LYS E 85 48.13 2.63 6.77
N ALA E 86 49.23 2.40 6.04
CA ALA E 86 49.41 1.11 5.37
C ALA E 86 49.39 -0.04 6.37
N ARG E 87 49.92 0.17 7.57
CA ARG E 87 49.97 -0.87 8.61
C ARG E 87 48.93 -0.57 9.68
N GLN E 88 48.20 -1.62 10.09
CA GLN E 88 47.22 -1.54 11.17
C GLN E 88 47.54 -2.62 12.20
N CYS E 89 47.49 -2.26 13.48
CA CYS E 89 47.86 -3.20 14.55
C CYS E 89 46.85 -3.28 15.70
N SER E 93 48.44 -5.39 19.00
CA SER E 93 49.79 -5.94 19.18
C SER E 93 50.15 -6.91 18.03
N VAL E 94 49.13 -7.32 17.27
CA VAL E 94 49.27 -8.05 16.01
C VAL E 94 48.99 -7.10 14.87
N CYS E 95 49.69 -7.28 13.74
CA CYS E 95 49.73 -6.28 12.68
C CYS E 95 49.48 -6.89 11.30
N TRP E 96 49.01 -6.04 10.38
CA TRP E 96 48.82 -6.41 8.97
C TRP E 96 48.85 -5.14 8.13
N CYS E 97 48.96 -5.33 6.82
CA CYS E 97 48.86 -4.24 5.87
C CYS E 97 47.46 -4.17 5.29
N VAL E 98 47.02 -2.95 4.99
CA VAL E 98 45.71 -2.74 4.40
C VAL E 98 45.88 -1.96 3.10
N ASN E 99 44.86 -2.07 2.25
CA ASN E 99 44.77 -1.25 1.06
C ASN E 99 44.04 0.05 1.38
N SER E 100 43.68 0.81 0.34
CA SER E 100 43.17 2.15 0.58
C SER E 100 41.76 2.15 1.13
N VAL E 101 41.03 1.04 1.05
CA VAL E 101 39.72 0.96 1.68
C VAL E 101 39.78 0.25 3.04
N GLY E 102 40.98 0.08 3.59
CA GLY E 102 41.11 -0.43 4.95
C GLY E 102 41.01 -1.94 5.10
N VAL E 103 40.97 -2.67 4.00
CA VAL E 103 40.82 -4.11 4.03
C VAL E 103 42.19 -4.78 4.12
N ARG E 104 42.27 -5.82 4.94
CA ARG E 104 43.52 -6.53 5.15
C ARG E 104 43.96 -7.21 3.85
N ARG E 105 45.21 -6.99 3.45
CA ARG E 105 45.74 -7.60 2.22
C ARG E 105 47.02 -8.40 2.46
N THR E 106 47.39 -8.68 3.70
CA THR E 106 48.49 -9.56 4.04
C THR E 106 48.08 -10.47 5.19
N ASP E 107 48.91 -11.47 5.46
CA ASP E 107 48.71 -12.24 6.67
C ASP E 107 49.01 -11.38 7.90
N LYS E 108 48.51 -11.84 9.05
CA LYS E 108 48.75 -11.13 10.30
C LYS E 108 50.12 -11.49 10.85
N GLY E 109 50.94 -10.47 11.10
CA GLY E 109 52.28 -10.66 11.62
C GLY E 109 52.51 -9.94 12.94
N ASP E 110 53.75 -9.54 13.21
CA ASP E 110 54.14 -8.97 14.49
C ASP E 110 54.43 -7.47 14.42
N CYS E 115 55.19 -2.50 5.96
CA CYS E 115 54.28 -2.13 4.87
C CYS E 115 54.79 -0.90 4.10
N ASP E 116 55.43 -1.11 2.95
CA ASP E 116 56.14 -0.03 2.27
C ASP E 116 55.23 0.95 1.53
N GLU E 117 53.97 0.61 1.31
CA GLU E 117 53.09 1.50 0.57
C GLU E 117 51.64 1.14 0.91
N LEU E 118 50.76 2.11 0.69
CA LEU E 118 49.33 1.89 0.79
C LEU E 118 48.83 1.50 -0.60
N VAL E 119 48.61 0.20 -0.81
CA VAL E 119 48.20 -0.29 -2.13
C VAL E 119 46.81 0.22 -2.43
N ARG E 120 46.64 0.85 -3.60
CA ARG E 120 45.36 1.46 -3.93
C ARG E 120 44.35 0.41 -4.37
N THR E 121 43.12 0.53 -3.86
CA THR E 121 42.00 -0.21 -4.40
C THR E 121 41.45 0.57 -5.59
N HIS E 122 41.64 0.05 -6.80
CA HIS E 122 41.21 0.81 -7.97
C HIS E 122 39.97 0.27 -8.65
N HIS E 123 39.47 -0.90 -8.26
CA HIS E 123 38.25 -1.42 -8.84
C HIS E 123 37.40 -1.99 -7.72
N ILE E 124 36.11 -1.65 -7.73
CA ILE E 124 35.19 -2.11 -6.69
C ILE E 124 33.95 -2.65 -7.40
N LEU E 125 33.56 -3.88 -7.03
CA LEU E 125 32.34 -4.48 -7.55
C LEU E 125 31.32 -4.56 -6.42
N ILE E 126 30.17 -3.90 -6.61
CA ILE E 126 29.08 -3.94 -5.64
C ILE E 126 27.98 -4.79 -6.27
N ASP E 127 27.60 -5.88 -5.60
CA ASP E 127 26.59 -6.82 -6.07
C ASP E 127 25.39 -6.74 -5.11
N LEU E 128 24.23 -6.28 -5.62
CA LEU E 128 23.03 -6.13 -4.79
C LEU E 128 21.94 -7.03 -5.35
N ARG E 129 21.34 -7.86 -4.49
CA ARG E 129 20.15 -8.57 -4.90
C ARG E 129 18.94 -7.85 -4.28
N HIS E 130 17.97 -7.48 -5.10
CA HIS E 130 16.77 -6.86 -4.55
C HIS E 130 15.64 -7.88 -4.50
N ARG E 131 14.66 -7.57 -3.66
CA ARG E 131 13.47 -8.38 -3.56
C ARG E 131 12.76 -8.38 -4.91
N PRO E 132 12.38 -9.54 -5.43
CA PRO E 132 11.63 -9.58 -6.69
C PRO E 132 10.37 -8.73 -6.61
N THR E 133 10.07 -8.01 -7.69
CA THR E 133 8.98 -7.07 -7.63
C THR E 133 8.18 -7.14 -8.93
N ALA E 134 6.92 -6.71 -8.85
CA ALA E 134 6.08 -6.70 -10.04
C ALA E 134 6.49 -5.59 -10.99
N GLY E 135 7.07 -4.52 -10.46
CA GLY E 135 7.49 -3.43 -11.31
C GLY E 135 8.65 -3.86 -12.18
N ALA E 136 8.55 -3.56 -13.48
CA ALA E 136 9.56 -3.97 -14.43
C ALA E 136 10.48 -2.79 -14.75
N PHE E 137 11.76 -3.09 -14.93
CA PHE E 137 12.70 -2.10 -15.44
C PHE E 137 13.81 -2.83 -16.18
N ASN E 138 14.48 -2.11 -17.05
CA ASN E 138 15.55 -2.68 -17.85
C ASN E 138 16.90 -2.07 -17.46
N HIS E 139 17.93 -2.53 -18.16
CA HIS E 139 19.29 -2.13 -17.83
C HIS E 139 19.46 -0.64 -18.01
N SER E 140 18.90 -0.10 -19.10
CA SER E 140 19.02 1.31 -19.44
C SER E 140 18.53 2.18 -18.27
N ASP E 141 17.36 1.83 -17.72
CA ASP E 141 16.79 2.58 -16.61
C ASP E 141 17.70 2.52 -15.40
N LEU E 142 18.13 1.31 -15.06
CA LEU E 142 18.96 1.10 -13.88
C LEU E 142 20.28 1.86 -14.01
N ASP E 143 20.91 1.77 -15.18
CA ASP E 143 22.18 2.45 -15.40
C ASP E 143 22.03 3.96 -15.21
N ALA E 144 21.02 4.55 -15.84
CA ALA E 144 20.85 6.00 -15.70
C ALA E 144 20.60 6.38 -14.25
N GLU E 145 19.79 5.59 -13.54
CA GLU E 145 19.42 5.96 -12.19
C GLU E 145 20.59 5.82 -11.24
N LEU E 146 21.35 4.71 -11.33
CA LEU E 146 22.50 4.60 -10.43
C LEU E 146 23.54 5.69 -10.72
N ARG E 147 23.75 6.06 -11.99
CA ARG E 147 24.71 7.12 -12.29
C ARG E 147 24.25 8.42 -11.68
N ARG E 148 22.94 8.69 -11.74
CA ARG E 148 22.41 9.92 -11.15
C ARG E 148 22.65 9.94 -9.65
N LEU E 149 22.36 8.82 -8.99
CA LEU E 149 22.52 8.73 -7.53
C LEU E 149 23.98 8.85 -7.13
N PHE E 150 24.88 8.21 -7.89
CA PHE E 150 26.29 8.35 -7.52
C PHE E 150 26.77 9.78 -7.68
N ARG E 151 26.33 10.48 -8.73
CA ARG E 151 26.74 11.88 -8.90
C ARG E 151 26.10 12.76 -7.84
N GLU E 152 24.79 12.61 -7.62
CA GLU E 152 24.10 13.58 -6.78
C GLU E 152 24.32 13.30 -5.29
N ARG E 153 24.18 12.06 -4.89
CA ARG E 153 24.22 11.73 -3.48
C ARG E 153 25.67 11.61 -3.02
N TYR E 154 26.47 10.83 -3.75
CA TYR E 154 27.85 10.59 -3.33
C TYR E 154 28.87 11.55 -3.95
N ARG E 155 28.47 12.42 -4.86
CA ARG E 155 29.39 13.37 -5.51
C ARG E 155 30.53 12.66 -6.24
N LEU E 156 30.27 11.46 -6.72
CA LEU E 156 31.21 10.75 -7.59
C LEU E 156 30.97 11.10 -9.06
N HIS E 157 32.05 11.49 -9.77
CA HIS E 157 31.95 11.75 -11.21
C HIS E 157 31.53 10.48 -11.95
N PRO E 158 30.59 10.56 -12.90
CA PRO E 158 30.10 9.32 -13.55
C PRO E 158 31.17 8.58 -14.34
N LYS E 159 32.24 9.25 -14.75
CA LYS E 159 33.34 8.56 -15.41
C LYS E 159 33.93 7.45 -14.54
N PHE E 160 33.68 7.48 -13.23
CA PHE E 160 34.18 6.44 -12.34
C PHE E 160 33.20 5.30 -12.09
N VAL E 161 31.97 5.42 -12.57
CA VAL E 161 31.05 4.29 -12.67
C VAL E 161 31.36 3.59 -13.98
N ALA E 162 32.14 2.50 -13.90
CA ALA E 162 32.60 1.91 -15.15
C ALA E 162 31.50 1.10 -15.83
N ALA E 163 30.58 0.54 -15.06
CA ALA E 163 29.59 -0.35 -15.65
C ALA E 163 28.51 -0.64 -14.64
N VAL E 164 27.32 -0.93 -15.16
CA VAL E 164 26.19 -1.44 -14.38
C VAL E 164 25.71 -2.69 -15.08
N HIS E 165 25.45 -3.76 -14.31
CA HIS E 165 24.92 -5.00 -14.90
C HIS E 165 23.64 -5.36 -14.19
N TYR E 166 22.74 -6.04 -14.92
CA TYR E 166 21.47 -6.38 -14.30
C TYR E 166 20.99 -7.70 -14.85
N GLU E 167 20.77 -8.66 -13.95
CA GLU E 167 20.09 -9.91 -14.27
C GLU E 167 19.13 -10.11 -13.13
N GLN E 168 17.84 -9.88 -13.39
CA GLN E 168 16.85 -9.82 -12.32
C GLN E 168 17.00 -11.02 -11.37
N PRO E 169 17.07 -10.81 -10.06
CA PRO E 169 16.94 -9.56 -9.31
C PRO E 169 18.31 -9.03 -8.85
N THR E 170 19.39 -9.27 -9.60
CA THR E 170 20.74 -8.87 -9.17
C THR E 170 21.25 -7.68 -9.96
N ILE E 171 21.61 -6.62 -9.23
CA ILE E 171 22.24 -5.40 -9.74
C ILE E 171 23.73 -5.47 -9.46
N GLN E 172 24.55 -5.06 -10.43
CA GLN E 172 25.97 -4.93 -10.14
C GLN E 172 26.43 -3.54 -10.56
N ILE E 173 27.28 -2.93 -9.74
CA ILE E 173 27.91 -1.65 -10.07
C ILE E 173 29.40 -1.87 -10.04
N GLU E 174 30.10 -1.41 -11.07
CA GLU E 174 31.54 -1.52 -11.11
C GLU E 174 32.08 -0.10 -11.04
N LEU E 175 32.82 0.20 -9.98
CA LEU E 175 33.53 1.48 -9.86
C LEU E 175 34.99 1.25 -10.23
N ARG E 176 35.54 2.13 -11.07
CA ARG E 176 36.94 2.07 -11.43
C ARG E 176 37.55 3.46 -11.35
N GLN E 177 38.73 3.54 -10.77
CA GLN E 177 39.37 4.84 -10.61
C GLN E 177 40.83 4.67 -10.29
N GLN E 178 41.70 4.98 -11.26
CA GLN E 178 43.14 5.12 -11.00
C GLN E 178 43.40 6.43 -10.29
N THR E 179 44.46 6.45 -9.46
CA THR E 179 44.87 7.70 -8.86
C THR E 179 45.12 8.77 -9.92
N SER E 180 45.78 8.38 -11.02
CA SER E 180 46.08 9.30 -12.11
C SER E 180 44.83 9.91 -12.74
N GLN E 181 43.67 9.25 -12.61
CA GLN E 181 42.44 9.78 -13.17
C GLN E 181 41.76 10.82 -12.29
N LYS E 182 42.25 11.00 -11.05
CA LYS E 182 41.58 11.83 -10.06
C LYS E 182 42.07 13.26 -10.17
N ALA E 183 41.18 14.18 -10.53
CA ALA E 183 41.53 15.57 -10.35
C ALA E 183 41.63 15.87 -8.85
N ALA E 184 42.23 17.02 -8.53
CA ALA E 184 42.30 17.42 -7.13
C ALA E 184 40.90 17.54 -6.56
N GLY E 185 40.72 17.00 -5.36
CA GLY E 185 39.44 17.05 -4.68
C GLY E 185 38.41 16.05 -5.15
N ASP E 186 38.67 15.28 -6.22
CA ASP E 186 37.72 14.29 -6.68
C ASP E 186 37.39 13.30 -5.57
N VAL E 187 36.14 12.88 -5.50
CA VAL E 187 35.76 11.88 -4.52
C VAL E 187 36.35 10.54 -4.92
N ASP E 188 36.85 9.79 -3.93
CA ASP E 188 37.43 8.48 -4.18
C ASP E 188 36.34 7.41 -4.20
N ILE E 189 36.46 6.45 -5.13
CA ILE E 189 35.48 5.36 -5.22
C ILE E 189 35.42 4.57 -3.92
N GLY E 190 36.53 4.53 -3.19
CA GLY E 190 36.53 3.80 -1.92
C GLY E 190 35.64 4.46 -0.87
N ASP E 191 35.64 5.80 -0.85
CA ASP E 191 34.73 6.53 0.04
C ASP E 191 33.28 6.48 -0.45
N ALA E 192 33.02 6.67 -1.75
CA ALA E 192 31.66 6.54 -2.26
C ALA E 192 31.09 5.16 -1.97
N ALA E 193 31.91 4.12 -2.16
CA ALA E 193 31.44 2.76 -1.91
C ALA E 193 31.04 2.59 -0.45
N TYR E 194 31.79 3.22 0.46
CA TYR E 194 31.49 3.05 1.87
C TYR E 194 30.21 3.76 2.25
N TYR E 195 30.05 5.01 1.77
CA TYR E 195 28.80 5.70 2.02
C TYR E 195 27.64 4.95 1.43
N PHE E 196 27.82 4.40 0.22
CA PHE E 196 26.77 3.61 -0.42
C PHE E 196 26.44 2.37 0.40
N GLU E 197 27.47 1.65 0.85
CA GLU E 197 27.27 0.47 1.70
C GLU E 197 26.46 0.83 2.94
N ARG E 198 26.81 1.94 3.61
CA ARG E 198 26.11 2.22 4.86
C ARG E 198 24.67 2.65 4.57
N ASP E 199 24.46 3.34 3.46
CA ASP E 199 23.11 3.70 3.03
C ASP E 199 22.27 2.46 2.82
N ILE E 200 22.84 1.47 2.11
CA ILE E 200 22.12 0.22 1.85
C ILE E 200 21.78 -0.49 3.16
N LYS E 201 22.64 -0.41 4.18
CA LYS E 201 22.31 -1.01 5.48
C LYS E 201 21.40 -0.13 6.34
N GLY E 202 20.81 0.91 5.74
CA GLY E 202 19.90 1.76 6.48
C GLY E 202 20.56 2.71 7.43
N GLU E 203 21.83 3.04 7.19
CA GLU E 203 22.51 4.02 8.03
C GLU E 203 23.10 5.05 7.07
N SER E 204 22.35 6.11 6.83
CA SER E 204 22.93 7.19 6.06
C SER E 204 24.02 7.87 6.87
N LEU E 205 25.17 8.14 6.22
CA LEU E 205 26.18 8.97 6.88
C LEU E 205 25.98 10.45 6.63
N PHE E 206 25.03 10.81 5.76
CA PHE E 206 24.70 12.20 5.51
C PHE E 206 23.88 12.75 6.67
N GLN E 207 23.80 14.06 6.76
CA GLN E 207 22.89 14.72 7.69
C GLN E 207 21.88 15.48 6.87
N GLY E 208 20.59 15.14 7.04
CA GLY E 208 19.52 15.89 6.40
C GLY E 208 19.21 15.50 4.98
N ARG E 209 19.62 14.30 4.54
CA ARG E 209 19.37 13.88 3.17
C ARG E 209 18.51 12.62 3.12
N GLY E 210 17.90 12.25 4.22
CA GLY E 210 17.08 11.02 4.19
C GLY E 210 17.92 9.79 3.83
N GLY E 211 17.23 8.73 3.38
CA GLY E 211 17.89 7.50 2.97
C GLY E 211 18.27 7.52 1.50
N LEU E 212 18.98 6.47 1.06
CA LEU E 212 19.23 6.34 -0.37
C LEU E 212 17.90 6.21 -1.14
N ASP E 213 16.98 5.39 -0.63
CA ASP E 213 15.61 5.35 -1.13
C ASP E 213 15.59 4.96 -2.61
N LEU E 214 16.43 3.97 -3.00
CA LEU E 214 16.59 3.61 -4.40
C LEU E 214 15.26 3.27 -5.07
N ARG E 215 14.99 3.90 -6.21
CA ARG E 215 13.80 3.66 -7.00
C ARG E 215 14.20 3.57 -8.46
N VAL E 216 13.58 2.70 -9.22
CA VAL E 216 13.87 2.62 -10.65
C VAL E 216 12.52 2.71 -11.32
N ARG E 217 12.17 3.92 -11.78
CA ARG E 217 10.88 4.37 -12.30
C ARG E 217 10.04 4.93 -11.15
N GLY E 218 10.68 5.59 -10.17
CA GLY E 218 9.97 6.01 -8.96
C GLY E 218 9.52 4.88 -8.05
N GLU E 219 9.54 3.61 -8.56
CA GLU E 219 9.18 2.41 -7.80
C GLU E 219 10.31 1.93 -6.90
N PRO E 220 10.07 1.83 -5.59
CA PRO E 220 11.15 1.51 -4.65
C PRO E 220 11.62 0.07 -4.76
N LEU E 221 12.92 -0.10 -4.60
CA LEU E 221 13.54 -1.42 -4.55
C LEU E 221 13.98 -1.71 -3.11
N GLN E 222 13.81 -2.93 -2.67
CA GLN E 222 14.26 -3.37 -1.35
C GLN E 222 15.47 -4.28 -1.55
N VAL E 223 16.65 -3.84 -1.12
CA VAL E 223 17.84 -4.66 -1.25
C VAL E 223 17.84 -5.70 -0.14
N GLU E 224 18.01 -6.97 -0.51
CA GLU E 224 18.04 -8.05 0.47
C GLU E 224 19.45 -8.54 0.77
N ARG E 225 20.41 -8.33 -0.11
CA ARG E 225 21.71 -8.98 0.07
C ARG E 225 22.74 -8.12 -0.65
N THR E 226 23.84 -7.80 0.04
CA THR E 226 24.89 -6.94 -0.50
C THR E 226 26.22 -7.64 -0.38
N LEU E 227 26.99 -7.65 -1.50
CA LEU E 227 28.36 -8.15 -1.55
C LEU E 227 29.23 -7.11 -2.20
N ILE E 228 30.42 -6.88 -1.64
CA ILE E 228 31.31 -5.84 -2.16
C ILE E 228 32.70 -6.42 -2.27
N TYR E 229 33.29 -6.29 -3.45
CA TYR E 229 34.57 -6.90 -3.76
C TYR E 229 35.54 -5.80 -4.13
N TYR E 230 36.76 -5.90 -3.62
CA TYR E 230 37.75 -4.83 -3.78
C TYR E 230 38.95 -5.41 -4.52
N LEU E 231 39.34 -4.77 -5.62
CA LEU E 231 40.49 -5.19 -6.39
C LEU E 231 41.58 -4.12 -6.31
N ASP E 232 42.77 -4.54 -5.89
CA ASP E 232 43.90 -3.64 -5.63
C ASP E 232 44.85 -3.58 -6.81
N GLU E 233 45.68 -2.53 -6.82
CA GLU E 233 46.59 -2.33 -7.94
C GLU E 233 47.70 -3.37 -7.98
N ILE E 234 48.02 -3.98 -6.84
CA ILE E 234 48.88 -5.17 -6.83
C ILE E 234 48.14 -6.24 -6.04
N PRO E 235 48.32 -7.52 -6.37
CA PRO E 235 47.53 -8.55 -5.71
C PRO E 235 47.88 -8.63 -4.23
N PRO E 236 46.95 -9.11 -3.41
CA PRO E 236 47.25 -9.30 -1.98
C PRO E 236 48.26 -10.42 -1.76
N LYS E 237 48.96 -10.32 -0.63
CA LYS E 237 50.12 -11.15 -0.31
C LYS E 237 49.79 -12.03 0.89
N PHE E 238 48.97 -13.06 0.66
CA PHE E 238 48.77 -14.12 1.64
C PHE E 238 49.62 -15.35 1.27
N ASP F 2 1.84 -33.17 -6.63
CA ASP F 2 1.73 -34.49 -7.25
C ASP F 2 3.08 -35.17 -7.36
N ASN F 3 4.14 -34.39 -7.25
CA ASN F 3 5.50 -34.91 -7.34
C ASN F 3 6.18 -34.87 -5.98
N CYS F 4 7.39 -35.43 -5.97
CA CYS F 4 8.23 -35.39 -4.78
C CYS F 4 8.78 -33.99 -4.58
N THR F 5 8.71 -33.51 -3.34
CA THR F 5 9.43 -32.32 -2.90
C THR F 5 10.14 -32.62 -1.60
N CYS F 6 11.01 -31.68 -1.22
CA CYS F 6 11.82 -31.78 -0.01
C CYS F 6 11.60 -30.50 0.78
N PRO F 7 10.60 -30.47 1.67
CA PRO F 7 10.22 -29.16 2.24
C PRO F 7 11.33 -28.48 2.98
N THR F 8 12.21 -29.22 3.62
CA THR F 8 13.25 -28.58 4.39
C THR F 8 14.53 -28.31 3.59
N ASN F 9 14.56 -28.60 2.29
CA ASN F 9 15.82 -28.43 1.55
C ASN F 9 15.51 -28.37 0.06
N LYS F 10 15.45 -27.16 -0.49
CA LYS F 10 15.22 -27.02 -1.93
C LYS F 10 16.46 -27.33 -2.76
N MET F 11 17.63 -27.48 -2.12
CA MET F 11 18.88 -27.72 -2.83
C MET F 11 19.05 -29.21 -3.04
N THR F 12 18.01 -29.80 -3.63
CA THR F 12 17.88 -31.25 -3.77
C THR F 12 17.33 -31.57 -5.15
N VAL F 13 17.48 -32.83 -5.55
CA VAL F 13 16.73 -33.38 -6.67
C VAL F 13 15.93 -34.57 -6.12
N CYS F 14 14.63 -34.58 -6.39
CA CYS F 14 13.74 -35.58 -5.81
C CYS F 14 13.13 -36.42 -6.91
N SER F 15 13.04 -37.73 -6.67
CA SER F 15 12.44 -38.70 -7.57
C SER F 15 11.74 -39.77 -6.76
N PRO F 16 10.62 -40.31 -7.27
CA PRO F 16 9.94 -41.43 -6.57
C PRO F 16 10.69 -42.74 -6.80
N ASP F 17 11.72 -42.98 -5.99
CA ASP F 17 12.63 -44.10 -6.22
C ASP F 17 12.70 -45.11 -5.08
N GLY F 18 12.23 -44.79 -3.89
CA GLY F 18 12.29 -45.72 -2.79
C GLY F 18 11.28 -46.85 -2.89
N PRO F 19 11.16 -47.62 -1.79
CA PRO F 19 10.25 -48.77 -1.72
C PRO F 19 8.80 -48.35 -1.95
N ARG F 22 8.27 -44.42 -3.37
CA ARG F 22 8.67 -43.58 -2.25
C ARG F 22 9.63 -42.48 -2.70
N CYS F 23 9.31 -41.25 -2.31
CA CYS F 23 10.11 -40.11 -2.69
C CYS F 23 11.50 -40.19 -2.05
N GLN F 24 12.52 -39.97 -2.87
CA GLN F 24 13.88 -39.88 -2.39
C GLN F 24 14.47 -38.57 -2.91
N CYS F 25 15.03 -37.78 -2.00
CA CYS F 25 15.60 -36.48 -2.35
C CYS F 25 17.08 -36.50 -2.02
N ARG F 26 17.90 -36.14 -3.01
CA ARG F 26 19.34 -36.20 -2.92
C ARG F 26 19.89 -34.78 -2.95
N ALA F 27 20.90 -34.51 -2.13
CA ALA F 27 21.45 -33.16 -2.00
C ALA F 27 22.27 -32.81 -3.22
N LEU F 28 22.04 -31.61 -3.78
CA LEU F 28 22.86 -31.14 -4.88
C LEU F 28 24.32 -31.06 -4.43
N GLY F 29 25.24 -31.41 -5.32
CA GLY F 29 26.65 -31.24 -5.05
C GLY F 29 27.28 -32.29 -4.14
N SER F 30 26.51 -33.27 -3.67
CA SER F 30 27.10 -34.37 -2.90
C SER F 30 26.37 -35.66 -3.26
N GLY F 31 25.06 -35.55 -3.51
CA GLY F 31 24.24 -36.69 -3.82
C GLY F 31 23.72 -37.43 -2.61
N MET F 32 24.09 -37.00 -1.41
CA MET F 32 23.63 -37.65 -0.19
C MET F 32 22.10 -37.58 -0.10
N ALA F 33 21.48 -38.67 0.33
CA ALA F 33 20.05 -38.63 0.60
C ALA F 33 19.78 -37.67 1.75
N VAL F 34 18.66 -36.96 1.66
CA VAL F 34 18.32 -35.90 2.59
C VAL F 34 17.06 -36.29 3.34
N ASP F 35 17.04 -36.08 4.66
CA ASP F 35 15.82 -36.21 5.46
C ASP F 35 15.01 -34.93 5.28
N CYS F 36 13.87 -35.03 4.57
CA CYS F 36 13.13 -33.82 4.22
C CYS F 36 12.14 -33.40 5.27
N SER F 37 12.21 -33.99 6.46
CA SER F 37 11.36 -33.61 7.57
C SER F 37 12.13 -32.82 8.62
N THR F 38 13.40 -32.51 8.39
CA THR F 38 14.15 -31.74 9.38
C THR F 38 15.19 -30.91 8.65
N LEU F 39 15.82 -29.97 9.36
CA LEU F 39 16.77 -29.10 8.67
C LEU F 39 17.98 -29.91 8.23
N THR F 40 18.54 -29.53 7.09
CA THR F 40 19.79 -30.11 6.60
C THR F 40 20.97 -29.42 7.24
N SER F 41 22.07 -30.13 7.41
CA SER F 41 23.23 -29.55 8.07
C SER F 41 23.80 -28.40 7.25
N LYS F 42 24.30 -27.38 7.94
CA LYS F 42 24.89 -26.25 7.25
C LYS F 42 26.03 -26.69 6.33
N CYS F 43 26.82 -27.67 6.77
CA CYS F 43 27.94 -28.12 5.95
C CYS F 43 27.46 -28.59 4.57
N LEU F 44 26.44 -29.47 4.54
CA LEU F 44 25.94 -29.96 3.26
C LEU F 44 25.29 -28.85 2.45
N LEU F 45 24.65 -27.89 3.10
CA LEU F 45 24.04 -26.79 2.36
C LEU F 45 25.10 -25.89 1.73
N LEU F 46 26.22 -25.71 2.41
CA LEU F 46 27.32 -24.96 1.82
C LEU F 46 27.90 -25.69 0.61
N LYS F 47 28.00 -27.03 0.67
CA LYS F 47 28.48 -27.78 -0.49
C LYS F 47 27.53 -27.65 -1.67
N ALA F 48 26.22 -27.67 -1.40
CA ALA F 48 25.23 -27.41 -2.45
C ALA F 48 25.43 -26.04 -3.06
N ARG F 49 25.50 -25.01 -2.21
CA ARG F 49 25.65 -23.65 -2.69
C ARG F 49 26.89 -23.50 -3.57
N MET F 50 27.99 -24.13 -3.18
CA MET F 50 29.24 -24.02 -3.91
C MET F 50 29.28 -24.85 -5.17
N SER F 51 28.36 -25.79 -5.35
CA SER F 51 28.37 -26.65 -6.54
C SER F 51 27.44 -26.14 -7.64
N ALA F 52 26.64 -25.12 -7.39
CA ALA F 52 25.72 -24.59 -8.39
C ALA F 52 26.47 -23.84 -9.49
N ALA F 56 25.81 -17.13 -15.35
CA ALA F 56 25.95 -15.78 -14.82
C ALA F 56 25.43 -14.73 -15.82
N ARG F 57 25.30 -15.09 -17.10
CA ARG F 57 24.71 -14.22 -18.12
C ARG F 57 25.53 -12.92 -18.17
N THR F 58 24.94 -11.74 -17.92
CA THR F 58 25.74 -10.52 -17.97
C THR F 58 26.29 -10.12 -16.60
N LEU F 59 26.01 -10.89 -15.55
CA LEU F 59 26.65 -10.65 -14.26
C LEU F 59 28.12 -11.03 -14.31
N VAL F 60 29.01 -10.15 -13.84
CA VAL F 60 30.45 -10.41 -13.83
C VAL F 60 30.82 -11.18 -12.58
N ARG F 61 31.88 -11.96 -12.69
CA ARG F 61 32.41 -12.64 -11.52
C ARG F 61 33.55 -11.84 -10.92
N PRO F 62 33.69 -11.80 -9.61
CA PRO F 62 34.83 -11.08 -9.03
C PRO F 62 36.15 -11.74 -9.39
N SER F 63 37.19 -10.91 -9.49
CA SER F 63 38.53 -11.43 -9.76
C SER F 63 38.94 -12.42 -8.68
N GLU F 64 39.73 -13.43 -9.06
CA GLU F 64 40.28 -14.34 -8.06
C GLU F 64 41.17 -13.58 -7.06
N HIS F 65 41.60 -12.38 -7.41
CA HIS F 65 42.45 -11.56 -6.54
C HIS F 65 41.66 -10.52 -5.75
N ALA F 66 40.34 -10.48 -5.91
CA ALA F 66 39.54 -9.51 -5.19
C ALA F 66 39.52 -9.85 -3.70
N LEU F 67 39.46 -8.81 -2.88
CA LEU F 67 39.31 -8.96 -1.44
C LEU F 67 37.85 -8.73 -1.05
N VAL F 68 37.47 -9.28 0.09
CA VAL F 68 36.16 -9.06 0.68
C VAL F 68 36.34 -8.74 2.16
N ASP F 69 35.27 -8.22 2.76
CA ASP F 69 35.27 -7.89 4.18
C ASP F 69 34.77 -9.05 5.04
N ASN F 70 35.09 -10.28 4.64
CA ASN F 70 34.76 -11.47 5.41
C ASN F 70 35.86 -12.51 5.20
N ASP F 71 35.67 -13.69 5.79
CA ASP F 71 36.68 -14.75 5.82
C ASP F 71 36.79 -15.51 4.50
N GLY F 72 35.83 -15.37 3.59
CA GLY F 72 35.87 -16.06 2.33
C GLY F 72 35.00 -17.30 2.31
N LEU F 73 34.25 -17.51 1.24
CA LEU F 73 33.39 -18.68 1.11
C LEU F 73 34.19 -19.86 0.55
N TYR F 74 33.84 -21.06 1.01
CA TYR F 74 34.56 -22.25 0.58
C TYR F 74 33.61 -23.43 0.56
N ASP F 75 34.02 -24.45 -0.17
CA ASP F 75 33.31 -25.72 -0.31
C ASP F 75 33.84 -26.69 0.74
N PRO F 76 33.13 -26.89 1.84
CA PRO F 76 33.69 -27.60 3.00
C PRO F 76 33.66 -29.10 2.82
N ASP F 77 34.41 -29.78 3.70
CA ASP F 77 34.42 -31.23 3.79
C ASP F 77 33.48 -31.64 4.91
N CYS F 78 32.54 -32.52 4.61
CA CYS F 78 31.59 -32.95 5.62
C CYS F 78 31.80 -34.42 5.91
N ASP F 79 31.41 -34.83 7.11
CA ASP F 79 31.56 -36.21 7.50
C ASP F 79 30.34 -37.02 7.03
N PRO F 80 30.27 -38.34 7.24
CA PRO F 80 29.15 -39.10 6.68
C PRO F 80 27.82 -38.79 7.34
N GLU F 81 27.81 -38.10 8.49
CA GLU F 81 26.58 -37.62 9.10
C GLU F 81 26.23 -36.19 8.69
N GLY F 82 27.01 -35.61 7.78
CA GLY F 82 26.74 -34.26 7.28
C GLY F 82 27.29 -33.13 8.12
N ARG F 83 27.97 -33.42 9.23
CA ARG F 83 28.63 -32.39 10.02
C ARG F 83 29.90 -31.90 9.31
N PHE F 84 30.32 -30.68 9.66
CA PHE F 84 31.65 -30.25 9.22
C PHE F 84 32.68 -31.23 9.76
N LYS F 85 33.62 -31.60 8.91
CA LYS F 85 34.82 -32.22 9.45
C LYS F 85 35.59 -31.17 10.23
N ALA F 86 36.19 -31.60 11.34
CA ALA F 86 36.82 -30.64 12.25
C ALA F 86 37.93 -29.84 11.56
N ARG F 87 38.68 -30.46 10.65
CA ARG F 87 39.73 -29.79 9.91
C ARG F 87 39.25 -29.46 8.49
N GLN F 88 39.49 -28.22 8.06
CA GLN F 88 39.22 -27.79 6.71
C GLN F 88 40.53 -27.32 6.07
N CYS F 89 40.65 -27.51 4.76
CA CYS F 89 41.89 -27.16 4.04
C CYS F 89 41.61 -26.70 2.62
N SER F 93 46.86 -27.54 1.40
CA SER F 93 47.84 -26.46 1.51
C SER F 93 47.74 -25.78 2.89
N VAL F 94 46.79 -24.84 3.01
CA VAL F 94 46.55 -24.13 4.25
C VAL F 94 45.36 -24.78 4.94
N CYS F 95 45.55 -25.14 6.23
CA CYS F 95 44.59 -25.92 6.99
C CYS F 95 44.24 -25.20 8.28
N TRP F 96 43.07 -25.52 8.84
CA TRP F 96 42.62 -24.92 10.07
C TRP F 96 41.49 -25.75 10.67
N CYS F 97 41.19 -25.52 11.94
CA CYS F 97 40.07 -26.18 12.60
C CYS F 97 38.84 -25.28 12.59
N VAL F 98 37.68 -25.90 12.48
CA VAL F 98 36.41 -25.18 12.44
C VAL F 98 35.48 -25.72 13.52
N ASN F 99 34.53 -24.89 13.93
CA ASN F 99 33.53 -25.32 14.89
C ASN F 99 32.34 -25.90 14.14
N SER F 100 31.27 -26.22 14.87
CA SER F 100 30.13 -26.90 14.26
C SER F 100 29.35 -26.02 13.27
N VAL F 101 29.53 -24.71 13.27
CA VAL F 101 28.95 -23.89 12.21
C VAL F 101 29.96 -23.58 11.12
N GLY F 102 31.11 -24.27 11.12
CA GLY F 102 32.08 -24.15 10.05
C GLY F 102 32.96 -22.91 10.09
N VAL F 103 32.98 -22.18 11.21
CA VAL F 103 33.78 -20.97 11.34
C VAL F 103 35.15 -21.36 11.87
N ARG F 104 36.18 -20.70 11.35
CA ARG F 104 37.55 -21.00 11.77
C ARG F 104 37.77 -20.52 13.20
N ARG F 105 38.30 -21.41 14.04
CA ARG F 105 38.58 -21.08 15.44
C ARG F 105 40.05 -21.18 15.82
N THR F 106 40.92 -21.55 14.89
CA THR F 106 42.37 -21.52 15.12
C THR F 106 43.01 -20.68 14.02
N ASP F 107 44.33 -20.56 14.07
CA ASP F 107 45.04 -19.97 12.95
C ASP F 107 45.36 -21.04 11.91
N LYS F 108 45.65 -20.58 10.69
CA LYS F 108 46.01 -21.48 9.62
C LYS F 108 47.47 -21.88 9.70
N CYS F 115 43.43 -31.28 14.50
CA CYS F 115 42.11 -30.91 15.02
C CYS F 115 41.46 -32.09 15.76
N ASP F 116 41.54 -32.04 17.09
CA ASP F 116 41.21 -33.21 17.91
C ASP F 116 39.71 -33.51 17.90
N GLU F 117 38.88 -32.48 17.89
CA GLU F 117 37.45 -32.66 18.00
C GLU F 117 36.74 -31.57 17.21
N LEU F 118 35.45 -31.78 16.96
CA LEU F 118 34.60 -30.73 16.42
C LEU F 118 33.93 -30.03 17.59
N VAL F 119 34.42 -28.85 17.92
CA VAL F 119 33.88 -28.09 19.05
C VAL F 119 32.52 -27.51 18.66
N ARG F 120 31.51 -27.70 19.52
CA ARG F 120 30.18 -27.21 19.19
C ARG F 120 30.04 -25.74 19.54
N THR F 121 29.38 -25.01 18.66
CA THR F 121 28.87 -23.69 18.98
C THR F 121 27.61 -23.87 19.81
N HIS F 122 27.62 -23.38 21.05
CA HIS F 122 26.47 -23.59 21.92
C HIS F 122 25.69 -22.32 22.19
N HIS F 123 26.15 -21.16 21.73
CA HIS F 123 25.36 -19.95 21.91
C HIS F 123 25.55 -19.11 20.65
N ILE F 124 24.45 -18.61 20.11
CA ILE F 124 24.48 -17.74 18.94
C ILE F 124 23.70 -16.46 19.25
N LEU F 125 24.30 -15.32 18.95
CA LEU F 125 23.62 -14.02 19.07
C LEU F 125 23.34 -13.53 17.66
N ILE F 126 22.06 -13.32 17.37
CA ILE F 126 21.59 -12.77 16.09
C ILE F 126 21.09 -11.36 16.36
N ASP F 127 21.70 -10.37 15.69
CA ASP F 127 21.39 -8.95 15.89
C ASP F 127 20.85 -8.42 14.57
N LEU F 128 19.59 -8.00 14.57
CA LEU F 128 18.94 -7.48 13.38
C LEU F 128 18.58 -6.02 13.61
N ARG F 129 18.76 -5.19 12.58
CA ARG F 129 18.17 -3.85 12.66
C ARG F 129 17.08 -3.76 11.60
N HIS F 130 15.88 -3.34 12.02
CA HIS F 130 14.75 -3.22 11.09
C HIS F 130 14.59 -1.77 10.66
N ARG F 131 13.97 -1.63 9.49
CA ARG F 131 13.66 -0.32 8.99
C ARG F 131 12.60 0.30 9.89
N PRO F 132 12.74 1.57 10.27
CA PRO F 132 11.70 2.21 11.09
C PRO F 132 10.35 2.19 10.38
N THR F 133 9.28 1.95 11.12
CA THR F 133 8.00 1.63 10.50
C THR F 133 6.87 2.22 11.34
N ALA F 134 5.74 2.51 10.70
CA ALA F 134 4.66 3.18 11.41
C ALA F 134 3.91 2.24 12.34
N GLY F 135 3.90 0.96 12.02
CA GLY F 135 3.13 0.01 12.83
C GLY F 135 3.84 -0.22 14.15
N ALA F 136 3.10 -0.08 15.25
CA ALA F 136 3.66 -0.22 16.57
C ALA F 136 3.77 -1.70 16.94
N PHE F 137 4.80 -1.99 17.73
CA PHE F 137 4.92 -3.29 18.38
C PHE F 137 5.95 -3.12 19.48
N ASN F 138 5.94 -4.07 20.40
CA ASN F 138 6.92 -3.96 21.47
C ASN F 138 7.60 -5.30 21.69
N HIS F 139 8.40 -5.38 22.74
CA HIS F 139 9.14 -6.62 23.02
C HIS F 139 8.21 -7.84 23.12
N SER F 140 7.07 -7.70 23.81
CA SER F 140 6.17 -8.83 23.96
C SER F 140 5.77 -9.41 22.60
N ASP F 141 5.41 -8.52 21.67
CA ASP F 141 4.99 -8.95 20.34
C ASP F 141 6.12 -9.65 19.62
N LEU F 142 7.34 -9.08 19.70
CA LEU F 142 8.50 -9.62 18.99
C LEU F 142 8.90 -10.96 19.56
N ASP F 143 8.93 -11.05 20.88
CA ASP F 143 9.29 -12.27 21.56
C ASP F 143 8.35 -13.39 21.12
N ALA F 144 7.04 -13.11 21.14
CA ALA F 144 6.09 -14.17 20.80
C ALA F 144 6.24 -14.58 19.34
N GLU F 145 6.41 -13.60 18.46
CA GLU F 145 6.44 -13.92 17.05
C GLU F 145 7.73 -14.63 16.68
N LEU F 146 8.87 -14.17 17.18
CA LEU F 146 10.10 -14.81 16.77
C LEU F 146 10.16 -16.22 17.31
N ARG F 147 9.64 -16.43 18.52
CA ARG F 147 9.60 -17.78 19.06
C ARG F 147 8.68 -18.69 18.24
N ARG F 148 7.52 -18.17 17.80
CA ARG F 148 6.66 -18.93 16.89
C ARG F 148 7.40 -19.32 15.62
N LEU F 149 8.11 -18.37 15.00
CA LEU F 149 8.80 -18.65 13.75
C LEU F 149 9.93 -19.64 13.96
N PHE F 150 10.66 -19.51 15.07
CA PHE F 150 11.75 -20.47 15.22
C PHE F 150 11.24 -21.88 15.42
N ARG F 151 10.09 -22.06 16.06
CA ARG F 151 9.56 -23.41 16.19
C ARG F 151 8.92 -23.88 14.89
N GLU F 152 8.10 -23.04 14.27
CA GLU F 152 7.35 -23.50 13.11
C GLU F 152 8.19 -23.56 11.85
N ARG F 153 8.92 -22.48 11.53
CA ARG F 153 9.65 -22.44 10.27
C ARG F 153 10.94 -23.22 10.41
N TYR F 154 11.70 -22.95 11.48
CA TYR F 154 13.04 -23.55 11.58
C TYR F 154 13.07 -24.83 12.39
N ARG F 155 11.91 -25.29 12.88
CA ARG F 155 11.78 -26.60 13.53
C ARG F 155 12.70 -26.74 14.74
N LEU F 156 13.01 -25.60 15.37
CA LEU F 156 13.86 -25.59 16.56
C LEU F 156 13.00 -25.73 17.80
N HIS F 157 13.38 -26.62 18.72
CA HIS F 157 12.55 -26.77 19.89
CA HIS F 157 12.62 -26.81 19.96
C HIS F 157 12.53 -25.49 20.71
N PRO F 158 11.39 -25.18 21.35
CA PRO F 158 11.24 -23.88 22.03
C PRO F 158 12.30 -23.59 23.07
N LYS F 159 12.83 -24.60 23.75
CA LYS F 159 13.77 -24.31 24.83
C LYS F 159 15.09 -23.74 24.31
N PHE F 160 15.36 -23.82 23.02
CA PHE F 160 16.68 -23.39 22.54
C PHE F 160 16.70 -21.94 22.10
N VAL F 161 15.56 -21.24 22.12
CA VAL F 161 15.57 -19.78 22.07
C VAL F 161 15.71 -19.31 23.51
N ALA F 162 16.85 -18.71 23.83
CA ALA F 162 17.11 -18.32 25.22
C ALA F 162 16.55 -16.96 25.56
N ALA F 163 16.50 -16.06 24.60
CA ALA F 163 16.11 -14.69 24.90
C ALA F 163 15.86 -13.92 23.62
N VAL F 164 14.98 -12.93 23.70
CA VAL F 164 14.79 -11.96 22.65
C VAL F 164 14.92 -10.58 23.30
N HIS F 165 15.63 -9.65 22.63
CA HIS F 165 15.82 -8.30 23.15
C HIS F 165 15.40 -7.30 22.10
N TYR F 166 14.92 -6.15 22.53
CA TYR F 166 14.46 -5.14 21.58
C TYR F 166 14.76 -3.74 22.10
N GLU F 167 15.56 -2.99 21.33
CA GLU F 167 15.70 -1.55 21.57
C GLU F 167 15.56 -0.93 20.19
N GLN F 168 14.38 -0.41 19.87
CA GLN F 168 14.05 0.06 18.52
C GLN F 168 15.21 0.84 17.91
N PRO F 169 15.65 0.49 16.69
CA PRO F 169 15.11 -0.54 15.80
C PRO F 169 15.92 -1.84 15.80
N THR F 170 16.61 -2.17 16.87
CA THR F 170 17.44 -3.38 16.92
C THR F 170 16.73 -4.50 17.63
N ILE F 171 16.72 -5.66 17.00
CA ILE F 171 16.17 -6.90 17.53
C ILE F 171 17.34 -7.83 17.78
N GLN F 172 17.37 -8.48 18.93
CA GLN F 172 18.34 -9.56 19.13
C GLN F 172 17.64 -10.85 19.49
N ILE F 173 18.17 -11.96 19.00
CA ILE F 173 17.70 -13.29 19.41
C ILE F 173 18.94 -14.03 19.89
N GLU F 174 18.86 -14.59 21.11
CA GLU F 174 19.91 -15.45 21.61
C GLU F 174 19.42 -16.87 21.52
N LEU F 175 20.20 -17.71 20.83
CA LEU F 175 19.98 -19.16 20.81
C LEU F 175 21.03 -19.84 21.67
N ARG F 176 20.59 -20.86 22.44
CA ARG F 176 21.46 -21.54 23.39
C ARG F 176 21.15 -23.03 23.36
N GLN F 177 22.18 -23.84 23.16
CA GLN F 177 21.96 -25.29 23.04
C GLN F 177 23.26 -26.00 23.41
N GLN F 178 23.35 -26.39 24.67
CA GLN F 178 24.49 -27.13 25.18
C GLN F 178 24.46 -28.56 24.67
N THR F 179 25.65 -29.16 24.55
CA THR F 179 25.75 -30.52 24.03
C THR F 179 24.88 -31.47 24.84
N SER F 180 24.88 -31.33 26.16
CA SER F 180 24.12 -32.25 27.01
C SER F 180 22.62 -32.09 26.85
N GLN F 181 22.15 -30.92 26.40
CA GLN F 181 20.73 -30.62 26.30
C GLN F 181 20.15 -30.89 24.92
N LYS F 182 21.00 -31.23 23.95
CA LYS F 182 20.56 -31.50 22.58
C LYS F 182 20.28 -32.99 22.46
N ALA F 183 19.01 -33.34 22.26
CA ALA F 183 18.60 -34.73 22.11
C ALA F 183 18.93 -35.23 20.71
N ALA F 184 19.11 -36.54 20.60
CA ALA F 184 19.23 -37.17 19.27
C ALA F 184 18.07 -36.74 18.38
N GLY F 185 18.40 -36.22 17.20
CA GLY F 185 17.39 -35.74 16.29
C GLY F 185 16.97 -34.29 16.41
N ASP F 186 17.32 -33.60 17.51
CA ASP F 186 16.99 -32.18 17.63
C ASP F 186 17.68 -31.39 16.52
N VAL F 187 16.97 -30.41 15.98
CA VAL F 187 17.60 -29.43 15.10
C VAL F 187 18.65 -28.67 15.90
N ASP F 188 19.82 -28.48 15.28
CA ASP F 188 20.90 -27.69 15.90
C ASP F 188 20.68 -26.18 15.73
N ILE F 189 21.02 -25.42 16.78
CA ILE F 189 20.88 -23.96 16.66
C ILE F 189 21.71 -23.40 15.52
N GLY F 190 22.83 -24.05 15.18
CA GLY F 190 23.68 -23.56 14.11
C GLY F 190 23.04 -23.69 12.75
N ASP F 191 22.25 -24.76 12.54
CA ASP F 191 21.53 -24.92 11.29
C ASP F 191 20.32 -24.00 11.24
N ALA F 192 19.59 -23.87 12.36
CA ALA F 192 18.50 -22.92 12.41
C ALA F 192 19.00 -21.52 12.13
N ALA F 193 20.13 -21.14 12.71
CA ALA F 193 20.64 -19.79 12.46
C ALA F 193 20.99 -19.60 10.99
N TYR F 194 21.57 -20.62 10.35
CA TYR F 194 21.93 -20.49 8.92
C TYR F 194 20.68 -20.36 8.05
N TYR F 195 19.68 -21.20 8.28
CA TYR F 195 18.45 -21.06 7.52
C TYR F 195 17.83 -19.68 7.73
N PHE F 196 17.87 -19.18 8.96
CA PHE F 196 17.31 -17.85 9.24
C PHE F 196 18.11 -16.78 8.52
N GLU F 197 19.43 -16.88 8.59
CA GLU F 197 20.31 -15.89 7.94
C GLU F 197 20.01 -15.83 6.45
N ARG F 198 19.89 -16.99 5.80
CA ARG F 198 19.63 -17.00 4.37
C ARG F 198 18.23 -16.46 4.07
N ASP F 199 17.23 -16.82 4.87
CA ASP F 199 15.89 -16.27 4.71
C ASP F 199 15.91 -14.75 4.79
N ILE F 200 16.63 -14.21 5.77
CA ILE F 200 16.71 -12.74 5.89
C ILE F 200 17.32 -12.10 4.65
N LYS F 201 18.26 -12.78 4.03
CA LYS F 201 18.89 -12.31 2.80
C LYS F 201 18.07 -12.67 1.56
N GLY F 202 16.81 -13.11 1.75
CA GLY F 202 15.92 -13.32 0.64
C GLY F 202 16.13 -14.62 -0.08
N GLU F 203 16.76 -15.59 0.57
CA GLU F 203 16.98 -16.90 -0.03
C GLU F 203 16.40 -17.92 0.94
N SER F 204 15.18 -18.35 0.69
CA SER F 204 14.67 -19.44 1.49
C SER F 204 15.36 -20.75 1.06
N LEU F 205 15.80 -21.54 2.05
CA LEU F 205 16.34 -22.87 1.73
C LEU F 205 15.26 -23.93 1.72
N PHE F 206 14.03 -23.54 2.05
CA PHE F 206 12.90 -24.47 2.04
C PHE F 206 12.35 -24.64 0.65
N GLN F 207 11.55 -25.71 0.47
CA GLN F 207 10.83 -25.90 -0.78
C GLN F 207 9.34 -25.82 -0.45
N GLY F 208 8.65 -24.84 -1.02
CA GLY F 208 7.20 -24.80 -0.86
C GLY F 208 6.71 -24.04 0.34
N ARG F 209 7.58 -23.24 0.98
CA ARG F 209 7.21 -22.51 2.19
C ARG F 209 7.32 -21.01 2.02
N GLY F 210 7.50 -20.53 0.80
CA GLY F 210 7.60 -19.06 0.58
C GLY F 210 8.76 -18.49 1.36
N GLY F 211 8.64 -17.19 1.66
CA GLY F 211 9.70 -16.48 2.36
C GLY F 211 9.45 -16.47 3.87
N LEU F 212 10.45 -15.98 4.63
CA LEU F 212 10.22 -15.74 6.05
C LEU F 212 9.06 -14.77 6.26
N ASP F 213 9.08 -13.64 5.53
CA ASP F 213 7.92 -12.73 5.48
C ASP F 213 7.60 -12.19 6.87
N LEU F 214 8.65 -11.83 7.61
CA LEU F 214 8.50 -11.45 9.01
C LEU F 214 7.48 -10.32 9.19
N ARG F 215 6.51 -10.53 10.08
CA ARG F 215 5.49 -9.53 10.40
C ARG F 215 5.31 -9.52 11.90
N VAL F 216 5.14 -8.36 12.50
CA VAL F 216 5.08 -8.30 13.96
C VAL F 216 3.92 -7.43 14.38
N ARG F 217 3.04 -7.97 15.22
CA ARG F 217 1.75 -7.37 15.55
C ARG F 217 1.11 -6.91 14.25
N GLY F 218 1.15 -7.75 13.22
CA GLY F 218 0.54 -7.40 11.97
C GLY F 218 1.39 -6.52 11.04
N GLU F 219 2.54 -6.02 11.48
CA GLU F 219 3.32 -5.10 10.65
C GLU F 219 4.40 -5.90 9.88
N PRO F 220 4.36 -5.96 8.53
CA PRO F 220 5.53 -6.49 7.80
C PRO F 220 6.76 -5.67 8.12
N LEU F 221 7.86 -6.37 8.42
CA LEU F 221 9.11 -5.71 8.79
C LEU F 221 10.17 -5.93 7.73
N GLN F 222 11.01 -4.92 7.53
CA GLN F 222 12.13 -5.04 6.61
C GLN F 222 13.40 -5.00 7.42
N VAL F 223 14.21 -6.05 7.32
CA VAL F 223 15.48 -6.08 8.01
C VAL F 223 16.55 -5.42 7.16
N GLU F 224 17.28 -4.47 7.72
CA GLU F 224 18.28 -3.73 6.97
C GLU F 224 19.68 -4.26 7.18
N ARG F 225 19.95 -4.91 8.32
CA ARG F 225 21.32 -5.24 8.66
C ARG F 225 21.29 -6.41 9.63
N THR F 226 22.10 -7.44 9.36
CA THR F 226 22.17 -8.66 10.16
C THR F 226 23.60 -8.88 10.63
N LEU F 227 23.77 -9.17 11.94
CA LEU F 227 25.08 -9.55 12.48
C LEU F 227 24.87 -10.81 13.30
N ILE F 228 25.80 -11.75 13.18
CA ILE F 228 25.67 -13.05 13.86
C ILE F 228 26.97 -13.38 14.56
N TYR F 229 26.88 -13.67 15.86
CA TYR F 229 28.01 -13.99 16.71
C TYR F 229 27.90 -15.42 17.23
N TYR F 230 28.97 -16.17 17.12
CA TYR F 230 29.03 -17.59 17.49
C TYR F 230 29.95 -17.79 18.68
N LEU F 231 29.48 -18.49 19.69
CA LEU F 231 30.26 -18.75 20.90
C LEU F 231 30.40 -20.26 21.08
N ASP F 232 31.64 -20.73 21.21
CA ASP F 232 31.92 -22.15 21.27
C ASP F 232 32.04 -22.63 22.72
N GLU F 233 31.78 -23.93 22.92
CA GLU F 233 31.86 -24.51 24.26
C GLU F 233 33.28 -24.52 24.78
N ILE F 234 34.26 -24.52 23.87
CA ILE F 234 35.67 -24.35 24.17
C ILE F 234 36.10 -23.07 23.45
N PRO F 235 36.86 -22.18 24.08
CA PRO F 235 37.21 -20.90 23.45
C PRO F 235 38.13 -21.10 22.25
N PRO F 236 38.13 -20.16 21.30
CA PRO F 236 39.08 -20.26 20.18
C PRO F 236 40.52 -20.23 20.68
N LYS F 237 41.40 -20.85 19.93
CA LYS F 237 42.82 -20.89 20.24
C LYS F 237 43.55 -20.13 19.13
N PHE F 238 43.65 -18.81 19.29
CA PHE F 238 44.39 -17.98 18.35
C PHE F 238 45.60 -17.33 19.02
C1 NAG G . 3.17 -4.61 24.41
C2 NAG G . 2.85 -4.37 25.88
C3 NAG G . 1.72 -5.31 26.29
C4 NAG G . 0.53 -5.24 25.32
C5 NAG G . 1.04 -5.39 23.88
C6 NAG G . -0.04 -5.34 22.82
C7 NAG G . 4.78 -3.72 27.29
C8 NAG G . 5.85 -4.25 28.24
N2 NAG G . 3.95 -4.64 26.77
O3 NAG G . 1.39 -4.98 27.61
O4 NAG G . -0.28 -6.36 25.58
O5 NAG G . 2.00 -4.39 23.66
O6 NAG G . -0.74 -4.11 22.88
O7 NAG G . 4.71 -2.54 27.01
C1 NAG G . -1.45 -5.98 26.32
C2 NAG G . -2.47 -7.10 26.13
C3 NAG G . -3.69 -6.84 27.02
C4 NAG G . -3.23 -6.71 28.47
C5 NAG G . -2.18 -5.58 28.58
C6 NAG G . -1.58 -5.44 29.97
C7 NAG G . -2.23 -8.16 23.89
C8 NAG G . -2.79 -8.17 22.49
N2 NAG G . -2.82 -7.30 24.74
O3 NAG G . -4.59 -7.90 26.86
O4 NAG G . -4.36 -6.46 29.26
O5 NAG G . -1.12 -5.81 27.69
O6 NAG G . -0.76 -6.56 30.25
O7 NAG G . -1.30 -8.91 24.19
C1 EDO H . 9.04 10.26 -6.26
O1 EDO H . 8.75 9.69 -7.54
C2 EDO H . 9.80 11.54 -6.55
O2 EDO H . 8.89 12.54 -7.00
C1 EDO I . -10.52 48.64 -5.41
O1 EDO I . -9.46 48.08 -6.16
C2 EDO I . -11.68 49.10 -6.28
O2 EDO I . -11.32 49.92 -7.40
C1 EDO J . 4.57 32.41 1.29
O1 EDO J . 5.77 32.21 0.55
C2 EDO J . 3.47 31.52 0.75
O2 EDO J . 3.18 31.88 -0.55
C1 EDO K . 4.77 21.08 -19.05
O1 EDO K . 3.71 22.01 -19.20
C2 EDO K . 5.87 21.53 -19.97
O2 EDO K . 5.33 21.76 -21.26
C1 EDO L . -1.23 29.56 -9.23
O1 EDO L . -1.96 28.34 -9.19
C2 EDO L . -2.11 30.64 -8.66
O2 EDO L . -3.00 31.11 -9.66
C1 EDO M . -38.33 -33.68 -4.07
O1 EDO M . -38.91 -34.36 -2.96
C2 EDO M . -36.95 -34.19 -4.41
O2 EDO M . -36.07 -34.25 -3.31
C1 EDO N . -1.92 -13.85 7.47
O1 EDO N . -3.33 -14.15 7.36
C2 EDO N . -1.68 -12.47 6.90
O2 EDO N . -2.05 -11.52 7.86
C1 EDO O . -14.45 -28.18 -3.16
O1 EDO O . -15.57 -28.15 -2.33
C2 EDO O . -13.97 -29.62 -3.28
O2 EDO O . -13.58 -30.05 -1.99
C1 MAN P . 8.49 -11.57 -13.53
C2 MAN P . 7.18 -11.70 -12.75
C3 MAN P . 6.21 -10.55 -13.10
C4 MAN P . 6.89 -9.19 -12.97
C5 MAN P . 8.22 -9.19 -13.78
C6 MAN P . 9.01 -7.92 -13.53
O1 MAN P . 8.29 -11.95 -14.86
O2 MAN P . 7.56 -11.69 -11.39
O3 MAN P . 5.03 -10.65 -12.30
O4 MAN P . 5.99 -8.17 -13.39
O5 MAN P . 9.04 -10.29 -13.38
O6 MAN P . 10.14 -7.94 -14.38
C1 EDO Q . -22.02 -23.08 3.06
O1 EDO Q . -23.32 -22.79 3.53
C2 EDO Q . -21.03 -22.35 3.90
O2 EDO Q . -21.10 -20.98 3.51
C1 EDO R . -15.58 -17.41 17.13
O1 EDO R . -16.43 -17.09 18.21
C2 EDO R . -16.23 -16.96 15.83
O2 EDO R . -15.74 -15.64 15.58
C1 EDO S . 5.01 -7.30 2.82
O1 EDO S . 6.13 -8.15 2.59
C2 EDO S . 5.23 -6.10 1.91
O2 EDO S . 5.06 -6.46 0.55
C1 NAG T . 14.01 0.49 -21.21
C2 NAG T . 14.19 0.72 -22.71
C3 NAG T . 13.80 2.15 -23.07
C4 NAG T . 12.41 2.48 -22.56
C5 NAG T . 12.38 2.22 -21.05
C6 NAG T . 11.07 2.57 -20.36
C7 NAG T . 16.02 -0.62 -23.74
C8 NAG T . 17.46 -0.55 -24.18
N2 NAG T . 15.54 0.53 -23.19
O3 NAG T . 13.92 2.27 -24.45
O4 NAG T . 12.16 3.83 -22.89
O5 NAG T . 12.69 0.85 -20.84
O6 NAG T . 10.02 1.72 -20.74
O7 NAG T . 15.36 -1.63 -23.86
C1 CIT U . 25.35 -15.89 -4.53
O1 CIT U . 25.62 -16.52 -5.58
O2 CIT U . 25.74 -14.73 -4.27
C2 CIT U . 24.45 -16.58 -3.49
C3 CIT U . 23.24 -15.70 -3.11
O7 CIT U . 22.24 -16.54 -2.58
C4 CIT U . 23.55 -14.56 -2.08
C5 CIT U . 24.77 -14.62 -1.11
O3 CIT U . 25.90 -15.00 -1.48
O4 CIT U . 24.56 -14.22 0.07
C6 CIT U . 22.76 -15.06 -4.46
O5 CIT U . 22.49 -13.83 -4.39
O6 CIT U . 22.65 -15.77 -5.49
C1 EDO V . 19.32 -8.33 5.42
O1 EDO V . 20.38 -8.42 6.38
C2 EDO V . 19.67 -7.33 4.34
O2 EDO V . 20.92 -7.71 3.75
C1 CIT W . 25.76 -1.24 14.78
O1 CIT W . 25.17 -0.65 15.71
O2 CIT W . 25.90 -2.49 14.65
C2 CIT W . 26.35 -0.37 13.66
C3 CIT W . 25.53 -0.35 12.35
O7 CIT W . 26.09 0.62 11.51
C4 CIT W . 25.46 -1.72 11.62
C5 CIT W . 26.74 -2.53 11.29
O3 CIT W . 27.68 -2.60 12.11
O4 CIT W . 26.73 -3.15 10.18
C6 CIT W . 24.07 0.06 12.71
O5 CIT W . 23.40 -0.78 13.37
O6 CIT W . 23.66 1.16 12.29
#